data_8E0Z
#
_entry.id   8E0Z
#
_cell.length_a   210.719
_cell.length_b   53.130
_cell.length_c   150.200
_cell.angle_alpha   90.000
_cell.angle_beta   115.460
_cell.angle_gamma   90.000
#
_symmetry.space_group_name_H-M   'C 1 2 1'
#
loop_
_entity.id
_entity.type
_entity.pdbx_description
1 polymer 'Phospho-2-dehydro-3-deoxyheptonate aldolase, Phe-sensitive'
2 non-polymer 'CHLORIDE ION'
3 water water
#
_entity_poly.entity_id   1
_entity_poly.type   'polypeptide(L)'
_entity_poly.pdbx_seq_one_letter_code
;GMNYQNDDLRIKEIKELLPPVALLEKFPATENAANTVAHARKAIHKILKGNDDRLLVVIGPCSIHDPVAAKEYATRLLAL
REELKDELEIVMRVYFEKPRTTVGWKGLINDPHMDNSFQINDGLRIARKLLLDINDSGLPAAGEFLDMITPQYLADLMSW
GAIGARTTESQVHRELASGLSCPVGFKNGTDGTIKVAIDAINAAGAPHCFLSVTKWGHSAIVNTSGNGDCHIILRGGKEP
NYSAKHVAEVKEGLNKAGLPAQVMIDFSHANSSKQFKKQMDVCADVCQQIAGGEKAIIGVMVESHLVEGNQSLESGEPLA
YGKSITDACIGWEDTDALLRQLANAVKARRG
;
_entity_poly.pdbx_strand_id   A,B,C,D
#
loop_
_chem_comp.id
_chem_comp.type
_chem_comp.name
_chem_comp.formula
CL non-polymer 'CHLORIDE ION' 'Cl -1'
#
# COMPACT_ATOMS: atom_id res chain seq x y z
N TYR A 4 2.53 7.73 -17.18
CA TYR A 4 3.88 7.48 -17.71
C TYR A 4 3.78 7.13 -19.20
N GLN A 5 4.89 7.25 -19.92
CA GLN A 5 4.88 7.01 -21.39
C GLN A 5 4.91 5.50 -21.70
N ASN A 6 4.20 5.09 -22.76
CA ASN A 6 4.23 3.67 -23.21
C ASN A 6 3.65 2.79 -22.09
N ASP A 7 2.65 3.30 -21.35
CA ASP A 7 2.12 2.59 -20.16
C ASP A 7 0.59 2.55 -20.10
N ASP A 8 -0.01 1.38 -19.84
CA ASP A 8 -1.49 1.23 -19.61
C ASP A 8 -2.35 1.48 -20.86
N LEU A 9 -1.92 1.00 -22.02
CA LEU A 9 -2.70 1.13 -23.27
C LEU A 9 -3.77 0.05 -23.29
N ARG A 10 -3.40 -1.14 -22.84
CA ARG A 10 -4.34 -2.29 -22.83
C ARG A 10 -4.93 -2.44 -21.43
N ILE A 11 -4.77 -1.43 -20.58
CA ILE A 11 -5.42 -1.41 -19.24
C ILE A 11 -6.60 -0.44 -19.32
N LYS A 12 -7.81 -0.92 -19.11
CA LYS A 12 -9.03 -0.10 -19.22
C LYS A 12 -9.39 0.53 -17.87
N GLU A 13 -9.34 -0.26 -16.80
CA GLU A 13 -9.75 0.25 -15.46
C GLU A 13 -9.05 -0.50 -14.33
N ILE A 14 -8.49 0.24 -13.38
CA ILE A 14 -7.93 -0.36 -12.16
C ILE A 14 -8.88 0.01 -11.01
N LYS A 15 -9.27 -0.96 -10.20
CA LYS A 15 -10.23 -0.72 -9.10
C LYS A 15 -9.64 -1.24 -7.80
N GLU A 16 -10.22 -0.85 -6.66
CA GLU A 16 -9.67 -1.18 -5.34
C GLU A 16 -9.98 -2.61 -4.87
N LEU A 17 -8.96 -3.31 -4.40
CA LEU A 17 -9.11 -4.70 -3.90
C LEU A 17 -8.87 -4.71 -2.40
N LEU A 18 -9.78 -5.31 -1.66
CA LEU A 18 -9.58 -5.50 -0.21
C LEU A 18 -8.30 -6.31 0.00
N PRO A 19 -7.43 -5.88 0.93
CA PRO A 19 -6.26 -6.67 1.26
C PRO A 19 -6.69 -7.95 2.00
N PRO A 20 -5.89 -9.02 1.95
CA PRO A 20 -6.21 -10.26 2.69
C PRO A 20 -6.42 -10.07 4.20
N VAL A 21 -5.68 -9.17 4.85
CA VAL A 21 -5.88 -8.86 6.29
C VAL A 21 -7.33 -8.38 6.54
N ALA A 22 -7.94 -7.69 5.58
CA ALA A 22 -9.33 -7.30 5.73
C ALA A 22 -10.23 -8.52 5.76
N LEU A 23 -9.95 -9.52 4.90
CA LEU A 23 -10.77 -10.71 4.86
C LEU A 23 -10.52 -11.59 6.08
N LEU A 24 -9.26 -11.69 6.50
CA LEU A 24 -8.90 -12.47 7.69
C LEU A 24 -9.49 -11.85 8.95
N GLU A 25 -9.49 -10.53 9.04
CA GLU A 25 -10.08 -9.88 10.21
C GLU A 25 -11.61 -10.05 10.21
N LYS A 26 -12.23 -9.93 9.04
CA LYS A 26 -13.68 -10.05 8.99
C LYS A 26 -14.12 -11.47 9.30
N PHE A 27 -13.37 -12.47 8.80
CA PHE A 27 -13.73 -13.88 8.91
C PHE A 27 -12.55 -14.65 9.50
N PRO A 28 -12.25 -14.47 10.78
CA PRO A 28 -11.15 -15.21 11.38
C PRO A 28 -11.53 -16.68 11.59
N ALA A 29 -10.52 -17.54 11.53
CA ALA A 29 -10.78 -18.94 11.85
C ALA A 29 -11.34 -19.02 13.25
N THR A 30 -12.41 -19.78 13.42
CA THR A 30 -12.80 -20.19 14.75
C THR A 30 -11.79 -21.20 15.27
N GLU A 31 -11.87 -21.47 16.57
CA GLU A 31 -11.04 -22.53 17.12
C GLU A 31 -11.33 -23.86 16.40
N ASN A 32 -12.60 -24.18 16.16
CA ASN A 32 -12.92 -25.45 15.50
C ASN A 32 -12.45 -25.46 14.06
N ALA A 33 -12.49 -24.32 13.37
CA ALA A 33 -12.04 -24.28 11.99
C ALA A 33 -10.54 -24.46 11.91
N ALA A 34 -9.81 -23.84 12.83
CA ALA A 34 -8.36 -23.99 12.87
C ALA A 34 -7.99 -25.43 13.23
N ASN A 35 -8.78 -26.04 14.11
CA ASN A 35 -8.58 -27.43 14.46
C ASN A 35 -8.79 -28.36 13.26
N THR A 36 -9.85 -28.10 12.46
CA THR A 36 -10.09 -28.91 11.27
C THR A 36 -8.93 -28.81 10.29
N VAL A 37 -8.40 -27.60 10.09
CA VAL A 37 -7.30 -27.39 9.15
C VAL A 37 -6.04 -28.09 9.65
N ALA A 38 -5.70 -27.86 10.92
CA ALA A 38 -4.48 -28.43 11.50
C ALA A 38 -4.51 -29.96 11.46
N HIS A 39 -5.61 -30.56 11.91
CA HIS A 39 -5.68 -32.01 11.94
C HIS A 39 -5.61 -32.59 10.53
N ALA A 40 -6.33 -31.99 9.58
CA ALA A 40 -6.37 -32.53 8.23
C ALA A 40 -5.00 -32.48 7.59
N ARG A 41 -4.27 -31.38 7.78
CA ARG A 41 -2.92 -31.28 7.23
C ARG A 41 -2.02 -32.36 7.81
N LYS A 42 -2.04 -32.52 9.14
CA LYS A 42 -1.21 -33.55 9.75
C LYS A 42 -1.60 -34.93 9.25
N ALA A 43 -2.91 -35.18 9.08
CA ALA A 43 -3.38 -36.48 8.59
C ALA A 43 -2.85 -36.76 7.18
N ILE A 44 -2.85 -35.77 6.30
CA ILE A 44 -2.33 -35.97 4.94
C ILE A 44 -0.81 -36.12 4.95
N HIS A 45 -0.12 -35.34 5.78
CA HIS A 45 1.31 -35.54 5.99
C HIS A 45 1.60 -36.98 6.40
N LYS A 46 0.84 -37.51 7.35
CA LYS A 46 1.06 -38.87 7.81
C LYS A 46 0.86 -39.88 6.68
N ILE A 47 -0.13 -39.64 5.82
CA ILE A 47 -0.34 -40.50 4.65
C ILE A 47 0.85 -40.41 3.70
N LEU A 48 1.33 -39.20 3.44
CA LEU A 48 2.39 -39.03 2.44
C LEU A 48 3.72 -39.59 2.92
N LYS A 49 3.91 -39.69 4.23
CA LYS A 49 5.10 -40.25 4.84
C LYS A 49 5.04 -41.77 4.97
N GLY A 50 3.94 -42.37 4.58
CA GLY A 50 3.81 -43.80 4.64
C GLY A 50 3.39 -44.37 5.97
N ASN A 51 2.93 -43.54 6.91
CA ASN A 51 2.54 -44.02 8.23
C ASN A 51 1.01 -44.12 8.42
N ASP A 52 0.23 -44.05 7.34
CA ASP A 52 -1.20 -44.24 7.43
C ASP A 52 -1.68 -44.94 6.17
N ASP A 53 -2.46 -46.00 6.33
CA ASP A 53 -2.90 -46.79 5.19
C ASP A 53 -4.27 -46.33 4.65
N ARG A 54 -4.74 -45.15 5.04
CA ARG A 54 -6.03 -44.62 4.62
C ARG A 54 -5.87 -43.86 3.29
N LEU A 55 -7.01 -43.51 2.68
CA LEU A 55 -7.02 -42.91 1.34
C LEU A 55 -7.52 -41.47 1.44
N LEU A 56 -6.72 -40.51 0.95
CA LEU A 56 -7.17 -39.13 0.88
C LEU A 56 -8.18 -38.99 -0.26
N VAL A 57 -9.36 -38.45 0.04
CA VAL A 57 -10.40 -38.31 -0.98
C VAL A 57 -10.78 -36.86 -1.09
N VAL A 58 -10.49 -36.26 -2.24
CA VAL A 58 -10.84 -34.88 -2.53
C VAL A 58 -12.04 -34.92 -3.46
N ILE A 59 -13.20 -34.56 -2.95
CA ILE A 59 -14.44 -34.78 -3.67
C ILE A 59 -15.36 -33.57 -3.47
N GLY A 60 -15.97 -33.10 -4.55
CA GLY A 60 -16.86 -31.96 -4.46
C GLY A 60 -17.13 -31.35 -5.82
N PRO A 61 -17.91 -30.26 -5.83
CA PRO A 61 -18.30 -29.65 -7.11
C PRO A 61 -17.08 -29.22 -7.92
N CYS A 62 -17.23 -29.22 -9.24
CA CYS A 62 -16.17 -28.67 -10.08
C CYS A 62 -15.73 -27.32 -9.56
N SER A 63 -16.70 -26.46 -9.27
CA SER A 63 -16.45 -25.25 -8.50
C SER A 63 -17.77 -24.85 -7.88
N ILE A 64 -17.72 -23.85 -6.98
CA ILE A 64 -18.90 -23.41 -6.24
C ILE A 64 -19.54 -22.23 -6.96
N HIS A 65 -20.86 -22.30 -7.11
CA HIS A 65 -21.63 -21.12 -7.60
C HIS A 65 -22.71 -20.73 -6.57
N ASP A 66 -23.14 -21.65 -5.71
CA ASP A 66 -24.15 -21.30 -4.75
C ASP A 66 -23.76 -21.76 -3.34
N PRO A 67 -23.40 -20.83 -2.44
CA PRO A 67 -23.06 -21.23 -1.05
C PRO A 67 -24.12 -22.06 -0.34
N VAL A 68 -25.40 -21.93 -0.70
CA VAL A 68 -26.44 -22.70 -0.01
C VAL A 68 -26.39 -24.17 -0.43
N ALA A 69 -26.30 -24.43 -1.73
CA ALA A 69 -26.13 -25.81 -2.18
C ALA A 69 -24.80 -26.38 -1.70
N ALA A 70 -23.76 -25.55 -1.70
CA ALA A 70 -22.45 -26.00 -1.23
C ALA A 70 -22.50 -26.45 0.23
N LYS A 71 -23.15 -25.66 1.11
CA LYS A 71 -23.26 -26.07 2.50
C LYS A 71 -24.15 -27.31 2.67
N GLU A 72 -25.23 -27.44 1.90
CA GLU A 72 -26.00 -28.67 1.95
C GLU A 72 -25.13 -29.86 1.55
N TYR A 73 -24.35 -29.71 0.47
CA TYR A 73 -23.38 -30.72 0.07
C TYR A 73 -22.41 -31.05 1.21
N ALA A 74 -21.84 -30.00 1.83
CA ALA A 74 -20.83 -30.19 2.88
C ALA A 74 -21.39 -30.97 4.07
N THR A 75 -22.64 -30.71 4.45
CA THR A 75 -23.25 -31.45 5.55
C THR A 75 -23.38 -32.93 5.20
N ARG A 76 -23.80 -33.24 3.97
CA ARG A 76 -23.90 -34.63 3.53
C ARG A 76 -22.53 -35.31 3.49
N LEU A 77 -21.52 -34.62 2.99
CA LEU A 77 -20.20 -35.22 2.89
C LEU A 77 -19.56 -35.38 4.26
N LEU A 78 -19.79 -34.40 5.14
CA LEU A 78 -19.28 -34.50 6.52
C LEU A 78 -19.81 -35.74 7.22
N ALA A 79 -21.10 -36.09 7.05
CA ALA A 79 -21.61 -37.31 7.68
C ALA A 79 -20.89 -38.54 7.15
N LEU A 80 -20.65 -38.60 5.83
CA LEU A 80 -19.86 -39.70 5.29
C LEU A 80 -18.42 -39.63 5.78
N ARG A 81 -17.88 -38.42 5.93
CA ARG A 81 -16.53 -38.26 6.47
C ARG A 81 -16.41 -38.88 7.87
N GLU A 82 -17.42 -38.67 8.72
CA GLU A 82 -17.39 -39.25 10.07
C GLU A 82 -17.53 -40.76 10.02
N GLU A 83 -18.42 -41.29 9.19
CA GLU A 83 -18.68 -42.72 9.18
C GLU A 83 -17.53 -43.52 8.57
N LEU A 84 -16.85 -42.97 7.58
CA LEU A 84 -15.82 -43.69 6.84
C LEU A 84 -14.40 -43.30 7.25
N LYS A 85 -14.24 -42.57 8.37
CA LYS A 85 -12.94 -41.96 8.68
C LYS A 85 -11.84 -42.98 9.02
N ASP A 86 -12.20 -44.21 9.40
CA ASP A 86 -11.18 -45.24 9.63
C ASP A 86 -10.50 -45.69 8.34
N GLU A 87 -11.11 -45.44 7.18
CA GLU A 87 -10.60 -45.86 5.89
C GLU A 87 -10.26 -44.70 4.98
N LEU A 88 -10.97 -43.57 5.11
CA LEU A 88 -10.84 -42.44 4.20
C LEU A 88 -10.58 -41.17 4.99
N GLU A 89 -9.68 -40.36 4.50
CA GLU A 89 -9.54 -38.97 4.93
C GLU A 89 -10.28 -38.12 3.88
N ILE A 90 -11.50 -37.73 4.18
CA ILE A 90 -12.36 -37.06 3.20
C ILE A 90 -12.19 -35.55 3.31
N VAL A 91 -11.92 -34.91 2.18
CA VAL A 91 -11.71 -33.47 2.13
C VAL A 91 -12.58 -32.94 1.00
N MET A 92 -13.32 -31.86 1.27
CA MET A 92 -14.28 -31.37 0.30
C MET A 92 -13.61 -30.42 -0.68
N ARG A 93 -13.82 -30.71 -1.97
CA ARG A 93 -13.38 -29.81 -3.02
C ARG A 93 -14.17 -28.51 -2.92
N VAL A 94 -13.50 -27.43 -2.53
CA VAL A 94 -14.16 -26.13 -2.48
C VAL A 94 -13.39 -25.18 -3.38
N TYR A 95 -13.70 -25.23 -4.68
CA TYR A 95 -13.00 -24.41 -5.67
C TYR A 95 -13.85 -23.19 -6.03
N PHE A 96 -13.20 -22.04 -6.14
CA PHE A 96 -13.90 -20.80 -6.48
C PHE A 96 -13.48 -20.25 -7.83
N GLU A 97 -12.81 -21.05 -8.64
CA GLU A 97 -12.32 -20.64 -9.94
C GLU A 97 -12.37 -21.84 -10.87
N LYS A 98 -12.81 -21.61 -12.10
CA LYS A 98 -12.71 -22.62 -13.14
C LYS A 98 -11.83 -22.06 -14.25
N PRO A 99 -10.60 -22.55 -14.43
CA PRO A 99 -9.78 -22.05 -15.54
C PRO A 99 -10.42 -22.38 -16.88
N ARG A 100 -10.36 -21.42 -17.77
CA ARG A 100 -11.02 -21.57 -19.10
C ARG A 100 -10.23 -20.85 -20.18
N THR A 101 -9.95 -21.55 -21.28
CA THR A 101 -9.26 -20.93 -22.42
C THR A 101 -10.23 -19.95 -23.08
N THR A 102 -11.49 -20.36 -23.27
CA THR A 102 -12.52 -19.52 -23.93
C THR A 102 -13.19 -18.55 -22.97
N VAL A 103 -13.99 -17.64 -23.49
CA VAL A 103 -14.73 -16.66 -22.64
C VAL A 103 -15.81 -17.44 -21.88
N GLY A 104 -16.36 -16.86 -20.83
CA GLY A 104 -17.31 -17.58 -19.98
C GLY A 104 -17.04 -17.36 -18.51
N TRP A 105 -17.95 -17.79 -17.66
CA TRP A 105 -17.84 -17.54 -16.20
C TRP A 105 -16.57 -18.15 -15.62
N LYS A 106 -15.80 -17.30 -14.97
CA LYS A 106 -14.55 -17.74 -14.38
C LYS A 106 -14.69 -18.27 -12.95
N GLY A 107 -15.83 -18.05 -12.30
CA GLY A 107 -16.06 -18.62 -11.00
C GLY A 107 -16.51 -17.59 -9.99
N LEU A 108 -16.77 -18.07 -8.77
CA LEU A 108 -17.46 -17.26 -7.78
C LEU A 108 -16.63 -16.05 -7.34
N ILE A 109 -15.29 -16.18 -7.23
CA ILE A 109 -14.47 -15.06 -6.79
C ILE A 109 -14.45 -13.96 -7.84
N ASN A 110 -14.25 -14.31 -9.12
CA ASN A 110 -14.16 -13.31 -10.21
C ASN A 110 -15.51 -12.68 -10.51
N ASP A 111 -16.59 -13.40 -10.26
CA ASP A 111 -17.87 -12.86 -10.71
C ASP A 111 -18.99 -13.55 -9.96
N PRO A 112 -19.13 -13.26 -8.66
CA PRO A 112 -20.09 -14.03 -7.84
C PRO A 112 -21.53 -13.91 -8.32
N HIS A 113 -21.88 -12.79 -8.95
CA HIS A 113 -23.29 -12.52 -9.37
C HIS A 113 -23.58 -13.19 -10.73
N MET A 114 -22.56 -13.75 -11.39
CA MET A 114 -22.74 -14.56 -12.63
C MET A 114 -23.36 -13.72 -13.75
N ASP A 115 -23.09 -12.41 -13.76
CA ASP A 115 -23.70 -11.46 -14.71
C ASP A 115 -22.63 -10.52 -15.26
N ASN A 116 -21.37 -10.88 -15.12
CA ASN A 116 -20.24 -10.06 -15.62
C ASN A 116 -20.11 -8.76 -14.82
N SER A 117 -20.68 -8.66 -13.62
CA SER A 117 -20.41 -7.48 -12.83
C SER A 117 -19.07 -7.52 -12.11
N PHE A 118 -18.41 -8.69 -12.11
CA PHE A 118 -17.06 -8.87 -11.56
C PHE A 118 -16.87 -8.20 -10.20
N GLN A 119 -17.80 -8.48 -9.28
CA GLN A 119 -17.71 -7.98 -7.89
C GLN A 119 -16.76 -8.86 -7.07
N ILE A 120 -15.45 -8.65 -7.27
CA ILE A 120 -14.46 -9.60 -6.77
C ILE A 120 -14.29 -9.48 -5.25
N ASN A 121 -14.38 -8.26 -4.71
CA ASN A 121 -14.42 -8.10 -3.27
C ASN A 121 -15.61 -8.83 -2.67
N ASP A 122 -16.79 -8.72 -3.28
CA ASP A 122 -17.93 -9.54 -2.86
C ASP A 122 -17.56 -11.01 -2.91
N GLY A 123 -16.98 -11.44 -4.04
CA GLY A 123 -16.62 -12.83 -4.23
C GLY A 123 -15.65 -13.35 -3.18
N LEU A 124 -14.69 -12.52 -2.79
CA LEU A 124 -13.76 -12.96 -1.74
C LEU A 124 -14.47 -13.05 -0.39
N ARG A 125 -15.39 -12.14 -0.12
CA ARG A 125 -16.15 -12.24 1.12
C ARG A 125 -16.99 -13.50 1.14
N ILE A 126 -17.72 -13.75 0.05
CA ILE A 126 -18.55 -14.95 -0.04
C ILE A 126 -17.69 -16.20 0.10
N ALA A 127 -16.57 -16.26 -0.63
CA ALA A 127 -15.74 -17.47 -0.67
C ALA A 127 -15.10 -17.74 0.68
N ARG A 128 -14.58 -16.70 1.33
CA ARG A 128 -13.96 -16.94 2.62
C ARG A 128 -14.99 -17.31 3.65
N LYS A 129 -16.15 -16.66 3.64
CA LYS A 129 -17.19 -17.02 4.59
C LYS A 129 -17.58 -18.49 4.44
N LEU A 130 -17.74 -18.96 3.20
CA LEU A 130 -18.14 -20.36 2.97
C LEU A 130 -17.06 -21.32 3.44
N LEU A 131 -15.81 -21.09 3.05
CA LEU A 131 -14.69 -21.91 3.51
C LEU A 131 -14.63 -21.94 5.03
N LEU A 132 -14.82 -20.80 5.66
CA LEU A 132 -14.85 -20.75 7.12
C LEU A 132 -15.98 -21.61 7.67
N ASP A 133 -17.19 -21.45 7.11
CA ASP A 133 -18.35 -22.19 7.60
C ASP A 133 -18.16 -23.70 7.44
N ILE A 134 -17.54 -24.12 6.34
CA ILE A 134 -17.37 -25.55 6.08
C ILE A 134 -16.37 -26.14 7.08
N ASN A 135 -15.21 -25.50 7.23
CA ASN A 135 -14.21 -25.90 8.23
C ASN A 135 -14.79 -25.89 9.65
N ASP A 136 -15.49 -24.81 10.01
CA ASP A 136 -16.06 -24.75 11.35
C ASP A 136 -17.01 -25.91 11.60
N SER A 137 -17.72 -26.37 10.57
CA SER A 137 -18.58 -27.54 10.73
C SER A 137 -17.78 -28.82 11.01
N GLY A 138 -16.48 -28.84 10.72
CA GLY A 138 -15.65 -30.02 10.92
C GLY A 138 -15.08 -30.64 9.66
N LEU A 139 -15.43 -30.13 8.47
CA LEU A 139 -15.10 -30.74 7.19
C LEU A 139 -13.93 -30.00 6.55
N PRO A 140 -12.78 -30.68 6.39
CA PRO A 140 -11.64 -30.05 5.72
C PRO A 140 -11.95 -29.62 4.28
N ALA A 141 -11.21 -28.63 3.79
CA ALA A 141 -11.43 -28.10 2.43
C ALA A 141 -10.19 -28.18 1.54
N ALA A 142 -10.44 -28.42 0.28
CA ALA A 142 -9.38 -28.51 -0.74
C ALA A 142 -9.56 -27.38 -1.74
N GLY A 143 -8.47 -26.71 -2.06
CA GLY A 143 -8.51 -25.64 -3.06
C GLY A 143 -7.58 -25.87 -4.23
N GLU A 144 -7.57 -24.92 -5.13
CA GLU A 144 -6.68 -24.99 -6.32
C GLU A 144 -5.96 -23.64 -6.42
N PHE A 145 -4.67 -23.65 -6.69
CA PHE A 145 -3.86 -22.42 -6.72
C PHE A 145 -3.52 -22.03 -8.16
N LEU A 146 -4.27 -21.10 -8.73
CA LEU A 146 -4.07 -20.63 -10.13
C LEU A 146 -3.20 -19.37 -10.16
N ASP A 147 -3.04 -18.67 -9.04
CA ASP A 147 -2.28 -17.40 -9.07
C ASP A 147 -1.62 -17.19 -7.71
N MET A 148 -0.85 -16.11 -7.59
CA MET A 148 -0.13 -15.82 -6.34
C MET A 148 -0.94 -14.91 -5.42
N ILE A 149 -2.00 -14.27 -5.92
CA ILE A 149 -2.71 -13.25 -5.09
C ILE A 149 -3.91 -13.87 -4.36
N THR A 150 -4.73 -14.63 -5.06
CA THR A 150 -5.96 -15.20 -4.51
C THR A 150 -5.69 -16.12 -3.32
N PRO A 151 -4.68 -17.02 -3.34
CA PRO A 151 -4.54 -17.98 -2.22
C PRO A 151 -4.35 -17.31 -0.88
N GLN A 152 -3.78 -16.10 -0.87
CA GLN A 152 -3.54 -15.41 0.39
C GLN A 152 -4.83 -15.15 1.16
N TYR A 153 -5.97 -15.12 0.50
CA TYR A 153 -7.23 -14.85 1.16
C TYR A 153 -7.84 -16.08 1.81
N LEU A 154 -7.38 -17.27 1.45
CA LEU A 154 -8.09 -18.50 1.75
C LEU A 154 -7.18 -19.58 2.28
N ALA A 155 -5.86 -19.39 2.19
CA ALA A 155 -4.93 -20.50 2.35
C ALA A 155 -4.93 -21.02 3.79
N ASP A 156 -5.12 -20.13 4.77
CA ASP A 156 -5.19 -20.61 6.14
C ASP A 156 -6.38 -21.52 6.39
N LEU A 157 -7.40 -21.55 5.52
CA LEU A 157 -8.54 -22.49 5.69
C LEU A 157 -8.45 -23.66 4.71
N MET A 158 -7.32 -23.82 4.03
CA MET A 158 -7.12 -24.97 3.12
CA MET A 158 -7.13 -24.98 3.13
C MET A 158 -6.23 -26.09 3.72
N SER A 159 -6.75 -27.30 3.68
CA SER A 159 -6.00 -28.46 4.24
C SER A 159 -5.18 -29.16 3.15
N TRP A 160 -5.40 -28.81 1.89
CA TRP A 160 -4.73 -29.43 0.73
C TRP A 160 -5.06 -28.58 -0.48
N GLY A 161 -4.15 -28.52 -1.43
CA GLY A 161 -4.43 -27.78 -2.64
C GLY A 161 -3.76 -28.41 -3.85
N ALA A 162 -4.32 -28.09 -5.00
CA ALA A 162 -3.81 -28.55 -6.28
C ALA A 162 -3.28 -27.38 -7.11
N ILE A 163 -2.21 -27.64 -7.86
CA ILE A 163 -1.77 -26.73 -8.90
C ILE A 163 -2.38 -27.23 -10.21
N GLY A 164 -2.94 -26.30 -11.00
CA GLY A 164 -3.63 -26.70 -12.22
C GLY A 164 -2.71 -27.39 -13.21
N ALA A 165 -3.30 -28.29 -14.00
CA ALA A 165 -2.50 -29.01 -15.00
C ALA A 165 -1.88 -28.06 -16.02
N ARG A 166 -2.52 -26.92 -16.25
CA ARG A 166 -1.95 -25.96 -17.19
C ARG A 166 -0.80 -25.13 -16.59
N THR A 167 -0.50 -25.28 -15.29
CA THR A 167 0.54 -24.49 -14.62
C THR A 167 1.56 -25.35 -13.89
N THR A 168 1.54 -26.68 -14.06
CA THR A 168 2.50 -27.57 -13.42
C THR A 168 3.94 -27.18 -13.70
N GLU A 169 4.23 -26.67 -14.91
CA GLU A 169 5.55 -26.25 -15.35
C GLU A 169 5.89 -24.82 -15.00
N SER A 170 4.91 -24.04 -14.53
CA SER A 170 5.13 -22.62 -14.26
C SER A 170 6.04 -22.43 -13.06
N GLN A 171 7.15 -21.73 -13.25
CA GLN A 171 8.10 -21.54 -12.12
C GLN A 171 7.41 -20.83 -10.94
N VAL A 172 6.58 -19.81 -11.21
CA VAL A 172 6.02 -19.08 -10.07
C VAL A 172 4.97 -19.92 -9.35
N HIS A 173 4.32 -20.87 -10.02
CA HIS A 173 3.40 -21.75 -9.33
C HIS A 173 4.13 -22.80 -8.52
N ARG A 174 5.29 -23.26 -9.01
CA ARG A 174 6.12 -24.14 -8.19
C ARG A 174 6.66 -23.41 -6.97
N GLU A 175 7.01 -22.13 -7.13
CA GLU A 175 7.52 -21.37 -5.99
C GLU A 175 6.42 -21.09 -4.99
N LEU A 176 5.22 -20.75 -5.48
CA LEU A 176 4.05 -20.63 -4.61
C LEU A 176 3.90 -21.87 -3.74
N ALA A 177 3.90 -23.05 -4.36
CA ALA A 177 3.74 -24.30 -3.61
C ALA A 177 4.76 -24.43 -2.47
N SER A 178 6.02 -24.02 -2.72
CA SER A 178 7.11 -24.19 -1.78
C SER A 178 6.98 -23.32 -0.55
N GLY A 179 6.07 -22.35 -0.56
CA GLY A 179 5.77 -21.58 0.62
C GLY A 179 4.40 -21.80 1.20
N LEU A 180 3.64 -22.74 0.66
CA LEU A 180 2.30 -22.99 1.19
C LEU A 180 2.35 -23.86 2.43
N SER A 181 1.39 -23.64 3.33
CA SER A 181 1.35 -24.39 4.59
C SER A 181 0.63 -25.71 4.46
N CYS A 182 -0.05 -25.98 3.35
CA CYS A 182 -0.78 -27.23 3.19
C CYS A 182 -0.05 -28.13 2.21
N PRO A 183 -0.41 -29.42 2.15
CA PRO A 183 0.10 -30.27 1.08
C PRO A 183 -0.42 -29.85 -0.30
N VAL A 184 0.34 -30.19 -1.33
CA VAL A 184 0.06 -29.74 -2.69
C VAL A 184 0.21 -30.92 -3.63
N GLY A 185 -0.79 -31.13 -4.49
CA GLY A 185 -0.71 -32.09 -5.57
C GLY A 185 -0.41 -31.37 -6.87
N PHE A 186 0.44 -32.00 -7.69
CA PHE A 186 0.82 -31.53 -9.01
C PHE A 186 0.37 -32.55 -10.05
N LYS A 187 -0.38 -32.09 -11.05
CA LYS A 187 -0.93 -32.95 -12.09
C LYS A 187 0.08 -33.20 -13.20
N ASN A 188 -0.02 -34.39 -13.80
CA ASN A 188 0.75 -34.65 -15.01
C ASN A 188 0.30 -33.71 -16.14
N GLY A 189 1.12 -33.64 -17.17
CA GLY A 189 0.85 -32.72 -18.25
C GLY A 189 -0.36 -33.16 -19.06
N THR A 190 -1.03 -32.18 -19.65
CA THR A 190 -2.25 -32.44 -20.40
C THR A 190 -2.06 -33.44 -21.54
N ASP A 191 -0.83 -33.85 -21.85
CA ASP A 191 -0.56 -34.93 -22.79
C ASP A 191 -0.13 -36.22 -22.11
N GLY A 192 -0.29 -36.35 -20.79
CA GLY A 192 0.07 -37.57 -20.08
C GLY A 192 1.46 -37.58 -19.47
N THR A 193 2.25 -36.53 -19.68
CA THR A 193 3.66 -36.51 -19.30
C THR A 193 3.83 -36.47 -17.78
N ILE A 194 4.63 -37.38 -17.26
CA ILE A 194 4.87 -37.50 -15.84
C ILE A 194 5.96 -36.53 -15.38
N LYS A 195 7.01 -36.37 -16.19
CA LYS A 195 8.21 -35.67 -15.72
C LYS A 195 7.91 -34.24 -15.25
N VAL A 196 7.01 -33.50 -15.89
CA VAL A 196 6.69 -32.11 -15.46
C VAL A 196 6.21 -32.07 -14.00
N ALA A 197 5.40 -33.04 -13.58
CA ALA A 197 4.89 -33.09 -12.20
C ALA A 197 6.01 -33.46 -11.21
N ILE A 198 6.89 -34.39 -11.57
CA ILE A 198 8.05 -34.79 -10.70
C ILE A 198 8.99 -33.60 -10.53
N ASP A 199 9.25 -32.85 -11.59
CA ASP A 199 10.09 -31.64 -11.51
C ASP A 199 9.43 -30.61 -10.58
N ALA A 200 8.10 -30.50 -10.64
CA ALA A 200 7.35 -29.54 -9.80
C ALA A 200 7.49 -29.91 -8.32
N ILE A 201 7.45 -31.20 -7.99
CA ILE A 201 7.58 -31.70 -6.59
C ILE A 201 9.00 -31.40 -6.08
N ASN A 202 10.01 -31.69 -6.88
CA ASN A 202 11.42 -31.40 -6.52
C ASN A 202 11.62 -29.88 -6.36
N ALA A 203 11.07 -29.10 -7.28
CA ALA A 203 11.17 -27.64 -7.19
C ALA A 203 10.40 -27.17 -5.96
N ALA A 204 9.23 -27.74 -5.73
CA ALA A 204 8.45 -27.30 -4.59
C ALA A 204 9.11 -27.66 -3.27
N GLY A 205 9.88 -28.75 -3.25
CA GLY A 205 10.51 -29.12 -1.97
C GLY A 205 11.71 -28.26 -1.57
N ALA A 206 12.17 -27.40 -2.47
CA ALA A 206 13.34 -26.55 -2.32
C ALA A 206 12.95 -25.18 -1.83
N PRO A 207 13.83 -24.51 -1.09
CA PRO A 207 13.60 -23.10 -0.78
C PRO A 207 13.68 -22.24 -2.03
N HIS A 208 12.95 -21.13 -2.02
CA HIS A 208 12.98 -20.19 -3.14
C HIS A 208 12.90 -18.77 -2.63
N CYS A 209 13.43 -17.85 -3.42
CA CYS A 209 13.27 -16.43 -3.19
C CYS A 209 12.67 -15.83 -4.44
N PHE A 210 11.56 -15.10 -4.30
CA PHE A 210 10.81 -14.63 -5.46
C PHE A 210 9.89 -13.50 -5.01
N LEU A 211 9.20 -12.92 -5.98
CA LEU A 211 8.29 -11.78 -5.71
C LEU A 211 6.84 -12.26 -5.54
N SER A 212 6.17 -11.78 -4.49
CA SER A 212 4.77 -12.14 -4.20
C SER A 212 4.08 -10.98 -3.50
N VAL A 213 2.86 -11.22 -3.08
CA VAL A 213 2.10 -10.17 -2.37
C VAL A 213 1.86 -10.61 -0.94
N THR A 214 1.90 -9.66 -0.03
CA THR A 214 1.69 -9.93 1.40
C THR A 214 0.19 -9.95 1.74
N LYS A 215 -0.14 -10.15 3.00
CA LYS A 215 -1.53 -10.14 3.48
C LYS A 215 -2.00 -8.68 3.56
N TRP A 216 -1.06 -7.76 3.34
CA TRP A 216 -1.40 -6.31 3.37
C TRP A 216 -1.68 -5.81 1.95
N GLY A 217 -1.67 -6.71 0.97
CA GLY A 217 -1.89 -6.33 -0.43
C GLY A 217 -0.69 -5.64 -1.05
N HIS A 218 0.51 -5.84 -0.49
CA HIS A 218 1.70 -5.19 -1.02
C HIS A 218 2.64 -6.23 -1.60
N SER A 219 3.34 -5.87 -2.67
CA SER A 219 4.33 -6.78 -3.22
C SER A 219 5.58 -6.76 -2.36
N ALA A 220 6.19 -7.92 -2.27
CA ALA A 220 7.37 -8.03 -1.44
C ALA A 220 8.27 -9.14 -1.94
N ILE A 221 9.45 -9.21 -1.36
CA ILE A 221 10.37 -10.33 -1.67
C ILE A 221 10.10 -11.39 -0.61
N VAL A 222 9.80 -12.59 -1.06
CA VAL A 222 9.47 -13.68 -0.12
C VAL A 222 10.50 -14.81 -0.21
N ASN A 223 10.89 -15.35 0.92
CA ASN A 223 11.79 -16.51 0.95
C ASN A 223 10.99 -17.69 1.52
N THR A 224 11.05 -18.83 0.84
CA THR A 224 10.32 -20.04 1.26
C THR A 224 11.28 -21.06 1.83
N SER A 225 10.75 -22.03 2.59
CA SER A 225 11.56 -23.12 3.18
C SER A 225 11.52 -24.38 2.34
N GLY A 226 10.64 -24.44 1.35
CA GLY A 226 10.40 -25.70 0.68
C GLY A 226 9.23 -26.44 1.30
N ASN A 227 8.56 -27.24 0.47
CA ASN A 227 7.36 -27.97 0.89
C ASN A 227 7.57 -29.42 0.54
N GLY A 228 7.72 -30.26 1.56
CA GLY A 228 7.95 -31.68 1.34
C GLY A 228 6.70 -32.51 1.13
N ASP A 229 5.52 -31.93 1.41
CA ASP A 229 4.25 -32.61 1.31
C ASP A 229 3.63 -32.42 -0.06
N CYS A 230 4.39 -32.73 -1.10
CA CYS A 230 3.87 -32.65 -2.46
C CYS A 230 3.89 -34.02 -3.10
N HIS A 231 2.97 -34.22 -4.02
CA HIS A 231 2.80 -35.50 -4.66
C HIS A 231 2.15 -35.25 -6.00
N ILE A 232 2.13 -36.31 -6.84
CA ILE A 232 1.61 -36.27 -8.20
C ILE A 232 0.12 -36.58 -8.22
N ILE A 233 -0.56 -36.02 -9.22
CA ILE A 233 -1.95 -36.31 -9.53
C ILE A 233 -2.01 -36.84 -10.95
N LEU A 234 -2.48 -38.07 -11.10
CA LEU A 234 -2.68 -38.69 -12.40
C LEU A 234 -4.09 -38.31 -12.87
N ARG A 235 -4.15 -37.60 -14.01
CA ARG A 235 -5.41 -37.06 -14.50
C ARG A 235 -5.60 -37.34 -16.00
N GLY A 236 -4.87 -38.28 -16.56
CA GLY A 236 -5.03 -38.62 -17.94
C GLY A 236 -4.21 -37.73 -18.86
N GLY A 237 -3.98 -38.23 -20.07
CA GLY A 237 -3.39 -37.44 -21.15
C GLY A 237 -4.28 -37.53 -22.37
N LYS A 238 -3.72 -37.99 -23.49
CA LYS A 238 -4.57 -38.33 -24.63
C LYS A 238 -5.48 -39.50 -24.29
N GLU A 239 -5.04 -40.36 -23.39
CA GLU A 239 -5.78 -41.51 -22.92
C GLU A 239 -5.75 -41.49 -21.39
N PRO A 240 -6.70 -42.15 -20.74
CA PRO A 240 -6.63 -42.29 -19.29
C PRO A 240 -5.30 -42.89 -18.85
N ASN A 241 -4.87 -42.58 -17.62
CA ASN A 241 -3.65 -43.13 -17.04
C ASN A 241 -3.86 -43.61 -15.60
N TYR A 242 -5.08 -44.05 -15.27
CA TYR A 242 -5.35 -44.54 -13.93
C TYR A 242 -5.02 -46.02 -13.75
N SER A 243 -4.84 -46.77 -14.83
CA SER A 243 -4.78 -48.22 -14.70
C SER A 243 -3.40 -48.66 -14.16
N ALA A 244 -3.35 -49.92 -13.73
CA ALA A 244 -2.16 -50.48 -13.08
C ALA A 244 -0.89 -50.26 -13.91
N LYS A 245 -0.98 -50.51 -15.21
CA LYS A 245 0.19 -50.33 -16.05
C LYS A 245 0.75 -48.93 -15.90
N HIS A 246 -0.13 -47.93 -15.84
CA HIS A 246 0.31 -46.54 -15.72
C HIS A 246 0.81 -46.24 -14.32
N VAL A 247 0.15 -46.82 -13.31
CA VAL A 247 0.58 -46.64 -11.93
C VAL A 247 1.96 -47.24 -11.74
N ALA A 248 2.22 -48.42 -12.33
CA ALA A 248 3.55 -49.02 -12.26
C ALA A 248 4.60 -48.11 -12.89
N GLU A 249 4.29 -47.47 -14.02
CA GLU A 249 5.26 -46.58 -14.66
C GLU A 249 5.55 -45.36 -13.81
N VAL A 250 4.53 -44.78 -13.20
CA VAL A 250 4.72 -43.58 -12.40
C VAL A 250 5.51 -43.90 -11.13
N LYS A 251 5.22 -45.06 -10.52
CA LYS A 251 5.94 -45.47 -9.32
C LYS A 251 7.43 -45.58 -9.58
N GLU A 252 7.82 -46.35 -10.61
CA GLU A 252 9.22 -46.43 -11.02
C GLU A 252 9.77 -45.05 -11.34
N GLY A 253 8.97 -44.21 -12.01
CA GLY A 253 9.46 -42.88 -12.38
C GLY A 253 9.77 -42.02 -11.16
N LEU A 254 8.87 -42.02 -10.18
CA LEU A 254 9.12 -41.29 -8.93
C LEU A 254 10.35 -41.84 -8.23
N ASN A 255 10.43 -43.16 -8.11
CA ASN A 255 11.56 -43.78 -7.41
C ASN A 255 12.88 -43.46 -8.10
N LYS A 256 12.91 -43.42 -9.43
CA LYS A 256 14.14 -43.05 -10.18
C LYS A 256 14.52 -41.61 -9.86
N ALA A 257 13.52 -40.78 -9.61
CA ALA A 257 13.76 -39.40 -9.21
C ALA A 257 13.98 -39.26 -7.71
N GLY A 258 14.08 -40.36 -6.97
CA GLY A 258 14.25 -40.25 -5.53
C GLY A 258 13.00 -39.85 -4.78
N LEU A 259 11.84 -40.00 -5.38
CA LEU A 259 10.65 -39.63 -4.65
C LEU A 259 9.87 -40.87 -4.25
N PRO A 260 9.14 -40.82 -3.14
CA PRO A 260 8.33 -41.99 -2.75
C PRO A 260 7.32 -42.32 -3.84
N ALA A 261 7.15 -43.62 -4.07
CA ALA A 261 6.22 -44.09 -5.09
C ALA A 261 4.81 -43.97 -4.52
N GLN A 262 4.16 -42.87 -4.82
CA GLN A 262 2.83 -42.57 -4.26
C GLN A 262 2.04 -41.77 -5.30
N VAL A 263 0.73 -41.97 -5.31
CA VAL A 263 -0.06 -41.33 -6.39
C VAL A 263 -1.47 -40.95 -5.95
N MET A 264 -1.95 -39.82 -6.42
CA MET A 264 -3.38 -39.47 -6.28
C MET A 264 -3.92 -39.59 -7.70
N ILE A 265 -5.02 -40.31 -7.84
CA ILE A 265 -5.62 -40.55 -9.15
C ILE A 265 -6.91 -39.73 -9.25
N ASP A 266 -6.93 -38.78 -10.18
CA ASP A 266 -8.14 -38.04 -10.49
C ASP A 266 -9.07 -38.92 -11.33
N PHE A 267 -10.30 -39.15 -10.83
CA PHE A 267 -11.21 -40.00 -11.58
C PHE A 267 -11.82 -39.29 -12.78
N SER A 268 -11.69 -37.98 -12.87
CA SER A 268 -12.41 -37.14 -13.79
C SER A 268 -11.45 -36.62 -14.87
N HIS A 269 -11.80 -35.49 -15.49
CA HIS A 269 -11.03 -34.81 -16.53
C HIS A 269 -10.63 -35.84 -17.58
N ALA A 270 -9.36 -35.93 -17.96
CA ALA A 270 -9.00 -36.84 -19.04
C ALA A 270 -9.08 -38.31 -18.61
N ASN A 271 -9.17 -38.61 -17.32
CA ASN A 271 -9.26 -40.01 -16.92
C ASN A 271 -10.67 -40.59 -17.08
N SER A 272 -11.68 -39.73 -17.23
CA SER A 272 -13.03 -40.15 -17.59
C SER A 272 -13.41 -39.74 -18.99
N SER A 273 -12.45 -39.20 -19.76
CA SER A 273 -12.72 -38.64 -21.09
C SER A 273 -13.80 -37.57 -20.99
N LYS A 274 -13.76 -36.80 -19.90
CA LYS A 274 -14.70 -35.71 -19.62
C LYS A 274 -16.16 -36.19 -19.59
N GLN A 275 -16.38 -37.47 -19.33
CA GLN A 275 -17.73 -38.04 -19.22
C GLN A 275 -17.98 -38.39 -17.75
N PHE A 276 -18.87 -37.62 -17.10
CA PHE A 276 -18.90 -37.64 -15.65
C PHE A 276 -19.22 -39.01 -15.06
N LYS A 277 -19.99 -39.86 -15.76
CA LYS A 277 -20.36 -41.17 -15.21
C LYS A 277 -19.20 -42.15 -15.21
N LYS A 278 -18.25 -41.99 -16.11
CA LYS A 278 -17.07 -42.90 -16.19
C LYS A 278 -16.20 -42.73 -14.94
N GLN A 279 -16.42 -41.66 -14.15
CA GLN A 279 -15.73 -41.59 -12.88
C GLN A 279 -16.00 -42.87 -12.09
N MET A 280 -17.19 -43.46 -12.29
CA MET A 280 -17.53 -44.67 -11.55
C MET A 280 -16.82 -45.87 -12.12
N ASP A 281 -16.49 -45.83 -13.43
CA ASP A 281 -15.68 -46.89 -14.03
C ASP A 281 -14.23 -46.80 -13.58
N VAL A 282 -13.69 -45.58 -13.52
CA VAL A 282 -12.35 -45.39 -12.95
C VAL A 282 -12.32 -45.85 -11.51
N CYS A 283 -13.37 -45.52 -10.76
CA CYS A 283 -13.49 -45.96 -9.37
C CYS A 283 -13.45 -47.48 -9.26
N ALA A 284 -14.18 -48.18 -10.12
CA ALA A 284 -14.17 -49.64 -10.04
C ALA A 284 -12.75 -50.20 -10.19
N ASP A 285 -12.00 -49.71 -11.18
CA ASP A 285 -10.66 -50.23 -11.39
C ASP A 285 -9.69 -49.83 -10.28
N VAL A 286 -9.73 -48.58 -9.84
CA VAL A 286 -8.82 -48.14 -8.78
C VAL A 286 -9.09 -48.90 -7.50
N CYS A 287 -10.37 -49.16 -7.20
CA CYS A 287 -10.73 -49.94 -6.01
C CYS A 287 -10.15 -51.34 -6.10
N GLN A 288 -10.24 -51.97 -7.28
CA GLN A 288 -9.68 -53.31 -7.42
C GLN A 288 -8.17 -53.29 -7.23
N GLN A 289 -7.50 -52.24 -7.72
CA GLN A 289 -6.08 -52.06 -7.46
C GLN A 289 -5.81 -51.96 -5.97
N ILE A 290 -6.53 -51.05 -5.29
CA ILE A 290 -6.35 -50.87 -3.86
C ILE A 290 -6.65 -52.17 -3.10
N ALA A 291 -7.83 -52.75 -3.34
CA ALA A 291 -8.18 -54.00 -2.64
C ALA A 291 -7.17 -55.11 -2.94
N GLY A 292 -6.62 -55.13 -4.15
CA GLY A 292 -5.63 -56.12 -4.53
C GLY A 292 -4.26 -55.95 -3.92
N GLY A 293 -3.98 -54.79 -3.29
CA GLY A 293 -2.76 -54.64 -2.53
C GLY A 293 -1.92 -53.45 -2.90
N GLU A 294 -2.44 -52.56 -3.76
CA GLU A 294 -1.64 -51.45 -4.27
C GLU A 294 -1.54 -50.35 -3.20
N LYS A 295 -0.38 -50.23 -2.59
CA LYS A 295 -0.17 -49.22 -1.55
C LYS A 295 0.10 -47.84 -2.12
N ALA A 296 0.61 -47.75 -3.35
CA ALA A 296 1.01 -46.45 -3.92
C ALA A 296 -0.16 -45.47 -4.03
N ILE A 297 -1.38 -45.96 -4.19
CA ILE A 297 -2.51 -45.06 -4.37
C ILE A 297 -2.90 -44.53 -3.00
N ILE A 298 -2.48 -43.29 -2.72
CA ILE A 298 -2.71 -42.65 -1.42
C ILE A 298 -3.87 -41.64 -1.47
N GLY A 299 -4.45 -41.42 -2.64
CA GLY A 299 -5.51 -40.44 -2.77
C GLY A 299 -6.24 -40.57 -4.09
N VAL A 300 -7.42 -39.94 -4.15
CA VAL A 300 -8.21 -39.84 -5.39
C VAL A 300 -8.92 -38.49 -5.39
N MET A 301 -9.39 -38.10 -6.59
CA MET A 301 -10.17 -36.90 -6.79
C MET A 301 -11.40 -37.24 -7.63
N VAL A 302 -12.53 -36.61 -7.28
CA VAL A 302 -13.84 -36.88 -7.85
C VAL A 302 -14.59 -35.56 -7.98
N GLU A 303 -15.27 -35.35 -9.12
CA GLU A 303 -16.11 -34.18 -9.28
C GLU A 303 -17.56 -34.58 -9.04
N SER A 304 -18.16 -33.99 -8.01
CA SER A 304 -19.39 -34.48 -7.41
C SER A 304 -20.23 -33.31 -6.92
N HIS A 305 -21.55 -33.46 -7.02
CA HIS A 305 -22.47 -32.43 -6.57
C HIS A 305 -23.75 -33.09 -6.09
N LEU A 306 -24.71 -32.28 -5.66
CA LEU A 306 -25.97 -32.85 -5.16
C LEU A 306 -26.75 -33.51 -6.30
N VAL A 307 -26.81 -32.85 -7.45
CA VAL A 307 -27.51 -33.38 -8.62
C VAL A 307 -26.50 -33.59 -9.74
N GLU A 308 -26.68 -34.66 -10.52
CA GLU A 308 -25.67 -35.04 -11.50
C GLU A 308 -25.74 -34.13 -12.74
N GLY A 309 -24.65 -34.14 -13.50
CA GLY A 309 -24.65 -33.48 -14.79
C GLY A 309 -24.18 -32.04 -14.74
N ASN A 310 -24.69 -31.21 -15.63
CA ASN A 310 -24.38 -29.79 -15.56
C ASN A 310 -25.48 -29.03 -16.31
N GLN A 311 -25.30 -27.72 -16.39
CA GLN A 311 -26.34 -26.86 -16.91
C GLN A 311 -25.63 -25.61 -17.37
N SER A 312 -26.29 -24.86 -18.24
CA SER A 312 -25.67 -23.72 -18.88
C SER A 312 -26.09 -22.43 -18.20
N LEU A 313 -25.10 -21.62 -17.81
CA LEU A 313 -25.37 -20.25 -17.41
C LEU A 313 -25.76 -19.36 -18.59
N GLU A 314 -25.29 -19.67 -19.79
CA GLU A 314 -25.46 -18.75 -20.91
C GLU A 314 -26.88 -18.75 -21.46
N SER A 315 -27.63 -19.84 -21.30
CA SER A 315 -29.00 -19.90 -21.80
C SER A 315 -29.88 -18.83 -21.17
N GLY A 316 -29.59 -18.40 -19.96
CA GLY A 316 -30.50 -17.52 -19.24
C GLY A 316 -31.64 -18.23 -18.55
N GLU A 317 -31.73 -19.56 -18.66
CA GLU A 317 -32.70 -20.29 -17.84
C GLU A 317 -32.32 -20.15 -16.36
N PRO A 318 -33.30 -20.08 -15.47
CA PRO A 318 -32.98 -20.15 -14.05
C PRO A 318 -32.19 -21.41 -13.73
N LEU A 319 -31.25 -21.29 -12.81
CA LEU A 319 -30.37 -22.40 -12.49
C LEU A 319 -31.07 -23.44 -11.63
N ALA A 320 -31.00 -24.70 -12.03
CA ALA A 320 -31.41 -25.77 -11.14
C ALA A 320 -30.53 -25.76 -9.90
N TYR A 321 -31.12 -26.14 -8.78
CA TYR A 321 -30.41 -26.16 -7.50
C TYR A 321 -29.41 -27.32 -7.46
N GLY A 322 -28.22 -27.05 -6.94
CA GLY A 322 -27.24 -28.08 -6.64
C GLY A 322 -26.71 -28.79 -7.85
N LYS A 323 -26.58 -28.09 -8.98
CA LYS A 323 -26.13 -28.67 -10.22
C LYS A 323 -25.04 -27.77 -10.80
N SER A 324 -23.94 -28.38 -11.21
CA SER A 324 -22.79 -27.66 -11.70
C SER A 324 -23.11 -26.78 -12.91
N ILE A 325 -22.50 -25.60 -12.96
CA ILE A 325 -22.53 -24.81 -14.17
C ILE A 325 -21.22 -24.87 -14.92
N THR A 326 -20.30 -25.78 -14.54
CA THR A 326 -19.06 -25.95 -15.22
C THR A 326 -18.96 -27.42 -15.64
N ASP A 327 -17.95 -28.16 -15.20
CA ASP A 327 -17.91 -29.57 -15.60
C ASP A 327 -19.08 -30.33 -14.99
N ALA A 328 -19.53 -31.34 -15.69
CA ALA A 328 -20.54 -32.25 -15.17
C ALA A 328 -19.97 -33.06 -14.01
N CYS A 329 -20.81 -33.30 -13.00
CA CYS A 329 -20.42 -34.05 -11.83
C CYS A 329 -21.32 -35.27 -11.67
N ILE A 330 -20.85 -36.25 -10.89
CA ILE A 330 -21.78 -37.25 -10.41
C ILE A 330 -22.69 -36.61 -9.35
N GLY A 331 -23.92 -37.12 -9.25
CA GLY A 331 -24.87 -36.66 -8.26
C GLY A 331 -24.61 -37.31 -6.91
N TRP A 332 -25.51 -37.07 -6.00
CA TRP A 332 -25.22 -37.46 -4.62
C TRP A 332 -25.29 -38.98 -4.45
N GLU A 333 -26.23 -39.65 -5.10
CA GLU A 333 -26.38 -41.09 -4.88
C GLU A 333 -25.18 -41.87 -5.41
N ASP A 334 -24.65 -41.48 -6.57
CA ASP A 334 -23.37 -42.00 -7.04
C ASP A 334 -22.25 -41.63 -6.09
N THR A 335 -22.31 -40.42 -5.51
CA THR A 335 -21.25 -40.00 -4.61
C THR A 335 -21.22 -40.86 -3.36
N ASP A 336 -22.38 -41.19 -2.79
CA ASP A 336 -22.39 -42.02 -1.61
C ASP A 336 -21.86 -43.43 -1.93
N ALA A 337 -22.34 -44.02 -3.02
CA ALA A 337 -21.86 -45.34 -3.43
C ALA A 337 -20.35 -45.32 -3.70
N LEU A 338 -19.86 -44.29 -4.40
CA LEU A 338 -18.45 -44.22 -4.73
C LEU A 338 -17.59 -44.23 -3.47
N LEU A 339 -17.99 -43.47 -2.45
CA LEU A 339 -17.19 -43.36 -1.25
C LEU A 339 -17.19 -44.68 -0.46
N ARG A 340 -18.32 -45.40 -0.48
CA ARG A 340 -18.35 -46.68 0.22
C ARG A 340 -17.49 -47.70 -0.53
N GLN A 341 -17.48 -47.65 -1.86
CA GLN A 341 -16.60 -48.51 -2.61
C GLN A 341 -15.14 -48.29 -2.22
N LEU A 342 -14.74 -47.02 -2.15
CA LEU A 342 -13.38 -46.66 -1.80
C LEU A 342 -13.05 -47.12 -0.38
N ALA A 343 -13.95 -46.87 0.57
CA ALA A 343 -13.68 -47.29 1.93
C ALA A 343 -13.58 -48.80 2.03
N ASN A 344 -14.42 -49.51 1.28
CA ASN A 344 -14.35 -50.97 1.25
C ASN A 344 -13.06 -51.45 0.58
N ALA A 345 -12.53 -50.71 -0.38
CA ALA A 345 -11.27 -51.15 -0.98
C ALA A 345 -10.09 -50.89 -0.05
N VAL A 346 -10.12 -49.78 0.69
CA VAL A 346 -9.07 -49.50 1.65
C VAL A 346 -9.06 -50.56 2.75
N LYS A 347 -10.23 -50.98 3.21
CA LYS A 347 -10.34 -52.04 4.23
C LYS A 347 -9.80 -53.37 3.67
N ALA A 348 -10.13 -53.67 2.42
CA ALA A 348 -9.63 -54.92 1.85
C ALA A 348 -8.12 -54.87 1.68
N ARG A 349 -7.58 -53.71 1.30
CA ARG A 349 -6.13 -53.56 1.19
C ARG A 349 -5.46 -53.94 2.51
N ARG A 350 -6.14 -53.67 3.62
CA ARG A 350 -5.54 -53.82 4.94
C ARG A 350 -5.55 -55.29 5.39
N GLY A 351 -6.74 -55.91 5.45
CA GLY A 351 -6.90 -57.26 5.99
C GLY A 351 -6.07 -58.32 5.27
N ASP B 8 2.02 -19.37 8.09
CA ASP B 8 3.23 -19.02 7.30
C ASP B 8 4.40 -19.85 7.81
N LEU B 9 4.21 -21.16 7.88
CA LEU B 9 5.27 -22.11 8.32
C LEU B 9 6.37 -22.25 7.29
N ARG B 10 6.03 -22.13 6.01
CA ARG B 10 7.03 -22.33 4.93
C ARG B 10 7.45 -20.96 4.40
N ILE B 11 7.17 -19.90 5.16
CA ILE B 11 7.63 -18.53 4.79
C ILE B 11 8.70 -18.15 5.81
N LYS B 12 9.96 -18.18 5.41
CA LYS B 12 11.10 -17.91 6.31
C LYS B 12 11.32 -16.41 6.49
N GLU B 13 11.12 -15.62 5.45
CA GLU B 13 11.40 -14.17 5.55
C GLU B 13 10.67 -13.35 4.49
N ILE B 14 10.18 -12.17 4.87
CA ILE B 14 9.60 -11.23 3.94
C ILE B 14 10.40 -9.94 4.02
N LYS B 15 10.78 -9.39 2.87
CA LYS B 15 11.65 -8.23 2.78
C LYS B 15 11.03 -7.19 1.86
N GLU B 16 11.46 -5.94 2.02
CA GLU B 16 10.85 -4.82 1.29
C GLU B 16 11.20 -4.84 -0.20
N LEU B 17 10.19 -4.59 -1.01
CA LEU B 17 10.37 -4.52 -2.46
C LEU B 17 9.96 -3.11 -2.91
N LEU B 18 10.86 -2.44 -3.60
CA LEU B 18 10.56 -1.14 -4.19
C LEU B 18 9.35 -1.26 -5.11
N PRO B 19 8.36 -0.37 -5.00
CA PRO B 19 7.23 -0.42 -5.93
C PRO B 19 7.68 0.06 -7.31
N PRO B 20 7.02 -0.39 -8.38
CA PRO B 20 7.48 -0.02 -9.73
C PRO B 20 7.62 1.47 -9.90
N VAL B 21 6.76 2.23 -9.20
CA VAL B 21 6.74 3.68 -9.38
C VAL B 21 8.07 4.29 -8.96
N ALA B 22 8.87 3.60 -8.15
CA ALA B 22 10.18 4.12 -7.69
C ALA B 22 11.28 3.91 -8.74
N LEU B 23 11.20 2.83 -9.51
CA LEU B 23 12.18 2.59 -10.60
C LEU B 23 11.77 3.37 -11.86
N LEU B 24 10.49 3.67 -12.03
CA LEU B 24 10.03 4.51 -13.15
C LEU B 24 10.43 5.95 -12.83
N GLU B 25 10.46 6.30 -11.55
CA GLU B 25 10.80 7.69 -11.14
C GLU B 25 12.32 7.84 -11.18
N LYS B 26 13.04 6.82 -10.72
CA LYS B 26 14.49 6.88 -10.77
C LYS B 26 14.99 6.86 -12.22
N PHE B 27 14.45 5.95 -13.05
CA PHE B 27 14.90 5.77 -14.42
C PHE B 27 13.75 6.02 -15.38
N PRO B 28 13.35 7.27 -15.55
CA PRO B 28 12.26 7.56 -16.50
C PRO B 28 12.72 7.39 -17.93
N ALA B 29 11.75 7.11 -18.79
CA ALA B 29 12.06 7.01 -20.22
C ALA B 29 12.47 8.37 -20.75
N THR B 30 13.58 8.41 -21.48
CA THR B 30 13.99 9.62 -22.21
C THR B 30 13.01 9.76 -23.36
N GLU B 31 12.90 10.93 -23.94
CA GLU B 31 12.05 11.08 -25.14
C GLU B 31 12.53 10.10 -26.21
N ASN B 32 13.84 9.91 -26.34
CA ASN B 32 14.42 9.02 -27.37
C ASN B 32 14.03 7.58 -27.08
N ALA B 33 14.22 7.11 -25.84
CA ALA B 33 13.81 5.74 -25.46
C ALA B 33 12.31 5.56 -25.70
N ALA B 34 11.52 6.58 -25.42
CA ALA B 34 10.05 6.50 -25.59
C ALA B 34 9.67 6.45 -27.07
N ASN B 35 10.39 7.20 -27.91
CA ASN B 35 10.13 7.15 -29.36
C ASN B 35 10.57 5.78 -29.88
N THR B 36 11.70 5.29 -29.37
CA THR B 36 12.21 3.97 -29.78
C THR B 36 11.13 2.93 -29.50
N VAL B 37 10.53 2.99 -28.31
CA VAL B 37 9.49 2.04 -27.95
C VAL B 37 8.26 2.26 -28.84
N ALA B 38 7.81 3.51 -28.95
CA ALA B 38 6.59 3.79 -29.72
C ALA B 38 6.74 3.34 -31.17
N HIS B 39 7.82 3.77 -31.84
CA HIS B 39 7.97 3.47 -33.27
C HIS B 39 8.10 1.98 -33.51
N ALA B 40 8.75 1.26 -32.60
CA ALA B 40 9.02 -0.16 -32.83
C ALA B 40 7.76 -0.99 -32.62
N ARG B 41 6.97 -0.65 -31.60
CA ARG B 41 5.68 -1.31 -31.41
C ARG B 41 4.78 -1.08 -32.62
N LYS B 42 4.63 0.18 -33.03
CA LYS B 42 3.85 0.51 -34.23
C LYS B 42 4.36 -0.26 -35.45
N ALA B 43 5.68 -0.38 -35.58
CA ALA B 43 6.24 -1.09 -36.74
C ALA B 43 5.89 -2.56 -36.70
N ILE B 44 5.93 -3.17 -35.52
CA ILE B 44 5.59 -4.59 -35.44
C ILE B 44 4.09 -4.80 -35.64
N HIS B 45 3.28 -3.86 -35.15
CA HIS B 45 1.85 -3.90 -35.42
C HIS B 45 1.56 -3.90 -36.93
N LYS B 46 2.19 -2.97 -37.66
CA LYS B 46 2.07 -2.92 -39.12
C LYS B 46 2.52 -4.22 -39.77
N ILE B 47 3.65 -4.77 -39.34
CA ILE B 47 4.10 -6.05 -39.87
C ILE B 47 3.05 -7.14 -39.61
N LEU B 48 2.52 -7.17 -38.38
CA LEU B 48 1.54 -8.19 -38.00
C LEU B 48 0.18 -7.96 -38.68
N LYS B 49 -0.15 -6.72 -39.03
CA LYS B 49 -1.38 -6.44 -39.75
C LYS B 49 -1.27 -6.68 -41.26
N GLY B 50 -0.13 -7.16 -41.76
CA GLY B 50 0.08 -7.38 -43.18
C GLY B 50 0.31 -6.14 -44.04
N ASN B 51 0.87 -5.11 -43.44
CA ASN B 51 1.00 -3.82 -44.16
C ASN B 51 2.48 -3.45 -44.24
N ASP B 52 3.34 -4.43 -44.02
CA ASP B 52 4.80 -4.19 -44.13
C ASP B 52 5.43 -5.52 -44.52
N ASP B 53 6.29 -5.51 -45.52
CA ASP B 53 6.90 -6.75 -46.04
C ASP B 53 8.22 -6.98 -45.33
N ARG B 54 8.47 -6.20 -44.28
CA ARG B 54 9.75 -6.30 -43.54
C ARG B 54 9.69 -7.46 -42.55
N LEU B 55 10.85 -8.01 -42.20
CA LEU B 55 10.93 -9.13 -41.24
C LEU B 55 11.37 -8.61 -39.88
N LEU B 56 10.65 -9.00 -38.82
CA LEU B 56 11.05 -8.63 -37.45
C LEU B 56 12.16 -9.59 -37.02
N VAL B 57 13.22 -9.01 -36.49
CA VAL B 57 14.33 -9.84 -36.06
C VAL B 57 14.59 -9.53 -34.60
N VAL B 58 14.29 -10.50 -33.73
CA VAL B 58 14.63 -10.44 -32.33
C VAL B 58 15.92 -11.24 -32.15
N ILE B 59 16.97 -10.58 -31.68
CA ILE B 59 18.28 -11.20 -31.68
C ILE B 59 19.13 -10.60 -30.57
N GLY B 60 19.93 -11.43 -29.91
CA GLY B 60 20.64 -11.02 -28.73
C GLY B 60 21.03 -12.17 -27.84
N PRO B 61 21.71 -11.87 -26.73
CA PRO B 61 22.16 -12.93 -25.83
C PRO B 61 21.00 -13.80 -25.37
N CYS B 62 21.30 -15.07 -25.14
CA CYS B 62 20.38 -15.95 -24.44
C CYS B 62 19.84 -15.24 -23.20
N SER B 63 20.74 -14.78 -22.35
CA SER B 63 20.39 -14.04 -21.15
C SER B 63 21.46 -13.00 -20.90
N ILE B 64 21.05 -11.86 -20.34
CA ILE B 64 21.98 -10.80 -19.96
C ILE B 64 22.71 -11.22 -18.68
N HIS B 65 24.02 -11.05 -18.66
CA HIS B 65 24.79 -11.26 -17.39
C HIS B 65 25.69 -10.05 -17.15
N ASP B 66 26.28 -9.48 -18.19
CA ASP B 66 27.18 -8.34 -18.04
C ASP B 66 26.61 -7.12 -18.75
N PRO B 67 26.14 -6.10 -18.02
CA PRO B 67 25.64 -4.88 -18.70
C PRO B 67 26.67 -4.24 -19.61
N VAL B 68 27.97 -4.28 -19.26
CA VAL B 68 28.98 -3.71 -20.14
C VAL B 68 28.96 -4.42 -21.49
N ALA B 69 29.08 -5.74 -21.47
CA ALA B 69 29.03 -6.52 -22.72
C ALA B 69 27.69 -6.39 -23.40
N ALA B 70 26.61 -6.25 -22.63
CA ALA B 70 25.30 -6.06 -23.25
C ALA B 70 25.28 -4.76 -24.06
N LYS B 71 25.84 -3.68 -23.48
CA LYS B 71 25.86 -2.40 -24.20
C LYS B 71 26.79 -2.45 -25.42
N GLU B 72 27.93 -3.16 -25.30
CA GLU B 72 28.81 -3.29 -26.46
C GLU B 72 28.09 -3.97 -27.61
N TYR B 73 27.41 -5.08 -27.32
CA TYR B 73 26.60 -5.76 -28.32
C TYR B 73 25.50 -4.86 -28.85
N ALA B 74 24.84 -4.10 -27.97
CA ALA B 74 23.78 -3.22 -28.44
C ALA B 74 24.30 -2.22 -29.48
N THR B 75 25.49 -1.66 -29.24
CA THR B 75 26.05 -0.68 -30.18
C THR B 75 26.35 -1.33 -31.54
N ARG B 76 26.95 -2.52 -31.54
CA ARG B 76 27.15 -3.27 -32.77
C ARG B 76 25.83 -3.51 -33.50
N LEU B 77 24.82 -4.03 -32.78
CA LEU B 77 23.53 -4.33 -33.42
C LEU B 77 22.84 -3.08 -33.93
N LEU B 78 22.99 -1.95 -33.21
CA LEU B 78 22.32 -0.73 -33.65
C LEU B 78 22.75 -0.34 -35.05
N ALA B 79 24.05 -0.49 -35.35
CA ALA B 79 24.54 -0.15 -36.69
C ALA B 79 23.89 -1.04 -37.74
N LEU B 80 23.95 -2.36 -37.53
CA LEU B 80 23.28 -3.29 -38.43
C LEU B 80 21.79 -2.99 -38.54
N ARG B 81 21.16 -2.54 -37.44
CA ARG B 81 19.75 -2.15 -37.50
C ARG B 81 19.56 -0.93 -38.39
N GLU B 82 20.45 0.07 -38.28
CA GLU B 82 20.39 1.23 -39.16
C GLU B 82 20.60 0.83 -40.60
N GLU B 83 21.51 -0.12 -40.83
CA GLU B 83 21.91 -0.41 -42.20
C GLU B 83 20.82 -1.17 -42.94
N LEU B 84 20.17 -2.13 -42.27
CA LEU B 84 19.21 -3.02 -42.92
C LEU B 84 17.76 -2.63 -42.61
N LYS B 85 17.53 -1.41 -42.14
CA LYS B 85 16.21 -0.99 -41.71
C LYS B 85 15.16 -1.02 -42.82
N ASP B 86 15.58 -1.05 -44.09
CA ASP B 86 14.60 -1.15 -45.18
C ASP B 86 14.07 -2.57 -45.33
N GLU B 87 14.78 -3.56 -44.79
CA GLU B 87 14.36 -4.95 -44.86
C GLU B 87 13.91 -5.51 -43.53
N LEU B 88 14.59 -5.14 -42.44
CA LEU B 88 14.42 -5.78 -41.15
C LEU B 88 14.06 -4.76 -40.08
N GLU B 89 13.15 -5.17 -39.18
CA GLU B 89 12.91 -4.44 -37.94
C GLU B 89 13.70 -5.18 -36.87
N ILE B 90 14.93 -4.70 -36.62
CA ILE B 90 15.86 -5.39 -35.73
C ILE B 90 15.61 -4.94 -34.30
N VAL B 91 15.55 -5.91 -33.39
CA VAL B 91 15.19 -5.67 -31.98
C VAL B 91 16.08 -6.56 -31.10
N MET B 92 16.71 -5.96 -30.10
CA MET B 92 17.68 -6.68 -29.29
C MET B 92 16.97 -7.52 -28.23
N ARG B 93 17.34 -8.80 -28.18
CA ARG B 93 16.87 -9.70 -27.15
C ARG B 93 17.49 -9.33 -25.80
N VAL B 94 16.67 -8.85 -24.87
CA VAL B 94 17.16 -8.45 -23.55
C VAL B 94 16.45 -9.27 -22.48
N TYR B 95 16.87 -10.54 -22.31
CA TYR B 95 16.28 -11.45 -21.34
C TYR B 95 17.12 -11.49 -20.08
N PHE B 96 16.48 -11.27 -18.94
CA PHE B 96 17.24 -11.16 -17.68
C PHE B 96 17.24 -12.47 -16.91
N GLU B 97 16.73 -13.55 -17.50
CA GLU B 97 16.80 -14.87 -16.83
C GLU B 97 16.74 -16.01 -17.83
N LYS B 98 17.38 -17.13 -17.52
CA LYS B 98 17.22 -18.35 -18.35
C LYS B 98 16.35 -19.31 -17.53
N PRO B 99 15.04 -19.45 -17.80
CA PRO B 99 14.20 -20.44 -17.09
C PRO B 99 14.76 -21.87 -17.19
N ARG B 100 15.02 -22.53 -16.06
CA ARG B 100 15.48 -23.95 -16.05
C ARG B 100 14.78 -24.69 -14.91
N THR B 101 15.10 -25.98 -14.69
CA THR B 101 14.31 -26.78 -13.74
C THR B 101 14.98 -26.99 -12.39
N THR B 102 16.32 -26.95 -12.33
CA THR B 102 17.03 -27.16 -11.06
C THR B 102 17.94 -25.99 -10.68
N VAL B 103 19.22 -26.24 -10.47
CA VAL B 103 20.12 -25.20 -10.01
C VAL B 103 20.57 -24.33 -11.18
N GLY B 104 21.26 -23.24 -10.83
CA GLY B 104 21.75 -22.29 -11.85
C GLY B 104 21.57 -20.86 -11.39
N TRP B 105 22.45 -19.95 -11.85
CA TRP B 105 22.25 -18.51 -11.54
C TRP B 105 20.85 -18.14 -12.03
N LYS B 106 20.09 -17.46 -11.18
CA LYS B 106 18.68 -17.18 -11.52
C LYS B 106 18.63 -15.90 -12.37
N GLY B 107 19.77 -15.29 -12.63
CA GLY B 107 19.79 -14.11 -13.52
C GLY B 107 20.13 -12.80 -12.85
N LEU B 108 20.25 -11.75 -13.66
CA LEU B 108 20.63 -10.41 -13.17
C LEU B 108 19.60 -9.81 -12.20
N ILE B 109 18.30 -9.98 -12.47
CA ILE B 109 17.35 -9.38 -11.53
C ILE B 109 17.34 -10.11 -10.20
N ASN B 110 17.25 -11.44 -10.23
CA ASN B 110 17.11 -12.19 -8.98
C ASN B 110 18.38 -12.17 -8.16
N ASP B 111 19.55 -12.14 -8.79
CA ASP B 111 20.81 -12.23 -8.06
C ASP B 111 21.89 -11.48 -8.82
N PRO B 112 21.81 -10.14 -8.86
CA PRO B 112 22.79 -9.38 -9.66
C PRO B 112 24.22 -9.52 -9.16
N HIS B 113 24.38 -9.66 -7.84
CA HIS B 113 25.72 -9.77 -7.23
C HIS B 113 26.28 -11.19 -7.39
N MET B 114 25.61 -12.04 -8.18
CA MET B 114 26.09 -13.42 -8.48
C MET B 114 26.70 -14.07 -7.23
N ASP B 115 26.03 -13.93 -6.08
CA ASP B 115 26.55 -14.48 -4.80
C ASP B 115 25.40 -15.14 -4.03
N ASN B 116 24.27 -15.38 -4.69
CA ASN B 116 23.07 -15.93 -4.00
C ASN B 116 22.61 -14.96 -2.90
N SER B 117 22.89 -13.66 -3.04
CA SER B 117 22.43 -12.63 -2.08
C SER B 117 20.99 -12.22 -2.39
N PHE B 118 20.53 -12.44 -3.61
CA PHE B 118 19.18 -12.11 -4.04
C PHE B 118 18.83 -10.63 -3.76
N GLN B 119 19.70 -9.73 -4.23
CA GLN B 119 19.43 -8.30 -4.14
C GLN B 119 18.53 -7.92 -5.31
N ILE B 120 17.24 -8.25 -5.18
CA ILE B 120 16.31 -8.04 -6.28
C ILE B 120 16.05 -6.56 -6.50
N ASN B 121 16.10 -5.74 -5.44
CA ASN B 121 15.96 -4.30 -5.65
C ASN B 121 17.13 -3.76 -6.48
N ASP B 122 18.36 -4.15 -6.15
CA ASP B 122 19.49 -3.80 -7.01
C ASP B 122 19.31 -4.37 -8.40
N GLY B 123 18.85 -5.63 -8.49
CA GLY B 123 18.71 -6.26 -9.80
C GLY B 123 17.75 -5.51 -10.69
N LEU B 124 16.66 -5.00 -10.11
CA LEU B 124 15.69 -4.26 -10.89
C LEU B 124 16.26 -2.94 -11.36
N ARG B 125 16.98 -2.24 -10.48
CA ARG B 125 17.69 -1.04 -10.88
C ARG B 125 18.63 -1.32 -12.06
N ILE B 126 19.47 -2.36 -11.93
CA ILE B 126 20.45 -2.65 -12.98
C ILE B 126 19.76 -3.01 -14.28
N ALA B 127 18.70 -3.83 -14.21
CA ALA B 127 17.99 -4.25 -15.40
C ALA B 127 17.21 -3.11 -16.03
N ARG B 128 16.57 -2.26 -15.22
CA ARG B 128 15.83 -1.17 -15.84
C ARG B 128 16.79 -0.13 -16.42
N LYS B 129 17.92 0.13 -15.76
CA LYS B 129 18.88 1.06 -16.33
C LYS B 129 19.38 0.55 -17.68
N LEU B 130 19.75 -0.73 -17.75
CA LEU B 130 20.19 -1.30 -19.00
C LEU B 130 19.14 -1.12 -20.10
N LEU B 131 17.89 -1.49 -19.81
CA LEU B 131 16.83 -1.33 -20.79
C LEU B 131 16.68 0.12 -21.21
N LEU B 132 16.81 1.04 -20.25
CA LEU B 132 16.71 2.47 -20.56
C LEU B 132 17.83 2.89 -21.49
N ASP B 133 19.06 2.54 -21.16
CA ASP B 133 20.19 2.98 -21.97
C ASP B 133 20.05 2.48 -23.40
N ILE B 134 19.62 1.23 -23.58
CA ILE B 134 19.54 0.62 -24.89
C ILE B 134 18.47 1.28 -25.73
N ASN B 135 17.33 1.63 -25.11
CA ASN B 135 16.27 2.31 -25.85
C ASN B 135 16.65 3.74 -26.18
N ASP B 136 17.36 4.42 -25.27
CA ASP B 136 17.78 5.79 -25.52
C ASP B 136 18.75 5.89 -26.69
N SER B 137 19.56 4.84 -26.92
CA SER B 137 20.49 4.81 -28.03
C SER B 137 19.80 4.61 -29.38
N GLY B 138 18.55 4.14 -29.37
CA GLY B 138 17.80 3.88 -30.59
C GLY B 138 17.45 2.42 -30.83
N LEU B 139 17.96 1.49 -30.03
CA LEU B 139 17.74 0.07 -30.27
C LEU B 139 16.53 -0.41 -29.47
N PRO B 140 15.48 -0.90 -30.12
CA PRO B 140 14.32 -1.42 -29.37
C PRO B 140 14.70 -2.72 -28.69
N ALA B 141 13.96 -3.05 -27.64
CA ALA B 141 14.25 -4.20 -26.80
C ALA B 141 13.09 -5.19 -26.76
N ALA B 142 13.45 -6.45 -26.74
CA ALA B 142 12.51 -7.55 -26.57
C ALA B 142 12.79 -8.22 -25.24
N GLY B 143 11.71 -8.55 -24.50
CA GLY B 143 11.81 -9.16 -23.20
C GLY B 143 11.05 -10.48 -23.12
N GLU B 144 11.18 -11.12 -21.97
CA GLU B 144 10.47 -12.36 -21.68
C GLU B 144 9.70 -12.17 -20.38
N PHE B 145 8.42 -12.48 -20.40
CA PHE B 145 7.54 -12.24 -19.28
C PHE B 145 7.29 -13.57 -18.59
N LEU B 146 8.00 -13.82 -17.49
CA LEU B 146 7.90 -15.08 -16.75
C LEU B 146 6.95 -15.03 -15.57
N ASP B 147 6.76 -13.87 -14.96
CA ASP B 147 5.86 -13.71 -13.83
C ASP B 147 4.98 -12.48 -14.08
N MET B 148 4.15 -12.14 -13.10
CA MET B 148 3.23 -10.99 -13.25
CA MET B 148 3.25 -10.98 -13.27
C MET B 148 3.61 -9.72 -12.47
N ILE B 149 4.74 -9.80 -11.75
CA ILE B 149 5.17 -8.64 -11.00
C ILE B 149 6.35 -7.93 -11.66
N THR B 150 7.36 -8.67 -12.11
CA THR B 150 8.49 -8.05 -12.80
C THR B 150 8.09 -7.16 -13.98
N PRO B 151 7.21 -7.58 -14.90
CA PRO B 151 6.95 -6.72 -16.08
C PRO B 151 6.49 -5.31 -15.72
N GLN B 152 5.86 -5.11 -14.57
CA GLN B 152 5.45 -3.78 -14.15
C GLN B 152 6.62 -2.80 -14.08
N TYR B 153 7.83 -3.32 -13.84
CA TYR B 153 9.03 -2.49 -13.72
C TYR B 153 9.70 -2.21 -15.05
N LEU B 154 9.47 -3.04 -16.08
CA LEU B 154 10.30 -3.01 -17.26
C LEU B 154 9.53 -2.83 -18.57
N ALA B 155 8.22 -3.07 -18.59
CA ALA B 155 7.51 -3.25 -19.85
C ALA B 155 7.35 -1.96 -20.64
N ASP B 156 7.45 -0.81 -20.00
CA ASP B 156 7.36 0.44 -20.74
C ASP B 156 8.54 0.63 -21.67
N LEU B 157 9.62 -0.13 -21.44
CA LEU B 157 10.83 -0.12 -22.25
C LEU B 157 10.93 -1.32 -23.19
N MET B 158 9.84 -2.09 -23.37
CA MET B 158 9.82 -3.29 -24.20
CA MET B 158 9.87 -3.25 -24.23
C MET B 158 8.97 -3.02 -25.44
N SER B 159 9.50 -3.38 -26.61
CA SER B 159 8.76 -3.24 -27.87
C SER B 159 8.08 -4.54 -28.28
N TRP B 160 8.47 -5.64 -27.66
CA TRP B 160 7.95 -6.95 -27.99
C TRP B 160 8.34 -7.88 -26.85
N GLY B 161 7.48 -8.87 -26.63
CA GLY B 161 7.70 -9.83 -25.54
C GLY B 161 7.31 -11.25 -25.89
N ALA B 162 7.98 -12.21 -25.29
CA ALA B 162 7.64 -13.64 -25.45
C ALA B 162 7.22 -14.20 -24.09
N ILE B 163 6.13 -14.93 -24.07
CA ILE B 163 5.71 -15.65 -22.83
C ILE B 163 6.54 -16.93 -22.75
N GLY B 164 6.99 -17.26 -21.55
CA GLY B 164 7.80 -18.48 -21.35
C GLY B 164 7.11 -19.72 -21.88
N ALA B 165 7.88 -20.62 -22.46
CA ALA B 165 7.30 -21.83 -23.05
C ALA B 165 6.55 -22.60 -21.97
N ARG B 166 7.07 -22.55 -20.74
CA ARG B 166 6.45 -23.29 -19.67
C ARG B 166 5.19 -22.62 -19.11
N THR B 167 4.85 -21.42 -19.56
CA THR B 167 3.65 -20.74 -19.08
C THR B 167 2.72 -20.39 -20.23
N THR B 168 2.98 -20.91 -21.42
CA THR B 168 2.14 -20.66 -22.59
C THR B 168 0.70 -21.05 -22.32
N GLU B 169 0.52 -22.10 -21.52
CA GLU B 169 -0.77 -22.70 -21.22
C GLU B 169 -1.43 -22.06 -20.01
N SER B 170 -0.73 -21.16 -19.30
CA SER B 170 -1.21 -20.64 -18.02
C SER B 170 -2.21 -19.51 -18.23
N GLN B 171 -3.34 -19.59 -17.54
CA GLN B 171 -4.38 -18.57 -17.69
C GLN B 171 -3.88 -17.21 -17.22
N VAL B 172 -3.14 -17.18 -16.11
CA VAL B 172 -2.70 -15.90 -15.56
C VAL B 172 -1.68 -15.24 -16.49
N HIS B 173 -0.90 -16.03 -17.23
CA HIS B 173 0.06 -15.41 -18.15
C HIS B 173 -0.61 -14.96 -19.46
N ARG B 174 -1.64 -15.68 -19.94
CA ARG B 174 -2.41 -15.18 -21.08
C ARG B 174 -3.14 -13.90 -20.73
N GLU B 175 -3.59 -13.76 -19.48
CA GLU B 175 -4.26 -12.53 -19.08
C GLU B 175 -3.27 -11.40 -18.93
N LEU B 176 -2.05 -11.72 -18.48
CA LEU B 176 -0.98 -10.72 -18.51
C LEU B 176 -0.80 -10.18 -19.92
N ALA B 177 -0.61 -11.08 -20.89
CA ALA B 177 -0.39 -10.66 -22.27
C ALA B 177 -1.54 -9.79 -22.76
N SER B 178 -2.76 -10.03 -22.26
CA SER B 178 -3.94 -9.32 -22.74
C SER B 178 -3.91 -7.85 -22.37
N GLY B 179 -3.10 -7.47 -21.38
CA GLY B 179 -3.00 -6.09 -20.95
C GLY B 179 -1.67 -5.43 -21.25
N LEU B 180 -0.77 -6.14 -21.95
CA LEU B 180 0.55 -5.59 -22.24
C LEU B 180 0.48 -4.65 -23.44
N SER B 181 1.26 -3.58 -23.37
CA SER B 181 1.27 -2.51 -24.37
C SER B 181 2.13 -2.83 -25.59
N CYS B 182 2.72 -4.01 -25.67
CA CYS B 182 3.58 -4.41 -26.78
C CYS B 182 3.04 -5.70 -27.39
N PRO B 183 3.50 -6.07 -28.58
CA PRO B 183 3.17 -7.39 -29.13
C PRO B 183 3.79 -8.50 -28.31
N VAL B 184 3.17 -9.69 -28.40
CA VAL B 184 3.54 -10.86 -27.59
C VAL B 184 3.62 -12.10 -28.49
N GLY B 185 4.69 -12.87 -28.33
CA GLY B 185 4.85 -14.14 -29.03
C GLY B 185 4.62 -15.33 -28.10
N PHE B 186 3.90 -16.32 -28.60
CA PHE B 186 3.60 -17.52 -27.83
C PHE B 186 4.24 -18.71 -28.52
N LYS B 187 5.04 -19.47 -27.77
CA LYS B 187 5.76 -20.61 -28.32
C LYS B 187 4.83 -21.82 -28.45
N ASN B 188 5.11 -22.65 -29.45
CA ASN B 188 4.33 -23.87 -29.61
C ASN B 188 4.74 -24.87 -28.53
N GLY B 189 3.95 -25.94 -28.42
CA GLY B 189 4.18 -26.92 -27.38
C GLY B 189 5.46 -27.71 -27.58
N THR B 190 5.86 -28.39 -26.49
CA THR B 190 7.09 -29.17 -26.50
C THR B 190 7.04 -30.29 -27.53
N ASP B 191 5.85 -30.79 -27.84
CA ASP B 191 5.68 -31.85 -28.82
C ASP B 191 5.55 -31.33 -30.26
N GLY B 192 5.68 -30.03 -30.48
CA GLY B 192 5.56 -29.44 -31.78
C GLY B 192 4.18 -28.88 -32.09
N THR B 193 3.15 -29.40 -31.42
CA THR B 193 1.76 -29.01 -31.69
C THR B 193 1.55 -27.53 -31.38
N ILE B 194 0.55 -26.94 -32.04
CA ILE B 194 0.32 -25.51 -31.99
C ILE B 194 -0.98 -25.14 -31.30
N LYS B 195 -1.76 -26.11 -30.82
CA LYS B 195 -3.04 -25.82 -30.19
C LYS B 195 -2.88 -24.91 -28.98
N VAL B 196 -1.85 -25.16 -28.16
CA VAL B 196 -1.68 -24.36 -26.95
C VAL B 196 -1.42 -22.90 -27.30
N ALA B 197 -0.58 -22.65 -28.31
CA ALA B 197 -0.30 -21.28 -28.71
C ALA B 197 -1.51 -20.61 -29.35
N ILE B 198 -2.32 -21.38 -30.08
CA ILE B 198 -3.55 -20.82 -30.67
C ILE B 198 -4.49 -20.38 -29.57
N ASP B 199 -4.69 -21.25 -28.57
CA ASP B 199 -5.50 -20.91 -27.40
C ASP B 199 -4.97 -19.66 -26.70
N ALA B 200 -3.65 -19.57 -26.55
CA ALA B 200 -3.06 -18.40 -25.88
C ALA B 200 -3.34 -17.12 -26.66
N ILE B 201 -3.12 -17.17 -27.98
CA ILE B 201 -3.39 -16.00 -28.81
C ILE B 201 -4.84 -15.58 -28.68
N ASN B 202 -5.76 -16.54 -28.73
CA ASN B 202 -7.18 -16.23 -28.58
C ASN B 202 -7.48 -15.67 -27.20
N ALA B 203 -6.93 -16.31 -26.17
CA ALA B 203 -7.09 -15.83 -24.81
C ALA B 203 -6.57 -14.39 -24.68
N ALA B 204 -5.34 -14.15 -25.14
CA ALA B 204 -4.75 -12.83 -24.94
C ALA B 204 -5.47 -11.75 -25.76
N GLY B 205 -6.27 -12.15 -26.75
CA GLY B 205 -6.94 -11.19 -27.58
C GLY B 205 -8.23 -10.65 -27.00
N ALA B 206 -8.76 -11.29 -25.87
CA ALA B 206 -10.03 -10.88 -25.26
C ALA B 206 -9.78 -9.95 -24.08
N PRO B 207 -10.74 -9.08 -23.77
CA PRO B 207 -10.70 -8.39 -22.48
C PRO B 207 -10.76 -9.38 -21.32
N HIS B 208 -10.13 -9.00 -20.20
CA HIS B 208 -10.12 -9.83 -19.00
C HIS B 208 -10.24 -8.95 -17.78
N CYS B 209 -10.81 -9.50 -16.72
CA CYS B 209 -10.80 -8.89 -15.40
C CYS B 209 -10.13 -9.87 -14.46
N PHE B 210 -9.11 -9.41 -13.74
CA PHE B 210 -8.34 -10.30 -12.88
C PHE B 210 -7.60 -9.48 -11.83
N LEU B 211 -6.88 -10.17 -10.96
CA LEU B 211 -6.13 -9.55 -9.88
C LEU B 211 -4.68 -9.36 -10.30
N SER B 212 -4.10 -8.21 -9.95
CA SER B 212 -2.72 -7.97 -10.31
C SER B 212 -2.16 -6.92 -9.35
N VAL B 213 -0.87 -6.64 -9.49
CA VAL B 213 -0.19 -5.62 -8.67
C VAL B 213 0.03 -4.40 -9.54
N THR B 214 -0.30 -3.23 -9.00
CA THR B 214 -0.15 -1.99 -9.74
C THR B 214 1.27 -1.43 -9.62
N LYS B 215 1.50 -0.30 -10.28
CA LYS B 215 2.83 0.39 -10.23
C LYS B 215 3.09 0.89 -8.81
N TRP B 216 2.06 0.91 -7.97
CA TRP B 216 2.18 1.35 -6.59
C TRP B 216 2.57 0.22 -5.64
N GLY B 217 2.76 -0.99 -6.15
CA GLY B 217 3.12 -2.11 -5.30
C GLY B 217 1.95 -2.69 -4.51
N HIS B 218 0.73 -2.32 -4.87
CA HIS B 218 -0.47 -2.79 -4.22
C HIS B 218 -1.26 -3.65 -5.20
N SER B 219 -1.96 -4.64 -4.68
CA SER B 219 -2.79 -5.48 -5.51
C SER B 219 -4.10 -4.76 -5.82
N ALA B 220 -4.68 -5.07 -6.97
CA ALA B 220 -5.86 -4.37 -7.43
C ALA B 220 -6.62 -5.27 -8.37
N ILE B 221 -7.84 -4.83 -8.70
CA ILE B 221 -8.63 -5.45 -9.75
C ILE B 221 -8.32 -4.71 -11.05
N VAL B 222 -7.93 -5.46 -12.06
CA VAL B 222 -7.46 -4.89 -13.32
C VAL B 222 -8.40 -5.36 -14.41
N ASN B 223 -8.72 -4.42 -15.30
CA ASN B 223 -9.52 -4.74 -16.51
C ASN B 223 -8.61 -4.46 -17.70
N THR B 224 -8.43 -5.44 -18.57
CA THR B 224 -7.63 -5.31 -19.77
C THR B 224 -8.52 -5.25 -20.99
N SER B 225 -7.96 -4.71 -22.07
CA SER B 225 -8.69 -4.55 -23.32
C SER B 225 -8.57 -5.73 -24.27
N GLY B 226 -7.63 -6.63 -24.05
CA GLY B 226 -7.30 -7.60 -25.07
C GLY B 226 -6.18 -7.09 -25.95
N ASN B 227 -5.35 -8.01 -26.44
CA ASN B 227 -4.13 -7.70 -27.20
C ASN B 227 -4.20 -8.47 -28.51
N GLY B 228 -4.43 -7.74 -29.61
CA GLY B 228 -4.51 -8.34 -30.93
C GLY B 228 -3.17 -8.64 -31.57
N ASP B 229 -2.11 -8.01 -31.07
CA ASP B 229 -0.74 -8.14 -31.61
C ASP B 229 -0.03 -9.36 -31.04
N CYS B 230 -0.71 -10.51 -31.04
CA CYS B 230 -0.07 -11.75 -30.62
C CYS B 230 0.12 -12.68 -31.79
N HIS B 231 1.12 -13.55 -31.70
CA HIS B 231 1.46 -14.44 -32.81
C HIS B 231 2.22 -15.65 -32.29
N ILE B 232 2.31 -16.67 -33.15
CA ILE B 232 2.98 -17.91 -32.77
C ILE B 232 4.49 -17.75 -32.91
N ILE B 233 5.22 -18.58 -32.16
CA ILE B 233 6.67 -18.72 -32.27
C ILE B 233 6.95 -20.18 -32.49
N LEU B 234 7.61 -20.49 -33.61
CA LEU B 234 7.98 -21.88 -33.91
C LEU B 234 9.38 -22.13 -33.36
N ARG B 235 9.47 -23.02 -32.38
CA ARG B 235 10.74 -23.25 -31.67
C ARG B 235 11.06 -24.72 -31.78
N GLY B 236 10.19 -25.44 -32.47
CA GLY B 236 10.42 -26.87 -32.67
C GLY B 236 9.77 -27.73 -31.62
N GLY B 237 9.54 -29.00 -31.94
CA GLY B 237 9.03 -29.95 -30.96
C GLY B 237 10.09 -30.99 -30.72
N LYS B 238 9.80 -32.26 -31.03
CA LYS B 238 10.87 -33.29 -30.96
C LYS B 238 11.72 -33.09 -32.20
N GLU B 239 11.08 -32.68 -33.30
CA GLU B 239 11.80 -32.42 -34.56
C GLU B 239 11.77 -30.91 -34.87
N PRO B 240 12.71 -30.38 -35.67
CA PRO B 240 12.66 -28.99 -36.05
C PRO B 240 11.40 -28.67 -36.87
N ASN B 241 10.81 -27.51 -36.65
CA ASN B 241 9.57 -27.12 -37.36
C ASN B 241 9.79 -25.83 -38.15
N TYR B 242 10.99 -25.64 -38.68
CA TYR B 242 11.23 -24.43 -39.45
C TYR B 242 11.03 -24.59 -40.94
N SER B 243 10.98 -25.82 -41.44
CA SER B 243 11.01 -26.07 -42.88
C SER B 243 9.69 -25.63 -43.53
N ALA B 244 9.74 -25.48 -44.86
CA ALA B 244 8.61 -24.96 -45.60
C ALA B 244 7.37 -25.83 -45.43
N LYS B 245 7.54 -27.15 -45.29
CA LYS B 245 6.36 -28.00 -45.02
C LYS B 245 5.70 -27.64 -43.69
N HIS B 246 6.51 -27.50 -42.64
CA HIS B 246 6.01 -27.15 -41.29
C HIS B 246 5.29 -25.80 -41.32
N VAL B 247 5.82 -24.84 -42.09
CA VAL B 247 5.23 -23.48 -42.13
C VAL B 247 3.82 -23.60 -42.72
N ALA B 248 3.68 -24.33 -43.81
CA ALA B 248 2.37 -24.48 -44.48
C ALA B 248 1.37 -25.16 -43.55
N GLU B 249 1.84 -26.18 -42.82
CA GLU B 249 0.96 -26.91 -41.89
C GLU B 249 0.45 -25.95 -40.81
N VAL B 250 1.35 -25.17 -40.22
CA VAL B 250 0.98 -24.19 -39.17
C VAL B 250 0.06 -23.13 -39.79
N LYS B 251 0.37 -22.70 -41.01
CA LYS B 251 -0.45 -21.64 -41.64
C LYS B 251 -1.85 -22.23 -41.91
N GLU B 252 -1.93 -23.52 -42.25
CA GLU B 252 -3.25 -24.12 -42.39
C GLU B 252 -3.96 -24.20 -41.05
N GLY B 253 -3.25 -24.62 -40.00
CA GLY B 253 -3.83 -24.63 -38.67
C GLY B 253 -4.28 -23.26 -38.20
N LEU B 254 -3.46 -22.23 -38.45
CA LEU B 254 -3.85 -20.89 -38.04
C LEU B 254 -5.11 -20.45 -38.78
N ASN B 255 -5.19 -20.78 -40.07
CA ASN B 255 -6.32 -20.33 -40.88
C ASN B 255 -7.62 -20.96 -40.43
N LYS B 256 -7.60 -22.27 -40.15
CA LYS B 256 -8.77 -22.96 -39.62
C LYS B 256 -9.24 -22.34 -38.31
N ALA B 257 -8.31 -21.88 -37.47
CA ALA B 257 -8.65 -21.24 -36.20
C ALA B 257 -9.08 -19.79 -36.36
N GLY B 258 -9.23 -19.29 -37.57
CA GLY B 258 -9.57 -17.87 -37.77
C GLY B 258 -8.48 -16.93 -37.30
N LEU B 259 -7.23 -17.37 -37.37
CA LEU B 259 -6.10 -16.50 -36.96
C LEU B 259 -5.24 -16.18 -38.18
N PRO B 260 -4.68 -14.97 -38.28
CA PRO B 260 -3.78 -14.63 -39.37
C PRO B 260 -2.68 -15.68 -39.57
N ALA B 261 -2.45 -16.07 -40.83
CA ALA B 261 -1.44 -17.11 -41.15
C ALA B 261 -0.05 -16.49 -41.09
N GLN B 262 0.44 -16.25 -39.89
CA GLN B 262 1.74 -15.58 -39.70
C GLN B 262 2.54 -16.38 -38.68
N VAL B 263 3.86 -16.31 -38.76
CA VAL B 263 4.72 -17.12 -37.85
C VAL B 263 6.04 -16.40 -37.55
N MET B 264 6.61 -16.70 -36.38
CA MET B 264 7.95 -16.23 -36.07
C MET B 264 8.74 -17.52 -35.90
N ILE B 265 9.94 -17.59 -36.45
CA ILE B 265 10.75 -18.84 -36.37
C ILE B 265 11.95 -18.63 -35.44
N ASP B 266 12.01 -19.40 -34.37
CA ASP B 266 13.15 -19.36 -33.47
C ASP B 266 14.23 -20.27 -34.06
N PHE B 267 15.36 -19.67 -34.47
CA PHE B 267 16.41 -20.47 -35.09
C PHE B 267 17.10 -21.38 -34.09
N SER B 268 16.93 -21.11 -32.80
CA SER B 268 17.78 -21.69 -31.78
C SER B 268 17.12 -22.89 -31.11
N HIS B 269 17.67 -23.32 -29.98
CA HIS B 269 17.08 -24.41 -29.18
C HIS B 269 16.92 -25.70 -30.00
N ALA B 270 15.69 -26.20 -30.07
CA ALA B 270 15.43 -27.47 -30.80
C ALA B 270 15.44 -27.24 -32.30
N ASN B 271 15.10 -26.04 -32.79
CA ASN B 271 15.08 -25.89 -34.28
C ASN B 271 16.52 -25.93 -34.80
N SER B 272 17.51 -25.85 -33.91
CA SER B 272 18.95 -25.89 -34.29
C SER B 272 19.59 -27.17 -33.76
N SER B 273 18.78 -28.09 -33.25
CA SER B 273 19.30 -29.34 -32.66
C SER B 273 20.29 -29.01 -31.53
N LYS B 274 20.05 -27.92 -30.81
CA LYS B 274 20.87 -27.53 -29.64
C LYS B 274 22.25 -27.04 -30.08
N GLN B 275 22.55 -27.15 -31.37
CA GLN B 275 23.85 -26.70 -31.92
C GLN B 275 23.75 -25.24 -32.37
N PHE B 276 24.42 -24.33 -31.67
CA PHE B 276 24.34 -22.87 -31.96
C PHE B 276 24.73 -22.57 -33.41
N LYS B 277 25.84 -23.12 -33.89
CA LYS B 277 26.21 -22.83 -35.28
C LYS B 277 25.12 -23.26 -36.25
N LYS B 278 24.33 -24.28 -35.90
CA LYS B 278 23.25 -24.74 -36.78
C LYS B 278 22.13 -23.71 -36.97
N GLN B 279 22.09 -22.64 -36.18
CA GLN B 279 21.08 -21.59 -36.40
C GLN B 279 21.33 -20.98 -37.78
N MET B 280 22.58 -21.08 -38.26
CA MET B 280 22.96 -20.54 -39.57
C MET B 280 22.29 -21.39 -40.66
N ASP B 281 22.12 -22.68 -40.42
CA ASP B 281 21.43 -23.59 -41.38
C ASP B 281 19.93 -23.26 -41.39
N VAL B 282 19.37 -22.90 -40.24
CA VAL B 282 17.94 -22.48 -40.23
C VAL B 282 17.83 -21.17 -41.01
N CYS B 283 18.75 -20.21 -40.81
CA CYS B 283 18.73 -18.97 -41.63
C CYS B 283 18.65 -19.36 -43.11
N ALA B 284 19.50 -20.29 -43.52
CA ALA B 284 19.57 -20.67 -44.94
C ALA B 284 18.21 -21.15 -45.43
N ASP B 285 17.61 -22.10 -44.70
CA ASP B 285 16.28 -22.64 -45.10
C ASP B 285 15.26 -21.52 -45.04
N VAL B 286 15.29 -20.73 -43.97
CA VAL B 286 14.29 -19.69 -43.82
C VAL B 286 14.46 -18.62 -44.88
N CYS B 287 15.72 -18.30 -45.21
CA CYS B 287 16.00 -17.28 -46.22
C CYS B 287 15.48 -17.71 -47.59
N GLN B 288 15.75 -18.96 -47.96
CA GLN B 288 15.25 -19.49 -49.24
C GLN B 288 13.72 -19.36 -49.27
N GLN B 289 13.05 -19.69 -48.18
CA GLN B 289 11.57 -19.63 -48.11
C GLN B 289 11.13 -18.20 -48.38
N ILE B 290 11.82 -17.24 -47.76
CA ILE B 290 11.45 -15.85 -47.94
C ILE B 290 11.77 -15.38 -49.36
N ALA B 291 13.01 -15.62 -49.80
CA ALA B 291 13.40 -15.26 -51.15
C ALA B 291 12.48 -15.93 -52.17
N GLY B 292 11.97 -17.11 -51.79
CA GLY B 292 11.04 -17.85 -52.66
C GLY B 292 9.63 -17.27 -52.68
N GLY B 293 9.31 -16.33 -51.80
CA GLY B 293 8.00 -15.68 -51.80
C GLY B 293 7.23 -15.80 -50.50
N GLU B 294 7.67 -16.63 -49.56
CA GLU B 294 6.90 -16.89 -48.31
C GLU B 294 6.66 -15.61 -47.52
N LYS B 295 5.40 -15.20 -47.39
CA LYS B 295 5.08 -13.91 -46.72
C LYS B 295 4.56 -14.18 -45.31
N ALA B 296 4.44 -15.45 -44.94
CA ALA B 296 3.92 -15.83 -43.62
C ALA B 296 5.00 -15.63 -42.54
N ILE B 297 6.26 -15.72 -42.93
CA ILE B 297 7.33 -15.61 -41.94
C ILE B 297 7.56 -14.13 -41.70
N ILE B 298 6.92 -13.60 -40.64
CA ILE B 298 6.97 -12.20 -40.28
C ILE B 298 8.03 -11.90 -39.23
N GLY B 299 8.74 -12.91 -38.74
CA GLY B 299 9.70 -12.69 -37.68
C GLY B 299 10.58 -13.91 -37.48
N VAL B 300 11.75 -13.65 -36.90
CA VAL B 300 12.66 -14.70 -36.48
C VAL B 300 13.23 -14.32 -35.13
N MET B 301 13.83 -15.30 -34.48
CA MET B 301 14.44 -15.16 -33.17
C MET B 301 15.79 -15.87 -33.21
N VAL B 302 16.84 -15.22 -32.73
CA VAL B 302 18.20 -15.76 -32.84
C VAL B 302 18.95 -15.46 -31.55
N GLU B 303 19.76 -16.42 -31.12
CA GLU B 303 20.56 -16.29 -29.89
C GLU B 303 21.98 -15.91 -30.28
N SER B 304 22.37 -14.67 -30.03
CA SER B 304 23.68 -14.17 -30.48
C SER B 304 24.38 -13.37 -29.40
N HIS B 305 25.71 -13.44 -29.39
CA HIS B 305 26.50 -12.59 -28.46
C HIS B 305 27.70 -12.09 -29.24
N LEU B 306 28.64 -11.47 -28.55
CA LEU B 306 29.89 -10.98 -29.16
C LEU B 306 30.79 -12.19 -29.49
N VAL B 307 31.00 -13.06 -28.52
CA VAL B 307 31.86 -14.27 -28.71
C VAL B 307 30.94 -15.49 -28.79
N GLU B 308 31.24 -16.43 -29.68
CA GLU B 308 30.34 -17.58 -29.92
C GLU B 308 30.38 -18.63 -28.82
N GLY B 309 29.31 -19.40 -28.67
CA GLY B 309 29.31 -20.53 -27.73
C GLY B 309 28.79 -20.23 -26.34
N ASN B 310 29.28 -20.99 -25.35
CA ASN B 310 28.86 -20.80 -23.95
C ASN B 310 29.99 -21.13 -22.98
N GLN B 311 29.77 -20.83 -21.70
CA GLN B 311 30.76 -21.10 -20.64
C GLN B 311 29.94 -21.34 -19.38
N SER B 312 30.58 -21.86 -18.32
CA SER B 312 29.87 -22.09 -17.05
C SER B 312 30.50 -21.25 -15.93
N LEU B 313 29.66 -20.69 -15.06
CA LEU B 313 30.18 -19.93 -13.90
C LEU B 313 31.09 -20.81 -13.03
N GLU B 314 31.11 -22.13 -13.27
CA GLU B 314 32.04 -23.06 -12.56
C GLU B 314 33.16 -23.49 -13.50
N LEU B 319 33.68 -15.58 -16.73
CA LEU B 319 35.14 -15.32 -16.83
C LEU B 319 35.45 -14.66 -18.18
N ALA B 320 35.13 -15.32 -19.29
CA ALA B 320 35.30 -14.69 -20.62
C ALA B 320 34.30 -13.53 -20.81
N TYR B 321 34.66 -12.57 -21.66
CA TYR B 321 33.80 -11.41 -21.95
C TYR B 321 32.95 -11.68 -23.19
N GLY B 322 31.67 -11.33 -23.15
CA GLY B 322 30.82 -11.43 -24.35
C GLY B 322 30.40 -12.83 -24.69
N LYS B 323 30.66 -13.76 -23.80
CA LYS B 323 30.31 -15.19 -24.04
C LYS B 323 29.19 -15.60 -23.09
N SER B 324 28.16 -16.26 -23.62
CA SER B 324 27.01 -16.72 -22.78
C SER B 324 27.44 -17.60 -21.62
N ILE B 325 26.86 -17.36 -20.45
CA ILE B 325 27.10 -18.25 -19.29
C ILE B 325 25.89 -19.20 -19.26
N THR B 326 25.10 -19.18 -20.34
CA THR B 326 23.89 -20.06 -20.46
C THR B 326 23.96 -20.83 -21.77
N ASP B 327 22.92 -20.72 -22.61
CA ASP B 327 22.88 -21.47 -23.89
C ASP B 327 23.91 -20.90 -24.87
N ALA B 328 24.47 -21.79 -25.69
CA ALA B 328 25.45 -21.37 -26.70
C ALA B 328 24.80 -20.43 -27.72
N CYS B 329 25.53 -19.39 -28.08
CA CYS B 329 25.01 -18.40 -29.06
C CYS B 329 26.02 -18.27 -30.19
N ILE B 330 25.54 -17.92 -31.38
CA ILE B 330 26.46 -17.60 -32.51
C ILE B 330 27.21 -16.32 -32.13
N GLY B 331 28.41 -16.14 -32.66
CA GLY B 331 29.23 -14.94 -32.39
C GLY B 331 28.90 -13.78 -33.30
N TRP B 332 29.72 -12.74 -33.28
CA TRP B 332 29.38 -11.51 -34.04
C TRP B 332 29.48 -11.70 -35.56
N GLU B 333 30.55 -12.34 -36.02
CA GLU B 333 30.75 -12.52 -37.47
C GLU B 333 29.53 -13.26 -38.05
N ASP B 334 29.10 -14.34 -37.41
CA ASP B 334 27.94 -15.13 -37.90
C ASP B 334 26.67 -14.26 -37.81
N THR B 335 26.60 -13.44 -36.77
CA THR B 335 25.42 -12.54 -36.56
C THR B 335 25.38 -11.51 -37.69
N ASP B 336 26.54 -10.91 -38.00
CA ASP B 336 26.57 -9.95 -39.15
C ASP B 336 26.12 -10.66 -40.42
N ALA B 337 26.67 -11.83 -40.69
CA ALA B 337 26.30 -12.60 -41.89
C ALA B 337 24.83 -13.02 -41.87
N LEU B 338 24.32 -13.50 -40.74
CA LEU B 338 22.91 -13.97 -40.67
C LEU B 338 21.97 -12.81 -40.97
N LEU B 339 22.25 -11.63 -40.43
CA LEU B 339 21.31 -10.51 -40.60
C LEU B 339 21.27 -10.06 -42.06
N ARG B 340 22.43 -10.01 -42.72
CA ARG B 340 22.48 -9.64 -44.15
C ARG B 340 21.79 -10.72 -44.99
N GLN B 341 22.00 -11.99 -44.66
CA GLN B 341 21.33 -13.10 -45.39
C GLN B 341 19.81 -12.88 -45.36
N LEU B 342 19.26 -12.52 -44.19
CA LEU B 342 17.83 -12.30 -44.08
C LEU B 342 17.41 -11.07 -44.86
N ALA B 343 18.18 -9.97 -44.76
CA ALA B 343 17.82 -8.75 -45.47
C ALA B 343 17.84 -8.96 -46.98
N ASN B 344 18.80 -9.73 -47.49
CA ASN B 344 18.82 -10.05 -48.92
C ASN B 344 17.59 -10.88 -49.29
N ALA B 345 17.24 -11.88 -48.47
CA ALA B 345 16.01 -12.65 -48.68
C ALA B 345 14.77 -11.76 -48.73
N VAL B 346 14.68 -10.78 -47.84
CA VAL B 346 13.51 -9.86 -47.85
C VAL B 346 13.53 -9.03 -49.14
N LYS B 347 14.72 -8.61 -49.60
CA LYS B 347 14.84 -7.81 -50.84
C LYS B 347 14.34 -8.65 -52.01
N ALA B 348 14.74 -9.91 -52.05
CA ALA B 348 14.30 -10.83 -53.12
C ALA B 348 12.78 -10.89 -53.12
N ARG B 349 12.20 -11.39 -52.03
CA ARG B 349 10.74 -11.56 -51.94
C ARG B 349 10.04 -10.27 -52.35
N ARG B 350 10.66 -9.13 -52.09
CA ARG B 350 10.00 -7.82 -52.37
C ARG B 350 9.85 -7.65 -53.88
N GLY B 351 10.92 -7.88 -54.65
CA GLY B 351 10.89 -7.68 -56.11
C GLY B 351 10.07 -6.46 -56.49
N ASP C 8 14.96 6.88 10.56
CA ASP C 8 16.36 6.47 10.45
C ASP C 8 17.01 6.25 11.83
N LEU C 9 17.70 7.27 12.35
CA LEU C 9 18.54 7.09 13.54
C LEU C 9 17.76 7.11 14.85
N ARG C 10 16.64 7.83 14.91
CA ARG C 10 15.86 7.92 16.14
C ARG C 10 14.56 7.10 16.06
N ILE C 11 14.45 6.23 15.06
CA ILE C 11 13.26 5.33 14.94
C ILE C 11 13.68 3.92 15.39
N LYS C 12 13.07 3.41 16.46
CA LYS C 12 13.50 2.10 17.03
C LYS C 12 12.78 0.93 16.33
N GLU C 13 11.49 1.04 16.13
CA GLU C 13 10.76 -0.11 15.57
C GLU C 13 9.57 0.37 14.75
N ILE C 14 9.31 -0.29 13.62
CA ILE C 14 8.09 0.00 12.82
C ILE C 14 7.28 -1.30 12.86
N LYS C 15 6.01 -1.19 13.22
CA LYS C 15 5.13 -2.38 13.33
C LYS C 15 3.91 -2.24 12.42
N GLU C 16 3.32 -3.37 12.05
CA GLU C 16 2.24 -3.32 11.08
C GLU C 16 0.96 -2.81 11.71
N LEU C 17 0.23 -1.98 10.96
CA LEU C 17 -0.99 -1.36 11.43
C LEU C 17 -2.11 -1.81 10.51
N LEU C 18 -3.16 -2.37 11.09
CA LEU C 18 -4.33 -2.71 10.31
C LEU C 18 -4.81 -1.46 9.58
N PRO C 19 -5.09 -1.56 8.25
CA PRO C 19 -5.67 -0.46 7.53
C PRO C 19 -7.13 -0.26 8.00
N PRO C 20 -7.68 0.96 7.89
CA PRO C 20 -9.09 1.19 8.24
C PRO C 20 -10.11 0.22 7.60
N VAL C 21 -9.89 -0.20 6.36
CA VAL C 21 -10.80 -1.16 5.66
CA VAL C 21 -10.80 -1.17 5.66
C VAL C 21 -10.91 -2.54 6.34
N ALA C 22 -9.88 -2.86 7.12
CA ALA C 22 -9.90 -4.13 7.89
C ALA C 22 -10.82 -3.98 9.10
N LEU C 23 -10.84 -2.78 9.68
CA LEU C 23 -11.74 -2.50 10.82
C LEU C 23 -13.16 -2.29 10.31
N LEU C 24 -13.30 -1.63 9.16
CA LEU C 24 -14.64 -1.39 8.57
C LEU C 24 -15.26 -2.72 8.08
N GLU C 25 -14.46 -3.63 7.56
CA GLU C 25 -14.96 -4.95 7.11
C GLU C 25 -15.33 -5.84 8.32
N LYS C 26 -14.51 -5.85 9.39
CA LYS C 26 -14.80 -6.65 10.62
C LYS C 26 -16.00 -6.05 11.37
N PHE C 27 -16.05 -4.74 11.48
CA PHE C 27 -17.11 -4.07 12.27
C PHE C 27 -17.85 -3.10 11.33
N PRO C 28 -18.66 -3.63 10.41
CA PRO C 28 -19.44 -2.78 9.51
C PRO C 28 -20.68 -2.18 10.16
N ALA C 29 -21.00 -0.95 9.81
CA ALA C 29 -22.24 -0.38 10.31
C ALA C 29 -23.44 -1.26 9.96
N THR C 30 -24.23 -1.63 10.98
CA THR C 30 -25.49 -2.36 10.69
C THR C 30 -26.50 -1.33 10.17
N GLU C 31 -27.73 -1.67 9.88
CA GLU C 31 -28.62 -0.61 9.32
C GLU C 31 -28.97 0.42 10.40
N ASN C 32 -29.15 -0.05 11.63
CA ASN C 32 -29.54 0.84 12.75
C ASN C 32 -28.43 1.85 13.01
N ALA C 33 -27.19 1.40 13.02
CA ALA C 33 -26.03 2.27 13.32
C ALA C 33 -25.92 3.40 12.31
N ALA C 34 -26.06 3.08 11.03
CA ALA C 34 -25.97 4.09 9.97
C ALA C 34 -27.17 5.02 10.08
N ASN C 35 -28.34 4.44 10.37
CA ASN C 35 -29.48 5.33 10.61
C ASN C 35 -29.21 6.23 11.80
N THR C 36 -28.75 5.66 12.92
CA THR C 36 -28.47 6.47 14.09
C THR C 36 -27.52 7.61 13.74
N VAL C 37 -26.46 7.29 13.02
CA VAL C 37 -25.48 8.31 12.66
C VAL C 37 -26.11 9.33 11.72
N ALA C 38 -26.86 8.86 10.72
CA ALA C 38 -27.41 9.77 9.72
C ALA C 38 -28.42 10.73 10.33
N HIS C 39 -29.34 10.21 11.16
CA HIS C 39 -30.35 11.07 11.78
C HIS C 39 -29.72 12.08 12.72
N ALA C 40 -28.75 11.64 13.52
CA ALA C 40 -28.17 12.54 14.50
C ALA C 40 -27.36 13.62 13.82
N ARG C 41 -26.64 13.26 12.75
CA ARG C 41 -25.94 14.27 11.98
C ARG C 41 -26.90 15.31 11.42
N LYS C 42 -28.02 14.85 10.84
CA LYS C 42 -29.02 15.77 10.30
C LYS C 42 -29.67 16.61 11.41
N ALA C 43 -29.97 15.98 12.57
CA ALA C 43 -30.61 16.73 13.66
C ALA C 43 -29.69 17.81 14.22
N ILE C 44 -28.38 17.55 14.30
CA ILE C 44 -27.45 18.57 14.79
C ILE C 44 -27.27 19.67 13.74
N HIS C 45 -27.23 19.30 12.46
CA HIS C 45 -27.16 20.29 11.39
C HIS C 45 -28.38 21.20 11.44
N LYS C 46 -29.57 20.62 11.53
CA LYS C 46 -30.77 21.42 11.67
C LYS C 46 -30.68 22.33 12.90
N ILE C 47 -30.10 21.84 13.99
CA ILE C 47 -29.97 22.68 15.18
C ILE C 47 -29.00 23.82 14.93
N LEU C 48 -27.87 23.54 14.28
CA LEU C 48 -26.91 24.59 14.01
C LEU C 48 -27.49 25.65 13.07
N LYS C 49 -28.37 25.25 12.15
CA LYS C 49 -28.98 26.17 11.21
C LYS C 49 -30.15 26.94 11.82
N GLY C 50 -30.49 26.68 13.08
CA GLY C 50 -31.55 27.42 13.75
C GLY C 50 -32.95 26.95 13.45
N ASN C 51 -33.12 25.76 12.87
CA ASN C 51 -34.45 25.26 12.55
C ASN C 51 -34.99 24.32 13.60
N ASP C 52 -34.34 24.24 14.77
CA ASP C 52 -34.81 23.38 15.83
C ASP C 52 -34.33 23.97 17.14
N ASP C 53 -35.25 24.17 18.06
CA ASP C 53 -34.92 24.86 19.31
C ASP C 53 -34.35 23.92 20.36
N ARG C 54 -34.16 22.63 20.02
CA ARG C 54 -33.68 21.63 20.97
C ARG C 54 -32.20 21.82 21.26
N LEU C 55 -31.80 21.42 22.48
CA LEU C 55 -30.42 21.60 22.93
C LEU C 55 -29.61 20.33 22.68
N LEU C 56 -28.42 20.50 22.09
CA LEU C 56 -27.49 19.39 21.87
C LEU C 56 -26.75 19.12 23.18
N VAL C 57 -26.83 17.90 23.67
CA VAL C 57 -26.16 17.51 24.91
C VAL C 57 -25.22 16.36 24.58
N VAL C 58 -23.91 16.65 24.59
CA VAL C 58 -22.90 15.61 24.49
C VAL C 58 -22.47 15.30 25.92
N ILE C 59 -22.61 14.03 26.31
CA ILE C 59 -22.50 13.69 27.72
C ILE C 59 -22.01 12.25 27.84
N GLY C 60 -21.09 12.03 28.78
CA GLY C 60 -20.51 10.72 28.94
C GLY C 60 -19.12 10.80 29.55
N PRO C 61 -18.48 9.64 29.67
CA PRO C 61 -17.23 9.57 30.44
C PRO C 61 -16.13 10.44 29.84
N CYS C 62 -15.24 10.91 30.71
CA CYS C 62 -14.02 11.56 30.24
C CYS C 62 -13.38 10.72 29.13
N SER C 63 -13.11 9.44 29.41
CA SER C 63 -12.73 8.52 28.35
C SER C 63 -13.15 7.13 28.80
N ILE C 64 -13.20 6.21 27.85
CA ILE C 64 -13.67 4.85 28.08
C ILE C 64 -12.46 3.98 28.40
N HIS C 65 -12.54 3.25 29.50
CA HIS C 65 -11.59 2.18 29.72
C HIS C 65 -12.25 0.83 29.81
N ASP C 66 -13.57 0.77 29.88
CA ASP C 66 -14.23 -0.50 30.04
C ASP C 66 -15.47 -0.54 29.16
N PRO C 67 -15.43 -1.30 28.06
CA PRO C 67 -16.62 -1.42 27.19
C PRO C 67 -17.89 -1.84 27.93
N VAL C 68 -17.78 -2.67 28.95
CA VAL C 68 -18.97 -3.13 29.66
C VAL C 68 -19.66 -1.96 30.35
N ALA C 69 -18.91 -1.21 31.16
CA ALA C 69 -19.46 -0.02 31.80
C ALA C 69 -19.97 1.00 30.78
N ALA C 70 -19.25 1.16 29.67
CA ALA C 70 -19.69 2.06 28.60
C ALA C 70 -21.06 1.66 28.05
N LYS C 71 -21.29 0.36 27.83
CA LYS C 71 -22.59 -0.08 27.31
C LYS C 71 -23.70 0.04 28.35
N GLU C 72 -23.43 -0.25 29.63
CA GLU C 72 -24.46 0.01 30.64
C GLU C 72 -24.80 1.49 30.68
N TYR C 73 -23.79 2.36 30.62
CA TYR C 73 -24.05 3.80 30.60
C TYR C 73 -24.89 4.17 29.37
N ALA C 74 -24.51 3.64 28.20
CA ALA C 74 -25.27 3.87 26.99
C ALA C 74 -26.74 3.49 27.15
N THR C 75 -27.00 2.34 27.77
CA THR C 75 -28.38 1.91 28.01
C THR C 75 -29.13 2.96 28.84
N ARG C 76 -28.57 3.36 29.99
CA ARG C 76 -29.21 4.38 30.81
C ARG C 76 -29.41 5.68 30.03
N LEU C 77 -28.35 6.15 29.35
CA LEU C 77 -28.48 7.39 28.61
C LEU C 77 -29.52 7.26 27.49
N LEU C 78 -29.54 6.10 26.81
CA LEU C 78 -30.50 5.92 25.71
C LEU C 78 -31.92 6.12 26.19
N ALA C 79 -32.26 5.57 27.38
CA ALA C 79 -33.60 5.72 27.92
C ALA C 79 -33.95 7.19 28.14
N LEU C 80 -32.99 8.01 28.57
CA LEU C 80 -33.25 9.44 28.75
C LEU C 80 -33.25 10.21 27.45
N ARG C 81 -32.46 9.74 26.47
CA ARG C 81 -32.56 10.32 25.14
C ARG C 81 -33.97 10.18 24.60
N GLU C 82 -34.58 9.01 24.79
CA GLU C 82 -35.95 8.82 24.35
C GLU C 82 -36.90 9.73 25.12
N GLU C 83 -36.77 9.77 26.44
CA GLU C 83 -37.74 10.50 27.25
C GLU C 83 -37.65 12.00 27.07
N LEU C 84 -36.48 12.53 26.71
CA LEU C 84 -36.29 13.96 26.63
C LEU C 84 -36.09 14.44 25.19
N LYS C 85 -36.33 13.56 24.22
CA LYS C 85 -36.06 13.90 22.79
C LYS C 85 -36.75 15.21 22.41
N ASP C 86 -37.90 15.55 22.95
CA ASP C 86 -38.61 16.76 22.44
C ASP C 86 -37.84 18.05 22.80
N GLU C 87 -36.95 17.97 23.78
CA GLU C 87 -36.21 19.19 24.22
C GLU C 87 -34.70 19.01 24.01
N LEU C 88 -34.22 17.76 24.02
CA LEU C 88 -32.75 17.56 23.96
C LEU C 88 -32.31 16.52 22.95
N GLU C 89 -31.24 16.82 22.21
CA GLU C 89 -30.62 15.84 21.30
C GLU C 89 -29.45 15.25 22.09
N ILE C 90 -29.65 14.07 22.67
CA ILE C 90 -28.60 13.48 23.57
C ILE C 90 -27.63 12.60 22.79
N VAL C 91 -26.37 12.98 22.80
CA VAL C 91 -25.31 12.21 22.15
C VAL C 91 -24.32 11.76 23.22
N MET C 92 -23.98 10.48 23.24
CA MET C 92 -23.10 10.01 24.29
C MET C 92 -21.64 10.33 23.94
N ARG C 93 -20.92 10.90 24.91
CA ARG C 93 -19.49 11.13 24.75
C ARG C 93 -18.76 9.80 24.77
N VAL C 94 -18.12 9.46 23.64
CA VAL C 94 -17.34 8.23 23.54
C VAL C 94 -15.89 8.56 23.19
N TYR C 95 -15.10 8.96 24.18
CA TYR C 95 -13.69 9.30 23.97
C TYR C 95 -12.80 8.13 24.37
N PHE C 96 -11.70 7.98 23.64
CA PHE C 96 -10.80 6.83 23.85
C PHE C 96 -9.41 7.32 24.20
N GLU C 97 -9.32 8.54 24.74
CA GLU C 97 -8.01 9.04 25.21
C GLU C 97 -8.16 10.28 26.08
N LYS C 98 -7.37 10.39 27.14
CA LYS C 98 -7.33 11.67 27.90
C LYS C 98 -6.01 12.33 27.55
N PRO C 99 -6.00 13.32 26.63
CA PRO C 99 -4.76 13.97 26.23
C PRO C 99 -4.02 14.55 27.44
N ARG C 100 -2.73 14.21 27.59
CA ARG C 100 -1.90 14.67 28.73
C ARG C 100 -0.42 14.69 28.35
N THR C 101 0.31 15.74 28.75
CA THR C 101 1.77 15.79 28.52
C THR C 101 2.44 15.14 29.71
N THR C 102 1.64 14.77 30.70
CA THR C 102 2.16 14.11 31.92
C THR C 102 2.37 12.64 31.65
N VAL C 103 2.67 11.88 32.69
CA VAL C 103 2.80 10.40 32.53
C VAL C 103 1.40 9.84 32.74
N GLY C 104 1.07 8.71 32.12
CA GLY C 104 -0.25 8.15 32.41
C GLY C 104 -0.85 7.31 31.32
N TRP C 105 -1.88 6.52 31.66
CA TRP C 105 -2.61 5.71 30.67
C TRP C 105 -2.89 6.58 29.45
N LYS C 106 -2.56 6.06 28.28
CA LYS C 106 -2.71 6.86 27.04
C LYS C 106 -4.06 6.56 26.37
N GLY C 107 -4.98 5.87 27.06
CA GLY C 107 -6.32 5.64 26.51
C GLY C 107 -6.55 4.23 25.98
N LEU C 108 -7.79 3.92 25.60
CA LEU C 108 -8.18 2.55 25.19
C LEU C 108 -7.52 2.10 23.87
N ILE C 109 -7.35 3.01 22.92
CA ILE C 109 -6.75 2.65 21.60
C ILE C 109 -5.23 2.48 21.74
N ASN C 110 -4.58 3.39 22.46
CA ASN C 110 -3.13 3.19 22.61
C ASN C 110 -2.80 2.01 23.50
N ASP C 111 -3.65 1.74 24.49
CA ASP C 111 -3.30 0.81 25.56
C ASP C 111 -4.59 0.22 26.14
N PRO C 112 -5.28 -0.62 25.37
CA PRO C 112 -6.59 -1.13 25.82
C PRO C 112 -6.52 -1.95 27.08
N HIS C 113 -5.42 -2.67 27.31
CA HIS C 113 -5.34 -3.58 28.43
C HIS C 113 -4.76 -2.90 29.66
N MET C 114 -4.48 -1.60 29.57
CA MET C 114 -4.16 -0.77 30.73
C MET C 114 -2.90 -1.28 31.43
N ASP C 115 -1.84 -1.49 30.64
CA ASP C 115 -0.63 -2.10 31.17
C ASP C 115 0.61 -1.72 30.36
N ASN C 116 0.50 -0.73 29.47
CA ASN C 116 1.64 -0.25 28.63
C ASN C 116 2.01 -1.29 27.58
N SER C 117 1.08 -2.20 27.27
CA SER C 117 1.31 -3.19 26.21
C SER C 117 1.21 -2.51 24.83
N PHE C 118 0.74 -1.27 24.79
CA PHE C 118 0.55 -0.53 23.51
C PHE C 118 0.05 -1.48 22.41
N GLN C 119 -1.10 -2.13 22.63
CA GLN C 119 -1.72 -3.03 21.63
C GLN C 119 -2.69 -2.20 20.78
N ILE C 120 -2.14 -1.41 19.86
CA ILE C 120 -2.96 -0.44 19.12
C ILE C 120 -3.97 -1.12 18.20
N ASN C 121 -3.56 -2.21 17.52
CA ASN C 121 -4.50 -2.94 16.68
C ASN C 121 -5.66 -3.52 17.49
N ASP C 122 -5.37 -4.04 18.70
CA ASP C 122 -6.46 -4.48 19.60
C ASP C 122 -7.32 -3.29 20.03
N GLY C 123 -6.68 -2.16 20.36
CA GLY C 123 -7.45 -1.02 20.79
C GLY C 123 -8.43 -0.55 19.73
N LEU C 124 -7.96 -0.48 18.48
CA LEU C 124 -8.83 -0.07 17.39
C LEU C 124 -10.00 -1.03 17.24
N ARG C 125 -9.77 -2.33 17.37
CA ARG C 125 -10.88 -3.28 17.31
C ARG C 125 -11.86 -3.04 18.43
N ILE C 126 -11.35 -2.86 19.64
CA ILE C 126 -12.24 -2.64 20.79
C ILE C 126 -13.00 -1.34 20.63
N ALA C 127 -12.30 -0.27 20.21
CA ALA C 127 -12.95 1.04 20.11
C ALA C 127 -14.03 1.04 19.03
N ARG C 128 -13.74 0.45 17.86
CA ARG C 128 -14.72 0.45 16.79
C ARG C 128 -15.90 -0.44 17.12
N LYS C 129 -15.65 -1.59 17.74
CA LYS C 129 -16.75 -2.45 18.14
C LYS C 129 -17.66 -1.74 19.15
N LEU C 130 -17.09 -1.01 20.09
CA LEU C 130 -17.91 -0.36 21.11
C LEU C 130 -18.79 0.71 20.47
N LEU C 131 -18.17 1.54 19.66
CA LEU C 131 -18.88 2.57 18.93
C LEU C 131 -20.00 1.97 18.08
N LEU C 132 -19.71 0.89 17.36
CA LEU C 132 -20.75 0.19 16.60
C LEU C 132 -21.91 -0.20 17.50
N ASP C 133 -21.60 -0.91 18.61
CA ASP C 133 -22.66 -1.42 19.49
C ASP C 133 -23.54 -0.30 20.01
N ILE C 134 -22.93 0.84 20.38
CA ILE C 134 -23.70 1.97 20.88
C ILE C 134 -24.61 2.54 19.79
N ASN C 135 -24.05 2.81 18.59
CA ASN C 135 -24.87 3.35 17.51
C ASN C 135 -25.97 2.38 17.13
N ASP C 136 -25.66 1.09 17.13
CA ASP C 136 -26.65 0.08 16.75
C ASP C 136 -27.82 0.03 17.73
N SER C 137 -27.55 0.29 19.02
CA SER C 137 -28.63 0.35 20.01
C SER C 137 -29.52 1.57 19.79
N GLY C 138 -29.05 2.57 19.06
CA GLY C 138 -29.83 3.76 18.77
C GLY C 138 -29.28 5.02 19.39
N LEU C 139 -28.13 4.93 20.06
CA LEU C 139 -27.54 6.07 20.72
C LEU C 139 -26.43 6.67 19.87
N PRO C 140 -26.53 7.91 19.44
CA PRO C 140 -25.44 8.51 18.67
C PRO C 140 -24.23 8.73 19.55
N ALA C 141 -23.07 8.90 18.93
CA ALA C 141 -21.81 8.97 19.65
C ALA C 141 -21.05 10.21 19.24
N ALA C 142 -20.34 10.81 20.19
CA ALA C 142 -19.47 11.95 19.92
C ALA C 142 -18.02 11.54 20.11
N GLY C 143 -17.15 12.05 19.24
CA GLY C 143 -15.76 11.68 19.24
C GLY C 143 -14.86 12.88 19.47
N GLU C 144 -13.59 12.58 19.70
CA GLU C 144 -12.55 13.61 19.78
C GLU C 144 -11.45 13.26 18.80
N PHE C 145 -11.04 14.23 17.99
CA PHE C 145 -10.05 14.04 16.94
C PHE C 145 -8.74 14.66 17.39
N LEU C 146 -7.76 13.81 17.65
CA LEU C 146 -6.45 14.20 18.14
C LEU C 146 -5.33 14.02 17.11
N ASP C 147 -5.54 13.16 16.11
CA ASP C 147 -4.57 12.89 15.06
C ASP C 147 -5.31 12.67 13.77
N MET C 148 -4.56 12.52 12.69
CA MET C 148 -5.10 12.37 11.36
C MET C 148 -5.38 10.91 10.98
N ILE C 149 -4.75 9.96 11.65
CA ILE C 149 -4.81 8.57 11.24
C ILE C 149 -5.99 7.83 11.88
N THR C 150 -6.19 8.06 13.16
CA THR C 150 -7.22 7.37 13.91
C THR C 150 -8.65 7.61 13.42
N PRO C 151 -9.06 8.83 13.07
CA PRO C 151 -10.47 9.03 12.67
C PRO C 151 -10.96 8.11 11.55
N GLN C 152 -10.09 7.73 10.58
CA GLN C 152 -10.52 6.88 9.48
C GLN C 152 -11.11 5.56 9.96
N TYR C 153 -10.70 5.10 11.14
CA TYR C 153 -11.21 3.86 11.70
C TYR C 153 -12.55 4.03 12.38
N LEU C 154 -12.96 5.26 12.70
CA LEU C 154 -14.09 5.47 13.61
C LEU C 154 -15.12 6.48 13.12
N ALA C 155 -14.72 7.41 12.25
CA ALA C 155 -15.52 8.60 11.98
C ALA C 155 -16.90 8.25 11.43
N ASP C 156 -17.01 7.17 10.68
CA ASP C 156 -18.33 6.81 10.14
C ASP C 156 -19.35 6.49 11.22
N LEU C 157 -18.92 6.28 12.47
CA LEU C 157 -19.83 6.03 13.58
C LEU C 157 -19.91 7.21 14.54
N MET C 158 -19.41 8.38 14.16
CA MET C 158 -19.49 9.55 15.02
CA MET C 158 -19.46 9.57 15.00
C MET C 158 -20.45 10.57 14.43
N SER C 159 -21.40 11.01 15.26
CA SER C 159 -22.39 12.00 14.88
C SER C 159 -21.92 13.42 15.13
N TRP C 160 -20.83 13.58 15.86
CA TRP C 160 -20.30 14.87 16.25
C TRP C 160 -18.90 14.61 16.73
N GLY C 161 -18.01 15.57 16.48
CA GLY C 161 -16.66 15.46 16.97
C GLY C 161 -16.17 16.80 17.50
N ALA C 162 -15.16 16.71 18.34
CA ALA C 162 -14.46 17.89 18.84
C ALA C 162 -12.99 17.76 18.47
N ILE C 163 -12.38 18.85 18.13
CA ILE C 163 -10.95 18.83 17.88
C ILE C 163 -10.25 19.03 19.21
N GLY C 164 -9.16 18.31 19.44
CA GLY C 164 -8.34 18.49 20.63
C GLY C 164 -7.93 19.94 20.89
N ALA C 165 -8.14 20.40 22.13
CA ALA C 165 -7.90 21.80 22.46
C ALA C 165 -6.47 22.22 22.14
N ARG C 166 -5.51 21.32 22.28
CA ARG C 166 -4.11 21.60 21.99
C ARG C 166 -3.80 21.57 20.49
N THR C 167 -4.82 21.39 19.64
CA THR C 167 -4.62 21.33 18.20
C THR C 167 -5.55 22.29 17.44
N THR C 168 -6.25 23.18 18.16
CA THR C 168 -7.27 24.03 17.53
C THR C 168 -6.68 24.96 16.46
N GLU C 169 -5.42 25.38 16.62
CA GLU C 169 -4.81 26.27 15.64
C GLU C 169 -3.88 25.53 14.70
N SER C 170 -3.87 24.20 14.76
CA SER C 170 -3.12 23.37 13.81
C SER C 170 -3.81 23.41 12.44
N GLN C 171 -3.03 23.69 11.40
CA GLN C 171 -3.59 23.66 10.06
C GLN C 171 -4.13 22.28 9.73
N VAL C 172 -3.35 21.24 10.04
CA VAL C 172 -3.68 19.90 9.61
C VAL C 172 -4.97 19.41 10.28
N HIS C 173 -5.18 19.76 11.55
CA HIS C 173 -6.43 19.40 12.24
C HIS C 173 -7.59 20.23 11.74
N ARG C 174 -7.35 21.49 11.36
CA ARG C 174 -8.41 22.26 10.72
C ARG C 174 -8.76 21.70 9.35
N GLU C 175 -7.77 21.19 8.61
CA GLU C 175 -8.03 20.59 7.31
C GLU C 175 -8.78 19.27 7.47
N LEU C 176 -8.37 18.46 8.45
CA LEU C 176 -9.11 17.23 8.77
C LEU C 176 -10.59 17.52 8.97
N ALA C 177 -10.90 18.52 9.80
CA ALA C 177 -12.28 18.90 10.07
C ALA C 177 -13.03 19.28 8.79
N SER C 178 -12.34 19.95 7.86
CA SER C 178 -12.97 20.32 6.59
C SER C 178 -13.38 19.11 5.76
N GLY C 179 -12.84 17.93 6.04
CA GLY C 179 -13.23 16.72 5.34
C GLY C 179 -14.11 15.76 6.11
N LEU C 180 -14.48 16.09 7.35
CA LEU C 180 -15.25 15.16 8.15
C LEU C 180 -16.74 15.23 7.80
N SER C 181 -17.44 14.10 7.96
CA SER C 181 -18.85 14.01 7.62
C SER C 181 -19.78 14.41 8.75
N CYS C 182 -19.25 14.81 9.90
CA CYS C 182 -20.03 15.17 11.06
C CYS C 182 -19.74 16.60 11.47
N PRO C 183 -20.61 17.23 12.26
CA PRO C 183 -20.28 18.54 12.84
C PRO C 183 -19.06 18.45 13.75
N VAL C 184 -18.34 19.56 13.86
CA VAL C 184 -17.09 19.63 14.60
C VAL C 184 -17.15 20.82 15.54
N GLY C 185 -16.79 20.59 16.80
CA GLY C 185 -16.71 21.65 17.80
C GLY C 185 -15.27 22.08 18.00
N PHE C 186 -15.07 23.39 18.12
CA PHE C 186 -13.74 23.98 18.31
C PHE C 186 -13.71 24.73 19.62
N LYS C 187 -12.72 24.43 20.45
CA LYS C 187 -12.63 24.96 21.81
C LYS C 187 -11.91 26.31 21.81
N ASN C 188 -12.38 27.23 22.68
CA ASN C 188 -11.72 28.52 22.83
C ASN C 188 -10.27 28.31 23.29
N GLY C 189 -9.46 29.37 23.24
CA GLY C 189 -8.08 29.27 23.66
C GLY C 189 -7.95 29.15 25.18
N THR C 190 -6.81 28.66 25.64
CA THR C 190 -6.62 28.40 27.10
C THR C 190 -6.69 29.69 27.93
N ASP C 191 -6.49 30.85 27.31
CA ASP C 191 -6.59 32.14 28.01
C ASP C 191 -8.04 32.64 27.94
N GLY C 192 -8.91 31.90 27.26
CA GLY C 192 -10.31 32.30 27.11
C GLY C 192 -10.59 33.02 25.81
N THR C 193 -9.56 33.24 24.99
CA THR C 193 -9.71 33.95 23.69
C THR C 193 -10.45 33.05 22.69
N ILE C 194 -11.40 33.63 21.95
CA ILE C 194 -12.22 32.84 20.99
C ILE C 194 -11.67 33.00 19.57
N LYS C 195 -10.53 33.68 19.40
CA LYS C 195 -9.94 33.97 18.06
C LYS C 195 -9.49 32.69 17.35
N VAL C 196 -8.76 31.84 18.04
CA VAL C 196 -8.25 30.62 17.36
C VAL C 196 -9.47 29.75 17.02
N ALA C 197 -10.53 29.83 17.82
CA ALA C 197 -11.69 29.03 17.43
C ALA C 197 -12.37 29.60 16.18
N ILE C 198 -12.45 30.93 16.07
CA ILE C 198 -13.04 31.54 14.88
C ILE C 198 -12.20 31.24 13.64
N ASP C 199 -10.87 31.41 13.75
CA ASP C 199 -9.98 31.03 12.66
C ASP C 199 -10.14 29.57 12.28
N ALA C 200 -10.22 28.68 13.28
CA ALA C 200 -10.46 27.26 13.02
C ALA C 200 -11.80 27.03 12.32
N ILE C 201 -12.86 27.70 12.79
CA ILE C 201 -14.17 27.54 12.16
C ILE C 201 -14.13 28.00 10.70
N ASN C 202 -13.47 29.14 10.44
CA ASN C 202 -13.41 29.62 9.07
C ASN C 202 -12.61 28.67 8.20
N ALA C 203 -11.39 28.32 8.65
CA ALA C 203 -10.54 27.40 7.87
C ALA C 203 -11.27 26.10 7.56
N ALA C 204 -11.96 25.52 8.54
CA ALA C 204 -12.67 24.26 8.33
C ALA C 204 -13.82 24.39 7.34
N GLY C 205 -14.37 25.59 7.18
CA GLY C 205 -15.46 25.78 6.23
C GLY C 205 -15.03 25.79 4.79
N ALA C 206 -13.75 26.03 4.53
CA ALA C 206 -13.15 26.14 3.21
C ALA C 206 -12.70 24.77 2.71
N PRO C 207 -12.76 24.54 1.40
CA PRO C 207 -12.14 23.34 0.83
C PRO C 207 -10.63 23.40 0.91
N HIS C 208 -10.01 22.22 0.95
CA HIS C 208 -8.57 22.14 1.11
C HIS C 208 -8.04 20.98 0.29
N CYS C 209 -6.74 21.05 0.01
CA CYS C 209 -6.04 19.98 -0.69
C CYS C 209 -4.81 19.69 0.14
N PHE C 210 -4.69 18.45 0.60
CA PHE C 210 -3.64 18.14 1.56
C PHE C 210 -3.38 16.64 1.56
N LEU C 211 -2.23 16.27 2.10
CA LEU C 211 -1.83 14.88 2.17
C LEU C 211 -2.46 14.23 3.39
N SER C 212 -2.95 13.01 3.23
CA SER C 212 -3.62 12.29 4.30
C SER C 212 -3.50 10.80 3.99
N VAL C 213 -4.05 9.98 4.88
CA VAL C 213 -4.07 8.53 4.71
C VAL C 213 -5.50 8.10 4.39
N THR C 214 -5.65 7.14 3.47
CA THR C 214 -6.96 6.67 3.05
C THR C 214 -7.41 5.45 3.85
N LYS C 215 -8.63 4.99 3.56
CA LYS C 215 -9.14 3.77 4.18
C LYS C 215 -8.23 2.56 3.96
N TRP C 216 -7.33 2.63 2.98
CA TRP C 216 -6.46 1.52 2.60
C TRP C 216 -5.11 1.57 3.29
N GLY C 217 -4.89 2.53 4.19
CA GLY C 217 -3.62 2.63 4.86
C GLY C 217 -2.50 3.16 4.00
N HIS C 218 -2.84 3.93 2.96
CA HIS C 218 -1.87 4.52 2.05
C HIS C 218 -2.05 6.04 2.06
N SER C 219 -0.93 6.75 2.01
CA SER C 219 -0.99 8.20 1.94
C SER C 219 -1.45 8.62 0.55
N ALA C 220 -2.35 9.58 0.49
CA ALA C 220 -2.84 10.08 -0.78
C ALA C 220 -2.96 11.59 -0.72
N ILE C 221 -3.23 12.19 -1.87
CA ILE C 221 -3.69 13.56 -1.97
C ILE C 221 -5.20 13.56 -1.81
N VAL C 222 -5.70 14.41 -0.94
CA VAL C 222 -7.11 14.47 -0.61
C VAL C 222 -7.60 15.89 -0.85
N ASN C 223 -8.79 15.99 -1.40
CA ASN C 223 -9.48 17.26 -1.57
C ASN C 223 -10.78 17.20 -0.79
N THR C 224 -11.01 18.19 0.05
CA THR C 224 -12.18 18.25 0.90
C THR C 224 -13.12 19.35 0.40
N SER C 225 -14.40 19.19 0.73
CA SER C 225 -15.41 20.14 0.31
C SER C 225 -15.58 21.31 1.27
N GLY C 226 -15.15 21.18 2.51
CA GLY C 226 -15.42 22.21 3.50
C GLY C 226 -16.59 21.83 4.40
N ASN C 227 -16.49 22.16 5.68
CA ASN C 227 -17.47 21.77 6.69
C ASN C 227 -18.10 23.04 7.26
N GLY C 228 -19.36 23.27 6.92
CA GLY C 228 -20.10 24.37 7.49
C GLY C 228 -20.71 24.14 8.86
N ASP C 229 -20.74 22.89 9.33
CA ASP C 229 -21.35 22.55 10.62
C ASP C 229 -20.34 22.60 11.76
N CYS C 230 -19.53 23.66 11.82
CA CYS C 230 -18.59 23.87 12.90
C CYS C 230 -19.03 25.04 13.79
N HIS C 231 -18.66 24.95 15.06
CA HIS C 231 -19.09 25.88 16.09
C HIS C 231 -18.07 25.88 17.20
N ILE C 232 -18.17 26.89 18.08
CA ILE C 232 -17.24 27.05 19.19
C ILE C 232 -17.69 26.21 20.37
N ILE C 233 -16.72 25.76 21.15
CA ILE C 233 -16.93 25.16 22.47
C ILE C 233 -16.35 26.10 23.50
N LEU C 234 -17.19 26.65 24.37
CA LEU C 234 -16.73 27.52 25.45
C LEU C 234 -16.40 26.65 26.66
N ARG C 235 -15.12 26.54 26.99
CA ARG C 235 -14.66 25.59 28.01
C ARG C 235 -13.86 26.32 29.08
N GLY C 236 -13.87 27.64 29.04
CA GLY C 236 -13.20 28.39 30.09
C GLY C 236 -11.79 28.80 29.73
N GLY C 237 -11.21 29.68 30.54
CA GLY C 237 -9.81 30.06 30.35
C GLY C 237 -9.13 30.06 31.70
N LYS C 238 -8.69 31.22 32.17
CA LYS C 238 -8.11 31.33 33.52
C LYS C 238 -9.29 31.50 34.47
N GLU C 239 -10.45 31.83 33.91
CA GLU C 239 -11.68 31.92 34.73
C GLU C 239 -12.81 31.32 33.90
N PRO C 240 -13.85 30.75 34.52
CA PRO C 240 -15.00 30.24 33.79
C PRO C 240 -15.56 31.25 32.78
N ASN C 241 -16.17 30.76 31.71
CA ASN C 241 -16.71 31.65 30.64
C ASN C 241 -18.12 31.18 30.25
N TYR C 242 -18.86 30.63 31.19
CA TYR C 242 -20.23 30.14 30.91
C TYR C 242 -21.31 31.18 31.25
N SER C 243 -20.94 32.26 31.96
CA SER C 243 -21.95 33.19 32.45
C SER C 243 -22.58 33.98 31.31
N ALA C 244 -23.74 34.57 31.56
CA ALA C 244 -24.46 35.33 30.52
C ALA C 244 -23.63 36.49 29.95
N LYS C 245 -22.82 37.13 30.77
CA LYS C 245 -21.93 38.21 30.27
C LYS C 245 -20.96 37.64 29.23
N HIS C 246 -20.38 36.47 29.50
CA HIS C 246 -19.41 35.85 28.57
C HIS C 246 -20.09 35.43 27.26
N VAL C 247 -21.28 34.82 27.35
CA VAL C 247 -22.04 34.36 26.15
C VAL C 247 -22.30 35.57 25.26
N ALA C 248 -22.77 36.67 25.83
CA ALA C 248 -23.03 37.89 25.05
C ALA C 248 -21.74 38.36 24.39
N GLU C 249 -20.65 38.34 25.13
CA GLU C 249 -19.34 38.76 24.59
C GLU C 249 -18.95 37.89 23.40
N VAL C 250 -19.24 36.59 23.44
CA VAL C 250 -18.81 35.68 22.35
C VAL C 250 -19.79 35.80 21.19
N LYS C 251 -21.07 35.96 21.51
CA LYS C 251 -22.13 36.11 20.47
C LYS C 251 -21.80 37.32 19.59
N GLU C 252 -21.28 38.37 20.21
CA GLU C 252 -20.92 39.58 19.47
C GLU C 252 -19.63 39.33 18.70
N GLY C 253 -18.67 38.65 19.31
CA GLY C 253 -17.46 38.32 18.57
C GLY C 253 -17.69 37.41 17.39
N LEU C 254 -18.74 36.58 17.44
CA LEU C 254 -19.02 35.70 16.27
C LEU C 254 -19.77 36.47 15.19
N ASN C 255 -20.70 37.34 15.59
CA ASN C 255 -21.41 38.17 14.59
C ASN C 255 -20.39 39.09 13.90
N LYS C 256 -19.54 39.73 14.68
CA LYS C 256 -18.48 40.59 14.11
C LYS C 256 -17.63 39.81 13.12
N ALA C 257 -17.68 38.47 13.15
CA ALA C 257 -16.78 37.67 12.31
C ALA C 257 -17.56 36.99 11.19
N GLY C 258 -18.87 37.18 11.14
CA GLY C 258 -19.71 36.59 10.08
C GLY C 258 -20.10 35.17 10.38
N LEU C 259 -19.81 34.70 11.59
CA LEU C 259 -20.24 33.33 11.97
C LEU C 259 -21.53 33.42 12.80
N PRO C 260 -22.43 32.43 12.70
CA PRO C 260 -23.66 32.43 13.51
C PRO C 260 -23.36 32.56 15.00
N ALA C 261 -24.19 33.35 15.70
CA ALA C 261 -23.97 33.60 17.14
C ALA C 261 -24.49 32.40 17.90
N GLN C 262 -23.68 31.36 17.96
CA GLN C 262 -24.10 30.10 18.60
C GLN C 262 -22.90 29.52 19.31
N VAL C 263 -23.15 28.95 20.48
CA VAL C 263 -22.01 28.44 21.30
C VAL C 263 -22.35 27.10 21.91
N MET C 264 -21.31 26.31 22.18
CA MET C 264 -21.51 25.08 22.98
C MET C 264 -20.76 25.35 24.28
N ILE C 265 -21.41 25.11 25.40
CA ILE C 265 -20.82 25.37 26.69
C ILE C 265 -20.38 24.05 27.30
N ASP C 266 -19.08 23.89 27.48
CA ASP C 266 -18.54 22.76 28.21
C ASP C 266 -18.66 23.03 29.71
N PHE C 267 -19.44 22.17 30.41
CA PHE C 267 -19.72 22.35 31.84
C PHE C 267 -18.56 21.99 32.75
N SER C 268 -17.54 21.33 32.22
CA SER C 268 -16.48 20.82 33.07
C SER C 268 -15.17 21.55 32.81
N HIS C 269 -14.09 20.96 33.32
CA HIS C 269 -12.72 21.48 33.20
C HIS C 269 -12.68 22.85 33.86
N ALA C 270 -12.17 23.89 33.20
CA ALA C 270 -12.03 25.20 33.83
C ALA C 270 -13.39 25.82 34.14
N ASN C 271 -14.42 25.50 33.37
CA ASN C 271 -15.74 26.05 33.68
C ASN C 271 -16.30 25.50 34.98
N SER C 272 -15.75 24.40 35.49
CA SER C 272 -16.14 23.83 36.77
C SER C 272 -15.02 23.96 37.80
N SER C 273 -13.98 24.71 37.49
CA SER C 273 -12.86 24.92 38.44
C SER C 273 -12.24 23.57 38.80
N LYS C 274 -12.26 22.61 37.88
CA LYS C 274 -11.69 21.25 38.07
C LYS C 274 -12.41 20.43 39.15
N GLN C 275 -13.62 20.84 39.54
CA GLN C 275 -14.43 20.10 40.54
C GLN C 275 -15.66 19.55 39.84
N PHE C 276 -15.76 18.22 39.75
CA PHE C 276 -16.86 17.55 39.02
C PHE C 276 -18.25 18.00 39.51
N LYS C 277 -18.41 18.17 40.82
CA LYS C 277 -19.74 18.55 41.29
C LYS C 277 -20.12 19.94 40.83
N LYS C 278 -19.14 20.80 40.56
CA LYS C 278 -19.45 22.16 40.14
C LYS C 278 -20.00 22.22 38.71
N GLN C 279 -19.94 21.11 37.96
CA GLN C 279 -20.75 21.01 36.75
C GLN C 279 -22.23 21.21 37.05
N MET C 280 -22.67 20.83 38.25
CA MET C 280 -24.06 21.06 38.58
C MET C 280 -24.37 22.55 38.69
N ASP C 281 -23.39 23.36 39.10
CA ASP C 281 -23.64 24.78 39.25
C ASP C 281 -23.64 25.49 37.90
N VAL C 282 -22.74 25.09 36.99
CA VAL C 282 -22.77 25.60 35.63
C VAL C 282 -24.10 25.27 34.98
N CYS C 283 -24.57 24.04 35.19
CA CYS C 283 -25.87 23.63 34.66
C CYS C 283 -26.99 24.59 35.08
N ALA C 284 -27.01 24.95 36.37
CA ALA C 284 -28.07 25.82 36.88
C ALA C 284 -28.02 27.19 36.23
N ASP C 285 -26.83 27.77 36.11
CA ASP C 285 -26.69 29.06 35.46
C ASP C 285 -27.10 28.97 33.99
N VAL C 286 -26.61 27.94 33.29
CA VAL C 286 -26.93 27.79 31.88
C VAL C 286 -28.43 27.54 31.69
N CYS C 287 -29.03 26.80 32.61
CA CYS C 287 -30.47 26.59 32.56
C CYS C 287 -31.21 27.91 32.78
N GLN C 288 -30.69 28.76 33.66
CA GLN C 288 -31.33 30.05 33.91
C GLN C 288 -31.30 30.92 32.66
N GLN C 289 -30.17 30.95 31.95
CA GLN C 289 -30.07 31.68 30.70
C GLN C 289 -31.07 31.19 29.67
N ILE C 290 -31.11 29.87 29.47
CA ILE C 290 -31.95 29.26 28.44
C ILE C 290 -33.41 29.49 28.78
N ALA C 291 -33.81 29.14 30.01
CA ALA C 291 -35.20 29.30 30.41
C ALA C 291 -35.65 30.76 30.35
N GLY C 292 -34.73 31.70 30.34
CA GLY C 292 -35.10 33.09 30.18
C GLY C 292 -34.87 33.61 28.77
N GLY C 293 -34.85 32.72 27.79
CA GLY C 293 -34.85 33.12 26.40
C GLY C 293 -33.50 33.15 25.69
N GLU C 294 -32.46 32.54 26.24
CA GLU C 294 -31.19 32.49 25.53
C GLU C 294 -31.25 31.45 24.43
N LYS C 295 -31.08 31.90 23.19
CA LYS C 295 -31.19 31.00 22.05
C LYS C 295 -29.84 30.60 21.47
N ALA C 296 -28.79 31.37 21.74
CA ALA C 296 -27.45 31.13 21.20
C ALA C 296 -26.71 29.98 21.87
N ILE C 297 -27.22 29.45 22.98
CA ILE C 297 -26.64 28.23 23.55
C ILE C 297 -27.29 27.06 22.84
N ILE C 298 -26.56 26.48 21.87
CA ILE C 298 -27.09 25.37 21.08
C ILE C 298 -26.65 24.01 21.62
N GLY C 299 -25.59 23.96 22.43
CA GLY C 299 -25.11 22.70 22.96
C GLY C 299 -24.35 22.85 24.26
N VAL C 300 -24.27 21.74 24.99
CA VAL C 300 -23.50 21.65 26.21
C VAL C 300 -22.72 20.35 26.21
N MET C 301 -21.66 20.32 27.01
CA MET C 301 -20.77 19.15 27.14
C MET C 301 -20.62 18.82 28.62
N VAL C 302 -20.87 17.57 29.00
CA VAL C 302 -20.83 17.16 30.40
C VAL C 302 -20.01 15.89 30.53
N GLU C 303 -19.14 15.85 31.54
CA GLU C 303 -18.37 14.67 31.86
C GLU C 303 -19.11 13.88 32.94
N SER C 304 -19.56 12.69 32.57
CA SER C 304 -20.60 11.95 33.30
C SER C 304 -20.27 10.47 33.23
N HIS C 305 -20.39 9.77 34.36
CA HIS C 305 -20.23 8.33 34.34
C HIS C 305 -21.32 7.69 35.17
N LEU C 306 -21.30 6.35 35.24
CA LEU C 306 -22.21 5.64 36.13
C LEU C 306 -21.99 6.08 37.57
N VAL C 307 -20.73 6.16 37.97
CA VAL C 307 -20.33 6.40 39.37
C VAL C 307 -19.44 7.63 39.38
N GLU C 308 -19.73 8.57 40.29
CA GLU C 308 -19.08 9.87 40.31
C GLU C 308 -17.61 9.75 40.72
N GLY C 309 -16.86 10.83 40.47
CA GLY C 309 -15.49 10.95 40.97
C GLY C 309 -14.49 10.33 40.01
N ASN C 310 -13.32 9.98 40.54
CA ASN C 310 -12.35 9.21 39.76
C ASN C 310 -11.48 8.36 40.66
N GLN C 311 -10.61 7.61 40.01
CA GLN C 311 -9.70 6.66 40.67
C GLN C 311 -8.42 6.55 39.86
N SER C 312 -7.34 6.14 40.49
CA SER C 312 -6.04 5.95 39.80
C SER C 312 -5.84 4.50 39.37
N LEU C 313 -5.32 4.29 38.18
CA LEU C 313 -4.98 2.92 37.69
C LEU C 313 -3.76 2.39 38.45
N GLU C 314 -3.85 1.18 38.98
CA GLU C 314 -2.72 0.54 39.68
C GLU C 314 -2.41 -0.80 39.04
N SER C 315 -1.12 -1.13 38.94
CA SER C 315 -0.70 -2.42 38.37
C SER C 315 -1.00 -3.53 39.38
N GLY C 316 -1.50 -4.66 38.89
CA GLY C 316 -1.84 -5.78 39.78
C GLY C 316 -2.93 -5.43 40.78
N GLU C 317 -3.94 -4.69 40.33
CA GLU C 317 -4.99 -4.24 41.27
C GLU C 317 -6.29 -4.06 40.49
N PRO C 318 -7.44 -4.44 41.08
CA PRO C 318 -8.72 -4.22 40.41
C PRO C 318 -9.15 -2.75 40.51
N LEU C 319 -10.21 -2.44 39.76
CA LEU C 319 -10.73 -1.10 39.65
C LEU C 319 -12.20 -1.07 40.09
N ALA C 320 -12.60 0.09 40.58
CA ALA C 320 -14.01 0.33 40.82
C ALA C 320 -14.74 0.35 39.48
N TYR C 321 -15.90 -0.30 39.44
CA TYR C 321 -16.70 -0.38 38.23
C TYR C 321 -17.39 0.94 37.97
N GLY C 322 -17.41 1.34 36.69
CA GLY C 322 -18.16 2.52 36.28
C GLY C 322 -17.57 3.83 36.72
N LYS C 323 -16.32 3.85 37.12
CA LYS C 323 -15.74 5.08 37.63
C LYS C 323 -14.57 5.45 36.75
N SER C 324 -14.45 6.73 36.47
CA SER C 324 -13.40 7.25 35.60
C SER C 324 -12.01 6.97 36.19
N ILE C 325 -11.09 6.47 35.36
CA ILE C 325 -9.68 6.45 35.72
C ILE C 325 -8.93 7.65 35.16
N THR C 326 -9.65 8.65 34.64
CA THR C 326 -8.98 9.88 34.22
C THR C 326 -9.57 11.06 34.99
N ASP C 327 -10.29 11.96 34.34
CA ASP C 327 -10.85 13.09 35.07
C ASP C 327 -12.13 12.69 35.78
N ALA C 328 -12.40 13.34 36.90
CA ALA C 328 -13.60 13.07 37.69
C ALA C 328 -14.86 13.48 36.95
N CYS C 329 -15.90 12.65 37.08
CA CYS C 329 -17.18 12.88 36.42
C CYS C 329 -18.27 12.94 37.47
N ILE C 330 -19.37 13.62 37.13
CA ILE C 330 -20.58 13.39 37.90
C ILE C 330 -21.05 11.97 37.63
N GLY C 331 -21.69 11.35 38.61
CA GLY C 331 -22.25 10.02 38.48
C GLY C 331 -23.67 10.07 37.95
N TRP C 332 -24.35 8.92 38.03
CA TRP C 332 -25.61 8.79 37.30
C TRP C 332 -26.72 9.67 37.89
N GLU C 333 -26.83 9.73 39.23
CA GLU C 333 -27.91 10.49 39.84
C GLU C 333 -27.85 11.96 39.46
N ASP C 334 -26.67 12.57 39.58
CA ASP C 334 -26.54 13.94 39.11
C ASP C 334 -26.80 14.01 37.61
N THR C 335 -26.36 13.01 36.86
CA THR C 335 -26.54 13.05 35.40
C THR C 335 -28.03 13.12 35.04
N ASP C 336 -28.84 12.26 35.67
CA ASP C 336 -30.28 12.30 35.47
C ASP C 336 -30.85 13.68 35.82
N ALA C 337 -30.45 14.23 36.97
CA ALA C 337 -30.97 15.53 37.39
C ALA C 337 -30.53 16.63 36.44
N LEU C 338 -29.28 16.58 36.01
CA LEU C 338 -28.77 17.58 35.07
C LEU C 338 -29.58 17.57 33.77
N LEU C 339 -29.80 16.38 33.20
CA LEU C 339 -30.49 16.31 31.91
C LEU C 339 -31.95 16.80 32.04
N ARG C 340 -32.66 16.39 33.09
CA ARG C 340 -33.99 16.92 33.34
C ARG C 340 -33.97 18.43 33.51
N GLN C 341 -32.98 18.97 34.21
CA GLN C 341 -32.88 20.42 34.36
C GLN C 341 -32.75 21.10 33.01
N LEU C 342 -31.85 20.61 32.16
CA LEU C 342 -31.67 21.18 30.83
C LEU C 342 -32.93 21.05 30.00
N ALA C 343 -33.62 19.91 30.12
CA ALA C 343 -34.85 19.72 29.37
C ALA C 343 -35.93 20.69 29.83
N ASN C 344 -36.09 20.84 31.15
CA ASN C 344 -37.06 21.80 31.66
C ASN C 344 -36.71 23.22 31.25
N ALA C 345 -35.42 23.50 31.04
CA ALA C 345 -35.03 24.84 30.64
C ALA C 345 -35.39 25.12 29.18
N VAL C 346 -35.48 24.10 28.35
CA VAL C 346 -35.91 24.28 26.96
C VAL C 346 -37.43 24.45 26.89
N LYS C 347 -38.18 23.64 27.66
CA LYS C 347 -39.62 23.85 27.80
C LYS C 347 -39.94 25.27 28.27
N ALA C 348 -39.22 25.76 29.29
CA ALA C 348 -39.53 27.08 29.80
C ALA C 348 -39.16 28.19 28.82
N ARG C 349 -38.18 27.93 27.95
CA ARG C 349 -37.75 28.93 26.93
C ARG C 349 -38.76 28.94 25.78
N ARG C 350 -39.60 27.90 25.71
CA ARG C 350 -40.64 27.85 24.65
C ARG C 350 -42.03 27.91 25.30
N ASP D 7 -19.09 7.49 4.46
CA ASP D 7 -17.76 8.13 4.48
C ASP D 7 -17.54 8.99 3.22
N ASP D 8 -16.94 10.16 3.36
CA ASP D 8 -16.54 10.97 2.18
C ASP D 8 -17.69 11.82 1.59
N LEU D 9 -18.52 12.45 2.41
CA LEU D 9 -19.50 13.42 1.86
C LEU D 9 -18.77 14.75 1.69
N ARG D 10 -17.78 15.00 2.53
CA ARG D 10 -16.97 16.23 2.44
C ARG D 10 -15.61 15.84 1.83
N ILE D 11 -15.52 14.63 1.29
CA ILE D 11 -14.29 14.21 0.56
C ILE D 11 -14.65 14.22 -0.93
N LYS D 12 -14.12 15.19 -1.67
CA LYS D 12 -14.45 15.35 -3.11
C LYS D 12 -13.61 14.42 -3.99
N GLU D 13 -12.29 14.49 -3.91
CA GLU D 13 -11.46 13.64 -4.75
C GLU D 13 -10.27 13.12 -3.95
N ILE D 14 -9.83 11.92 -4.29
CA ILE D 14 -8.58 11.33 -3.79
C ILE D 14 -7.70 11.01 -4.98
N LYS D 15 -6.42 11.38 -4.89
CA LYS D 15 -5.47 11.17 -5.98
C LYS D 15 -4.24 10.45 -5.47
N GLU D 16 -3.56 9.77 -6.39
CA GLU D 16 -2.38 8.99 -6.05
C GLU D 16 -1.24 9.92 -5.64
N LEU D 17 -0.39 9.42 -4.76
CA LEU D 17 0.72 10.18 -4.22
C LEU D 17 1.95 9.30 -4.23
N LEU D 18 3.04 9.83 -4.77
CA LEU D 18 4.30 9.10 -4.78
C LEU D 18 4.71 8.78 -3.34
N PRO D 19 5.15 7.57 -3.07
CA PRO D 19 5.69 7.26 -1.75
C PRO D 19 7.07 7.85 -1.60
N PRO D 20 7.53 8.10 -0.37
CA PRO D 20 8.88 8.68 -0.20
C PRO D 20 9.98 7.89 -0.87
N VAL D 21 9.92 6.56 -0.85
CA VAL D 21 10.95 5.78 -1.53
C VAL D 21 11.07 6.19 -2.98
N ALA D 22 9.98 6.67 -3.60
CA ALA D 22 10.11 7.06 -5.01
C ALA D 22 10.94 8.34 -5.15
N LEU D 23 10.78 9.28 -4.21
CA LEU D 23 11.57 10.50 -4.27
C LEU D 23 13.01 10.22 -3.86
N LEU D 24 13.18 9.41 -2.81
CA LEU D 24 14.50 9.02 -2.35
C LEU D 24 15.26 8.24 -3.42
N GLU D 25 14.55 7.48 -4.24
CA GLU D 25 15.22 6.73 -5.29
C GLU D 25 15.54 7.63 -6.48
N LYS D 26 14.61 8.53 -6.85
CA LYS D 26 14.90 9.45 -7.93
C LYS D 26 16.05 10.38 -7.55
N PHE D 27 15.97 10.94 -6.35
CA PHE D 27 16.94 11.96 -5.91
C PHE D 27 17.71 11.49 -4.69
N PRO D 28 18.66 10.55 -4.87
CA PRO D 28 19.48 10.11 -3.75
C PRO D 28 20.53 11.15 -3.32
N ALA D 29 20.74 11.22 -2.02
CA ALA D 29 21.75 12.13 -1.48
C ALA D 29 23.10 11.80 -2.10
N THR D 30 23.81 12.84 -2.53
CA THR D 30 25.17 12.64 -3.03
C THR D 30 26.03 12.39 -1.81
N GLU D 31 27.26 11.93 -2.03
CA GLU D 31 28.18 11.81 -0.88
C GLU D 31 28.33 13.20 -0.28
N ASN D 32 28.34 14.23 -1.12
CA ASN D 32 28.59 15.62 -0.63
C ASN D 32 27.43 16.11 0.23
N ALA D 33 26.20 15.90 -0.21
CA ALA D 33 25.02 16.31 0.55
C ALA D 33 24.95 15.55 1.86
N ALA D 34 25.26 14.26 1.82
CA ALA D 34 25.26 13.42 3.05
C ALA D 34 26.34 13.94 4.00
N ASN D 35 27.52 14.25 3.48
CA ASN D 35 28.59 14.85 4.34
C ASN D 35 28.09 16.19 4.87
N THR D 36 27.41 16.96 4.02
CA THR D 36 26.96 18.30 4.45
C THR D 36 26.01 18.09 5.63
N VAL D 37 25.05 17.18 5.47
CA VAL D 37 24.02 16.94 6.48
C VAL D 37 24.65 16.42 7.77
N ALA D 38 25.56 15.46 7.65
CA ALA D 38 26.17 14.86 8.84
C ALA D 38 26.98 15.89 9.61
N HIS D 39 27.92 16.57 8.93
CA HIS D 39 28.76 17.56 9.59
C HIS D 39 27.93 18.63 10.28
N ALA D 40 26.91 19.15 9.58
CA ALA D 40 26.09 20.21 10.15
C ALA D 40 25.33 19.73 11.37
N ARG D 41 24.87 18.48 11.36
CA ARG D 41 24.16 17.98 12.52
C ARG D 41 25.11 17.81 13.70
N LYS D 42 26.31 17.27 13.46
CA LYS D 42 27.31 17.22 14.53
C LYS D 42 27.59 18.63 15.06
N ALA D 43 27.86 19.58 14.15
CA ALA D 43 28.14 20.96 14.53
C ALA D 43 27.05 21.55 15.41
N ILE D 44 25.78 21.30 15.09
CA ILE D 44 24.69 21.91 15.90
C ILE D 44 24.61 21.22 17.26
N HIS D 45 24.93 19.93 17.32
CA HIS D 45 24.90 19.16 18.58
C HIS D 45 25.94 19.71 19.55
N LYS D 46 27.17 19.93 19.05
CA LYS D 46 28.25 20.50 19.88
C LYS D 46 27.84 21.87 20.42
N ILE D 47 27.22 22.71 19.59
CA ILE D 47 26.80 24.06 20.03
C ILE D 47 25.73 23.87 21.11
N LEU D 48 24.87 22.88 20.93
CA LEU D 48 23.76 22.68 21.89
C LEU D 48 24.32 22.03 23.14
N LYS D 49 25.42 21.28 23.01
CA LYS D 49 26.00 20.73 24.23
C LYS D 49 26.78 21.81 25.00
N GLY D 50 27.53 22.64 24.30
CA GLY D 50 28.35 23.66 24.92
C GLY D 50 29.78 23.66 24.44
N ASN D 51 30.20 22.65 23.66
CA ASN D 51 31.58 22.52 23.21
C ASN D 51 31.87 23.32 21.94
N ASP D 52 31.21 24.46 21.77
CA ASP D 52 31.51 25.40 20.70
C ASP D 52 30.77 26.70 20.95
N ASP D 53 31.42 27.82 20.67
CA ASP D 53 30.88 29.15 20.98
C ASP D 53 30.29 29.85 19.76
N ARG D 54 30.46 29.29 18.57
CA ARG D 54 29.89 29.88 17.35
C ARG D 54 28.37 29.83 17.39
N LEU D 55 27.75 30.78 16.69
CA LEU D 55 26.30 30.92 16.66
C LEU D 55 25.72 30.12 15.50
N LEU D 56 24.58 29.47 15.74
CA LEU D 56 23.82 28.82 14.67
C LEU D 56 22.91 29.86 14.03
N VAL D 57 23.05 30.03 12.72
CA VAL D 57 22.28 31.04 11.98
C VAL D 57 21.43 30.30 10.95
N VAL D 58 20.12 30.32 11.15
CA VAL D 58 19.14 29.81 10.21
C VAL D 58 18.55 31.01 9.51
N ILE D 59 18.91 31.19 8.24
CA ILE D 59 18.56 32.40 7.50
C ILE D 59 18.17 32.01 6.08
N GLY D 60 17.06 32.56 5.60
CA GLY D 60 16.61 32.27 4.26
C GLY D 60 15.22 32.81 4.05
N PRO D 61 14.67 32.61 2.85
CA PRO D 61 13.33 33.13 2.56
C PRO D 61 12.29 32.57 3.50
N CYS D 62 11.20 33.31 3.69
CA CYS D 62 10.04 32.75 4.35
C CYS D 62 9.74 31.37 3.80
N SER D 63 9.61 31.27 2.48
CA SER D 63 9.48 29.98 1.82
C SER D 63 9.86 30.14 0.35
N ILE D 64 10.18 29.01 -0.27
CA ILE D 64 10.62 28.97 -1.65
C ILE D 64 9.41 28.94 -2.57
N HIS D 65 9.46 29.78 -3.61
CA HIS D 65 8.45 29.74 -4.69
C HIS D 65 9.19 29.63 -6.03
N ASP D 66 10.50 29.88 -6.04
CA ASP D 66 11.26 29.91 -7.29
C ASP D 66 12.60 29.22 -7.06
N PRO D 67 12.72 27.96 -7.47
CA PRO D 67 13.97 27.21 -7.24
C PRO D 67 15.21 27.88 -7.84
N VAL D 68 15.06 28.51 -9.01
CA VAL D 68 16.18 29.20 -9.63
C VAL D 68 16.68 30.32 -8.71
N ALA D 69 15.75 31.16 -8.23
CA ALA D 69 16.14 32.21 -7.29
C ALA D 69 16.68 31.61 -6.01
N ALA D 70 16.14 30.47 -5.59
CA ALA D 70 16.62 29.88 -4.34
C ALA D 70 18.07 29.44 -4.48
N LYS D 71 18.46 28.94 -5.66
CA LYS D 71 19.86 28.54 -5.86
C LYS D 71 20.82 29.73 -5.94
N GLU D 72 20.37 30.87 -6.45
CA GLU D 72 21.24 32.04 -6.43
C GLU D 72 21.45 32.51 -5.00
N TYR D 73 20.37 32.59 -4.22
CA TYR D 73 20.47 32.88 -2.78
C TYR D 73 21.43 31.93 -2.08
N ALA D 74 21.31 30.63 -2.37
CA ALA D 74 22.16 29.64 -1.70
C ALA D 74 23.62 29.82 -2.08
N THR D 75 23.90 30.10 -3.36
CA THR D 75 25.29 30.33 -3.78
C THR D 75 25.90 31.51 -3.03
N ARG D 76 25.16 32.61 -2.94
CA ARG D 76 25.61 33.78 -2.19
C ARG D 76 25.83 33.44 -0.71
N LEU D 77 24.86 32.75 -0.10
CA LEU D 77 24.96 32.43 1.32
C LEU D 77 26.10 31.46 1.61
N LEU D 78 26.42 30.60 0.65
CA LEU D 78 27.49 29.62 0.86
C LEU D 78 28.84 30.31 0.93
N ALA D 79 29.05 31.35 0.11
CA ALA D 79 30.28 32.14 0.21
C ALA D 79 30.45 32.72 1.62
N LEU D 80 29.38 33.24 2.19
CA LEU D 80 29.48 33.88 3.53
C LEU D 80 29.66 32.81 4.61
N ARG D 81 29.08 31.62 4.41
CA ARG D 81 29.20 30.52 5.39
C ARG D 81 30.69 30.14 5.49
N GLU D 82 31.37 30.06 4.35
CA GLU D 82 32.81 29.70 4.33
C GLU D 82 33.65 30.82 4.94
N GLU D 83 33.20 32.06 4.84
CA GLU D 83 34.01 33.20 5.32
C GLU D 83 33.79 33.39 6.82
N LEU D 84 32.60 33.09 7.32
CA LEU D 84 32.28 33.30 8.76
C LEU D 84 32.19 31.98 9.52
N LYS D 85 32.83 30.93 9.03
CA LYS D 85 32.72 29.55 9.62
C LYS D 85 33.41 29.41 10.98
N ASP D 86 34.12 30.43 11.43
CA ASP D 86 34.88 30.27 12.70
C ASP D 86 34.07 30.94 13.81
N GLU D 87 33.02 31.66 13.43
CA GLU D 87 32.15 32.32 14.43
C GLU D 87 30.70 31.95 14.15
N LEU D 88 30.40 31.54 12.91
CA LEU D 88 28.98 31.31 12.54
C LEU D 88 28.78 29.97 11.84
N GLU D 89 27.80 29.19 12.28
CA GLU D 89 27.40 27.96 11.60
C GLU D 89 26.13 28.30 10.82
N ILE D 90 26.33 28.65 9.55
CA ILE D 90 25.28 29.20 8.70
C ILE D 90 24.54 28.06 8.02
N VAL D 91 23.21 28.06 8.17
CA VAL D 91 22.35 27.02 7.57
C VAL D 91 21.20 27.75 6.87
N MET D 92 20.86 27.36 5.66
CA MET D 92 19.84 28.10 4.88
C MET D 92 18.42 27.65 5.18
N ARG D 93 17.53 28.62 5.38
CA ARG D 93 16.09 28.32 5.53
C ARG D 93 15.57 27.87 4.16
N VAL D 94 15.19 26.59 4.04
CA VAL D 94 14.60 26.06 2.78
C VAL D 94 13.22 25.53 3.12
N TYR D 95 12.28 26.43 3.38
CA TYR D 95 10.92 26.01 3.68
C TYR D 95 10.14 25.87 2.39
N PHE D 96 9.25 24.87 2.35
CA PHE D 96 8.37 24.66 1.21
C PHE D 96 6.90 24.74 1.59
N GLU D 97 6.58 25.23 2.79
CA GLU D 97 5.20 25.46 3.19
C GLU D 97 5.14 26.75 4.00
N LYS D 98 4.07 27.49 3.83
CA LYS D 98 3.75 28.59 4.74
C LYS D 98 2.40 28.28 5.36
N PRO D 99 2.37 27.91 6.67
CA PRO D 99 1.12 27.68 7.36
C PRO D 99 0.27 28.95 7.25
N ARG D 100 -1.01 28.79 6.90
CA ARG D 100 -1.90 29.96 6.78
C ARG D 100 -3.29 29.62 7.30
N THR D 101 -3.95 30.58 7.95
CA THR D 101 -5.36 30.37 8.39
C THR D 101 -6.28 30.70 7.22
N THR D 102 -6.00 31.78 6.51
CA THR D 102 -6.84 32.26 5.38
C THR D 102 -6.59 31.47 4.10
N VAL D 103 -7.54 31.55 3.16
CA VAL D 103 -7.38 30.88 1.85
C VAL D 103 -6.23 31.56 1.12
N GLY D 104 -5.44 30.79 0.39
CA GLY D 104 -4.28 31.36 -0.29
C GLY D 104 -3.20 30.33 -0.55
N TRP D 105 -2.06 30.77 -1.04
CA TRP D 105 -0.99 29.82 -1.41
C TRP D 105 -0.36 29.23 -0.14
N LYS D 106 -0.19 27.91 -0.12
CA LYS D 106 0.37 27.23 1.07
C LYS D 106 1.82 26.84 0.82
N GLY D 107 2.34 27.10 -0.38
CA GLY D 107 3.76 26.79 -0.58
C GLY D 107 4.05 25.97 -1.81
N LEU D 108 5.31 25.60 -1.99
CA LEU D 108 5.73 24.94 -3.25
C LEU D 108 5.25 23.50 -3.31
N ILE D 109 5.33 22.78 -2.19
CA ILE D 109 4.94 21.37 -2.31
C ILE D 109 3.46 21.25 -2.61
N ASN D 110 2.64 22.11 -2.00
CA ASN D 110 1.20 21.98 -2.15
C ASN D 110 0.74 22.43 -3.53
N ASP D 111 1.39 23.45 -4.09
CA ASP D 111 0.95 24.05 -5.33
C ASP D 111 2.14 24.74 -5.99
N PRO D 112 3.05 23.98 -6.59
CA PRO D 112 4.27 24.59 -7.16
C PRO D 112 4.01 25.50 -8.35
N HIS D 113 2.94 25.28 -9.09
CA HIS D 113 2.62 26.14 -10.23
C HIS D 113 1.76 27.33 -9.82
N MET D 114 1.55 27.53 -8.52
CA MET D 114 0.96 28.76 -7.98
C MET D 114 -0.33 29.16 -8.70
N ASP D 115 -1.07 28.15 -9.18
CA ASP D 115 -2.32 28.39 -9.89
C ASP D 115 -3.48 27.56 -9.38
N ASN D 116 -3.35 26.96 -8.19
CA ASN D 116 -4.36 26.05 -7.62
C ASN D 116 -4.60 24.82 -8.50
N SER D 117 -3.55 24.33 -9.15
CA SER D 117 -3.57 23.01 -9.77
C SER D 117 -3.14 21.90 -8.80
N PHE D 118 -2.47 22.25 -7.71
CA PHE D 118 -2.10 21.33 -6.63
C PHE D 118 -1.35 20.10 -7.16
N GLN D 119 -0.29 20.35 -7.92
CA GLN D 119 0.52 19.25 -8.48
C GLN D 119 1.56 18.84 -7.44
N ILE D 120 1.09 18.11 -6.44
CA ILE D 120 1.90 17.88 -5.24
C ILE D 120 3.00 16.88 -5.53
N ASN D 121 2.77 15.92 -6.44
CA ASN D 121 3.85 15.04 -6.81
C ASN D 121 4.95 15.82 -7.51
N ASP D 122 4.57 16.78 -8.36
CA ASP D 122 5.51 17.73 -8.92
C ASP D 122 6.23 18.52 -7.84
N GLY D 123 5.47 19.02 -6.86
CA GLY D 123 6.08 19.84 -5.82
C GLY D 123 7.13 19.09 -5.02
N LEU D 124 6.88 17.82 -4.74
CA LEU D 124 7.84 17.04 -3.97
C LEU D 124 9.11 16.77 -4.76
N ARG D 125 8.98 16.47 -6.06
CA ARG D 125 10.16 16.32 -6.90
C ARG D 125 10.96 17.63 -6.94
N ILE D 126 10.26 18.76 -7.08
CA ILE D 126 10.92 20.06 -7.11
C ILE D 126 11.57 20.35 -5.77
N ALA D 127 10.82 20.18 -4.68
CA ALA D 127 11.39 20.42 -3.36
C ALA D 127 12.63 19.58 -3.11
N ARG D 128 12.54 18.26 -3.37
CA ARG D 128 13.69 17.42 -3.08
C ARG D 128 14.87 17.67 -4.02
N LYS D 129 14.61 17.90 -5.31
CA LYS D 129 15.71 18.26 -6.20
C LYS D 129 16.44 19.52 -5.70
N LEU D 130 15.70 20.57 -5.36
CA LEU D 130 16.31 21.78 -4.84
C LEU D 130 17.08 21.50 -3.55
N LEU D 131 16.45 20.87 -2.55
CA LEU D 131 17.11 20.61 -1.25
C LEU D 131 18.41 19.81 -1.43
N LEU D 132 18.40 18.82 -2.30
CA LEU D 132 19.62 18.01 -2.59
C LEU D 132 20.73 18.88 -3.20
N ASP D 133 20.36 19.69 -4.19
CA ASP D 133 21.34 20.54 -4.90
C ASP D 133 22.02 21.48 -3.90
N ILE D 134 21.25 22.05 -2.98
CA ILE D 134 21.84 22.93 -1.93
C ILE D 134 22.83 22.16 -1.07
N ASN D 135 22.49 20.95 -0.61
CA ASN D 135 23.35 20.18 0.31
C ASN D 135 24.60 19.69 -0.43
N ASP D 136 24.47 19.33 -1.70
CA ASP D 136 25.64 18.90 -2.52
C ASP D 136 26.61 20.07 -2.69
N SER D 137 26.09 21.29 -2.76
CA SER D 137 26.91 22.50 -2.90
C SER D 137 27.79 22.68 -1.68
N GLY D 138 27.33 22.22 -0.52
CA GLY D 138 28.07 22.35 0.75
C GLY D 138 27.26 23.12 1.76
N LEU D 139 26.11 23.66 1.35
CA LEU D 139 25.30 24.50 2.25
C LEU D 139 24.26 23.66 2.97
N PRO D 140 24.30 23.60 4.32
CA PRO D 140 23.26 22.88 5.06
C PRO D 140 21.94 23.61 5.00
N ALA D 141 20.89 22.89 5.41
CA ALA D 141 19.52 23.34 5.16
C ALA D 141 18.65 23.14 6.39
N ALA D 142 17.77 24.11 6.64
CA ALA D 142 16.82 24.07 7.74
C ALA D 142 15.42 23.94 7.17
N GLY D 143 14.57 23.18 7.86
CA GLY D 143 13.20 22.97 7.42
C GLY D 143 12.22 23.24 8.55
N GLU D 144 10.94 23.23 8.17
CA GLU D 144 9.83 23.29 9.11
C GLU D 144 8.96 22.07 8.93
N PHE D 145 8.52 21.48 10.04
CA PHE D 145 7.73 20.25 10.02
C PHE D 145 6.32 20.57 10.50
N LEU D 146 5.36 20.51 9.57
CA LEU D 146 3.98 20.87 9.83
C LEU D 146 3.03 19.68 9.89
N ASP D 147 3.49 18.48 9.57
CA ASP D 147 2.64 17.31 9.47
C ASP D 147 3.55 16.10 9.50
N MET D 148 2.93 14.92 9.58
CA MET D 148 3.67 13.67 9.63
C MET D 148 4.05 13.12 8.25
N ILE D 149 3.43 13.58 7.18
CA ILE D 149 3.64 12.94 5.88
C ILE D 149 4.79 13.57 5.09
N THR D 150 4.73 14.88 4.89
CA THR D 150 5.78 15.56 4.12
C THR D 150 7.20 15.31 4.63
N PRO D 151 7.49 15.35 5.94
CA PRO D 151 8.88 15.22 6.38
C PRO D 151 9.59 14.00 5.83
N GLN D 152 8.85 12.91 5.60
CA GLN D 152 9.47 11.68 5.15
C GLN D 152 10.16 11.85 3.79
N TYR D 153 9.72 12.81 2.97
CA TYR D 153 10.32 12.99 1.66
C TYR D 153 11.60 13.81 1.69
N LEU D 154 11.89 14.50 2.79
CA LEU D 154 12.94 15.51 2.85
C LEU D 154 13.89 15.39 4.03
N ALA D 155 13.51 14.71 5.11
CA ALA D 155 14.20 14.86 6.39
C ALA D 155 15.66 14.41 6.32
N ASP D 156 15.99 13.47 5.46
CA ASP D 156 17.38 13.07 5.34
C ASP D 156 18.29 14.19 4.82
N LEU D 157 17.72 15.27 4.29
CA LEU D 157 18.49 16.40 3.76
C LEU D 157 18.33 17.65 4.60
N MET D 158 17.69 17.53 5.76
CA MET D 158 17.52 18.62 6.73
C MET D 158 18.60 18.49 7.80
N SER D 159 19.27 19.60 8.10
CA SER D 159 20.25 19.61 9.18
C SER D 159 19.68 20.17 10.48
N TRP D 160 18.46 20.70 10.44
CA TRP D 160 17.82 21.35 11.56
C TRP D 160 16.37 21.61 11.19
N GLY D 161 15.50 21.61 12.19
CA GLY D 161 14.08 21.75 11.92
C GLY D 161 13.37 22.55 12.98
N ALA D 162 12.31 23.23 12.57
CA ALA D 162 11.44 23.95 13.47
C ALA D 162 10.05 23.36 13.42
N ILE D 163 9.37 23.37 14.56
CA ILE D 163 7.97 23.00 14.64
C ILE D 163 7.16 24.28 14.59
N GLY D 164 6.09 24.27 13.79
CA GLY D 164 5.24 25.45 13.70
C GLY D 164 4.79 25.93 15.07
N ALA D 165 4.85 27.24 15.26
CA ALA D 165 4.39 27.84 16.52
C ALA D 165 2.92 27.56 16.78
N ARG D 166 2.13 27.28 15.75
CA ARG D 166 0.73 26.91 15.91
C ARG D 166 0.55 25.44 16.22
N THR D 167 1.63 24.67 16.32
CA THR D 167 1.55 23.26 16.64
C THR D 167 2.49 22.86 17.78
N THR D 168 3.13 23.83 18.44
CA THR D 168 4.15 23.53 19.44
C THR D 168 3.58 22.72 20.61
N GLU D 169 2.28 22.82 20.89
CA GLU D 169 1.70 22.00 21.94
C GLU D 169 0.93 20.82 21.39
N SER D 170 1.06 20.54 20.09
CA SER D 170 0.39 19.40 19.49
C SER D 170 1.16 18.11 19.80
N GLN D 171 0.43 17.09 20.24
CA GLN D 171 1.07 15.83 20.63
C GLN D 171 1.76 15.17 19.45
N VAL D 172 1.06 15.07 18.32
CA VAL D 172 1.64 14.38 17.16
C VAL D 172 2.94 15.06 16.74
N HIS D 173 3.00 16.39 16.88
CA HIS D 173 4.20 17.10 16.43
C HIS D 173 5.35 16.91 17.41
N ARG D 174 5.05 16.89 18.71
CA ARG D 174 6.09 16.54 19.66
C ARG D 174 6.57 15.11 19.42
N GLU D 175 5.64 14.21 19.07
CA GLU D 175 6.03 12.84 18.77
C GLU D 175 6.88 12.77 17.53
N LEU D 176 6.45 13.47 16.46
CA LEU D 176 7.27 13.59 15.26
C LEU D 176 8.69 14.01 15.60
N ALA D 177 8.83 15.09 16.39
CA ALA D 177 10.15 15.60 16.74
C ALA D 177 11.00 14.57 17.47
N SER D 178 10.37 13.67 18.24
CA SER D 178 11.14 12.66 18.96
C SER D 178 11.73 11.58 18.06
N GLY D 179 11.33 11.51 16.79
CA GLY D 179 11.92 10.57 15.87
C GLY D 179 12.80 11.16 14.78
N LEU D 180 12.84 12.49 14.64
CA LEU D 180 13.64 13.09 13.58
C LEU D 180 15.13 12.91 13.86
N SER D 181 15.92 12.71 12.79
CA SER D 181 17.35 12.52 12.93
C SER D 181 18.14 13.83 13.10
N CYS D 182 17.47 14.97 13.31
CA CYS D 182 18.09 16.28 13.29
C CYS D 182 17.63 17.09 14.49
N PRO D 183 18.42 18.08 14.91
CA PRO D 183 17.96 18.97 15.99
C PRO D 183 16.68 19.68 15.59
N VAL D 184 15.91 20.05 16.60
CA VAL D 184 14.57 20.59 16.42
C VAL D 184 14.41 21.78 17.35
N GLY D 185 13.70 22.80 16.89
CA GLY D 185 13.43 23.98 17.70
C GLY D 185 11.94 24.18 17.90
N PHE D 186 11.57 24.56 19.12
CA PHE D 186 10.16 24.75 19.48
C PHE D 186 9.94 26.20 19.86
N LYS D 187 8.96 26.82 19.21
CA LYS D 187 8.69 28.23 19.40
C LYS D 187 7.77 28.45 20.60
N ASN D 188 7.95 29.60 21.27
CA ASN D 188 7.06 29.95 22.40
C ASN D 188 5.66 30.17 21.85
N GLY D 189 4.71 30.45 22.73
CA GLY D 189 3.32 30.64 22.30
C GLY D 189 3.08 31.99 21.69
N THR D 190 1.89 32.21 21.15
CA THR D 190 1.54 33.53 20.59
C THR D 190 1.77 34.53 21.71
N ASP D 191 1.26 34.24 22.90
CA ASP D 191 1.60 35.09 24.06
C ASP D 191 3.02 34.71 24.41
N GLY D 192 3.69 35.46 25.26
CA GLY D 192 5.12 35.17 25.54
C GLY D 192 5.26 33.84 26.25
N THR D 193 4.14 33.15 26.49
CA THR D 193 4.17 31.88 27.27
C THR D 193 5.29 30.98 26.76
N ILE D 194 6.21 30.61 27.65
CA ILE D 194 7.35 29.73 27.25
C ILE D 194 7.08 28.31 27.78
N LYS D 195 6.02 28.12 28.56
CA LYS D 195 5.78 26.80 29.14
C LYS D 195 5.48 25.74 28.07
N VAL D 196 4.64 26.09 27.09
CA VAL D 196 4.28 25.14 26.03
C VAL D 196 5.53 24.65 25.31
N ALA D 197 6.54 25.51 25.17
CA ALA D 197 7.78 25.12 24.51
C ALA D 197 8.62 24.21 25.40
N ILE D 198 8.71 24.53 26.69
CA ILE D 198 9.47 23.65 27.60
C ILE D 198 8.86 22.26 27.56
N ASP D 199 7.54 22.17 27.72
CA ASP D 199 6.85 20.89 27.68
C ASP D 199 7.19 20.13 26.39
N ALA D 200 7.08 20.82 25.25
CA ALA D 200 7.40 20.18 23.97
C ALA D 200 8.83 19.68 23.96
N ILE D 201 9.75 20.41 24.61
CA ILE D 201 11.15 19.97 24.59
C ILE D 201 11.32 18.71 25.43
N ASN D 202 10.60 18.62 26.54
CA ASN D 202 10.62 17.40 27.34
C ASN D 202 10.01 16.23 26.59
N ALA D 203 8.82 16.44 26.02
CA ALA D 203 8.14 15.37 25.30
C ALA D 203 9.00 14.82 24.17
N ALA D 204 9.64 15.71 23.41
CA ALA D 204 10.44 15.25 22.27
C ALA D 204 11.68 14.50 22.72
N GLY D 205 12.19 14.81 23.92
CA GLY D 205 13.31 14.06 24.47
C GLY D 205 12.95 12.63 24.88
N ALA D 206 11.65 12.35 25.07
CA ALA D 206 11.12 11.06 25.47
C ALA D 206 10.86 10.18 24.25
N PRO D 207 11.05 8.87 24.40
CA PRO D 207 10.56 7.94 23.38
C PRO D 207 9.04 7.84 23.41
N HIS D 208 8.47 7.58 22.23
CA HIS D 208 7.02 7.47 22.09
C HIS D 208 6.68 6.34 21.12
N CYS D 209 5.40 5.99 21.13
CA CYS D 209 4.81 5.02 20.23
C CYS D 209 3.51 5.60 19.71
N PHE D 210 3.36 5.65 18.39
CA PHE D 210 2.27 6.39 17.77
C PHE D 210 2.13 5.95 16.32
N LEU D 211 1.08 6.44 15.68
CA LEU D 211 0.79 6.09 14.29
C LEU D 211 1.37 7.14 13.36
N SER D 212 2.12 6.69 12.36
CA SER D 212 2.76 7.56 11.39
C SER D 212 2.70 6.89 10.02
N VAL D 213 3.38 7.48 9.03
CA VAL D 213 3.48 6.95 7.67
C VAL D 213 4.94 6.62 7.39
N THR D 214 5.18 5.45 6.79
CA THR D 214 6.53 5.04 6.48
C THR D 214 7.00 5.61 5.14
N LYS D 215 8.26 5.31 4.80
CA LYS D 215 8.84 5.63 3.51
C LYS D 215 8.15 4.90 2.36
N TRP D 216 7.36 3.87 2.68
CA TRP D 216 6.61 3.14 1.66
C TRP D 216 5.23 3.71 1.42
N GLY D 217 4.87 4.78 2.11
CA GLY D 217 3.56 5.38 1.92
C GLY D 217 2.44 4.67 2.62
N HIS D 218 2.76 3.86 3.64
CA HIS D 218 1.81 3.05 4.40
C HIS D 218 1.76 3.57 5.84
N SER D 219 0.57 3.55 6.43
CA SER D 219 0.48 3.85 7.86
C SER D 219 1.06 2.69 8.67
N ALA D 220 1.66 3.02 9.81
CA ALA D 220 2.32 2.01 10.62
C ALA D 220 2.33 2.47 12.08
N ILE D 221 2.66 1.54 12.95
CA ILE D 221 2.98 1.86 14.32
C ILE D 221 4.48 2.10 14.40
N VAL D 222 4.87 3.25 14.94
CA VAL D 222 6.25 3.70 14.97
C VAL D 222 6.67 3.94 16.41
N ASN D 223 7.88 3.50 16.73
CA ASN D 223 8.48 3.74 18.03
C ASN D 223 9.70 4.63 17.86
N THR D 224 9.75 5.74 18.61
CA THR D 224 10.92 6.62 18.57
C THR D 224 11.74 6.46 19.83
N SER D 225 12.94 7.07 19.82
CA SER D 225 13.86 6.99 20.95
C SER D 225 13.94 8.27 21.77
N GLY D 226 13.53 9.40 21.18
CA GLY D 226 13.62 10.68 21.89
C GLY D 226 14.70 11.56 21.30
N ASN D 227 14.42 12.85 21.22
CA ASN D 227 15.39 13.80 20.64
C ASN D 227 15.88 14.74 21.73
N GLY D 228 17.16 14.66 22.06
CA GLY D 228 17.77 15.56 23.06
C GLY D 228 18.42 16.78 22.45
N ASP D 229 18.47 16.85 21.12
CA ASP D 229 19.06 18.02 20.43
C ASP D 229 17.92 18.99 20.11
N CYS D 230 17.06 19.24 21.09
CA CYS D 230 15.92 20.17 20.92
C CYS D 230 16.13 21.43 21.77
N HIS D 231 15.57 22.57 21.34
CA HIS D 231 15.82 23.86 22.04
C HIS D 231 14.62 24.78 21.89
N ILE D 232 14.62 25.90 22.61
CA ILE D 232 13.54 26.86 22.47
C ILE D 232 13.89 27.85 21.37
N ILE D 233 12.85 28.51 20.86
CA ILE D 233 13.01 29.58 19.83
C ILE D 233 12.08 30.71 20.27
N LEU D 234 12.66 31.80 20.76
CA LEU D 234 11.86 32.98 21.22
C LEU D 234 11.51 33.81 19.99
N ARG D 235 10.22 34.06 19.79
CA ARG D 235 9.78 34.74 18.54
C ARG D 235 8.74 35.77 18.92
N GLY D 236 8.84 36.27 20.14
CA GLY D 236 7.94 37.30 20.60
C GLY D 236 6.51 36.85 20.76
N GLY D 237 5.68 37.72 21.32
CA GLY D 237 4.26 37.45 21.41
C GLY D 237 3.46 38.73 21.29
N LYS D 238 2.81 39.14 22.38
CA LYS D 238 2.14 40.43 22.41
C LYS D 238 3.10 41.57 22.06
N GLU D 239 4.27 41.57 22.69
CA GLU D 239 5.40 42.42 22.35
C GLU D 239 6.61 41.53 22.15
N PRO D 240 7.68 42.05 21.55
CA PRO D 240 8.89 41.23 21.38
C PRO D 240 9.44 40.68 22.69
N ASN D 241 10.40 39.75 22.57
CA ASN D 241 11.00 39.12 23.74
C ASN D 241 12.46 38.72 23.49
N TYR D 242 13.23 39.60 22.85
CA TYR D 242 14.64 39.32 22.55
C TYR D 242 15.62 40.02 23.48
N SER D 243 15.17 40.97 24.31
CA SER D 243 16.08 41.69 25.19
C SER D 243 16.61 40.77 26.29
N ALA D 244 17.81 41.09 26.80
CA ALA D 244 18.39 40.31 27.88
C ALA D 244 17.50 40.24 29.12
N LYS D 245 16.53 41.15 29.27
CA LYS D 245 15.51 40.99 30.30
C LYS D 245 14.69 39.72 30.04
N HIS D 246 14.06 39.64 28.86
CA HIS D 246 13.28 38.47 28.50
C HIS D 246 14.18 37.23 28.38
N VAL D 247 15.41 37.40 27.90
CA VAL D 247 16.34 36.28 27.83
C VAL D 247 16.65 35.77 29.24
N ALA D 248 16.68 36.66 30.23
CA ALA D 248 16.90 36.23 31.60
C ALA D 248 15.73 35.41 32.12
N GLU D 249 14.51 35.96 32.01
CA GLU D 249 13.31 35.22 32.39
C GLU D 249 13.32 33.80 31.83
N VAL D 250 13.64 33.67 30.55
CA VAL D 250 13.61 32.36 29.90
C VAL D 250 14.74 31.48 30.42
N LYS D 251 15.96 32.02 30.49
CA LYS D 251 17.09 31.22 30.98
C LYS D 251 16.84 30.72 32.39
N GLU D 252 16.04 31.45 33.18
CA GLU D 252 15.68 30.99 34.53
C GLU D 252 14.63 29.89 34.48
N GLY D 253 13.63 30.03 33.62
CA GLY D 253 12.64 28.98 33.46
C GLY D 253 13.21 27.71 32.87
N LEU D 254 14.29 27.83 32.11
CA LEU D 254 14.94 26.64 31.51
C LEU D 254 15.73 25.93 32.61
N ASN D 255 16.56 26.67 33.33
CA ASN D 255 17.28 26.06 34.45
C ASN D 255 16.31 25.44 35.45
N LYS D 256 15.21 26.14 35.74
CA LYS D 256 14.19 25.61 36.66
C LYS D 256 13.71 24.23 36.22
N ALA D 257 13.67 23.97 34.92
CA ALA D 257 13.13 22.73 34.38
C ALA D 257 14.22 21.78 33.88
N GLY D 258 15.42 21.87 34.45
CA GLY D 258 16.46 20.87 34.21
C GLY D 258 17.00 20.83 32.78
N LEU D 259 16.56 21.77 31.96
CA LEU D 259 16.94 21.92 30.56
C LEU D 259 18.00 22.99 30.41
N PRO D 260 18.97 22.74 29.54
CA PRO D 260 20.05 23.73 29.32
C PRO D 260 19.48 25.12 29.10
N ALA D 261 20.12 26.11 29.73
CA ALA D 261 19.66 27.49 29.58
C ALA D 261 20.24 28.08 28.29
N GLN D 262 19.89 27.44 27.17
CA GLN D 262 20.28 27.89 25.85
C GLN D 262 19.04 28.34 25.10
N VAL D 263 19.23 29.24 24.13
CA VAL D 263 18.14 29.92 23.46
C VAL D 263 18.51 30.17 22.00
N MET D 264 17.51 30.08 21.12
CA MET D 264 17.59 30.61 19.76
C MET D 264 16.58 31.77 19.64
N ILE D 265 17.03 32.89 19.06
CA ILE D 265 16.21 34.09 18.94
C ILE D 265 15.83 34.30 17.48
N ASP D 266 14.55 34.48 17.24
CA ASP D 266 14.02 34.72 15.91
C ASP D 266 13.88 36.23 15.74
N PHE D 267 14.63 36.80 14.80
CA PHE D 267 14.63 38.24 14.64
C PHE D 267 13.35 38.78 13.99
N SER D 268 12.51 37.90 13.43
CA SER D 268 11.36 38.39 12.69
C SER D 268 10.06 37.97 13.37
N HIS D 269 8.96 37.99 12.61
CA HIS D 269 7.60 37.69 13.09
C HIS D 269 7.24 38.71 14.16
N ALA D 270 6.85 38.27 15.35
CA ALA D 270 6.36 39.19 16.41
C ALA D 270 7.54 39.87 17.10
N ASN D 271 8.73 39.35 16.94
CA ASN D 271 9.91 40.05 17.50
C ASN D 271 10.21 41.29 16.64
N SER D 272 9.85 41.25 15.35
CA SER D 272 10.07 42.39 14.43
C SER D 272 8.77 43.18 14.33
N SER D 273 7.79 42.80 15.15
CA SER D 273 6.46 43.44 15.10
C SER D 273 5.95 43.34 13.67
N LYS D 274 6.35 42.27 12.98
CA LYS D 274 5.87 42.03 11.59
C LYS D 274 6.43 43.09 10.64
N GLN D 275 7.56 43.71 10.99
CA GLN D 275 8.19 44.74 10.14
C GLN D 275 9.59 44.24 9.76
N PHE D 276 9.79 43.88 8.49
CA PHE D 276 11.06 43.24 8.07
C PHE D 276 12.27 44.06 8.47
N LYS D 277 12.25 45.36 8.19
CA LYS D 277 13.43 46.19 8.46
C LYS D 277 13.85 46.12 9.92
N LYS D 278 12.88 45.98 10.84
CA LYS D 278 13.15 45.94 12.28
C LYS D 278 13.88 44.67 12.71
N GLN D 279 14.12 43.72 11.81
CA GLN D 279 15.05 42.63 12.12
C GLN D 279 16.46 43.16 12.30
N MET D 280 16.79 44.30 11.70
CA MET D 280 18.10 44.91 11.90
C MET D 280 18.23 45.43 13.33
N ASP D 281 17.16 46.05 13.85
CA ASP D 281 17.16 46.51 15.23
C ASP D 281 17.33 45.34 16.19
N VAL D 282 16.50 44.30 16.02
CA VAL D 282 16.64 43.09 16.82
C VAL D 282 18.06 42.54 16.72
N CYS D 283 18.64 42.60 15.54
CA CYS D 283 20.01 42.04 15.38
C CYS D 283 20.93 42.81 16.30
N ALA D 284 20.64 44.10 16.51
CA ALA D 284 21.51 44.96 17.32
C ALA D 284 21.45 44.56 18.79
N ASP D 285 20.23 44.44 19.35
CA ASP D 285 20.06 44.08 20.77
C ASP D 285 20.71 42.72 21.01
N VAL D 286 20.55 41.77 20.09
CA VAL D 286 21.08 40.39 20.31
C VAL D 286 22.60 40.43 20.21
N CYS D 287 23.13 41.25 19.31
CA CYS D 287 24.60 41.36 19.17
C CYS D 287 25.17 42.04 20.42
N GLN D 288 24.48 43.04 20.97
CA GLN D 288 24.90 43.71 22.19
C GLN D 288 25.07 42.71 23.33
N GLN D 289 24.10 41.82 23.51
CA GLN D 289 24.20 40.80 24.54
C GLN D 289 25.37 39.85 24.27
N ILE D 290 25.52 39.43 23.02
CA ILE D 290 26.61 38.49 22.67
C ILE D 290 27.94 39.21 22.87
N ALA D 291 28.01 40.49 22.47
CA ALA D 291 29.21 41.27 22.75
C ALA D 291 29.39 41.47 24.25
N GLY D 292 28.30 41.70 24.98
CA GLY D 292 28.33 41.81 26.43
C GLY D 292 28.37 40.43 27.06
N GLY D 293 29.19 39.53 26.52
CA GLY D 293 29.59 38.29 27.13
C GLY D 293 28.54 37.20 27.17
N GLU D 294 27.25 37.56 27.10
CA GLU D 294 26.15 36.60 27.23
C GLU D 294 26.36 35.40 26.32
N LYS D 295 26.20 34.19 26.88
CA LYS D 295 26.54 32.96 26.20
C LYS D 295 25.35 32.05 25.93
N ALA D 296 24.19 32.35 26.50
CA ALA D 296 23.02 31.50 26.32
C ALA D 296 22.57 31.45 24.86
N ILE D 297 22.70 32.57 24.15
CA ILE D 297 22.27 32.68 22.76
C ILE D 297 23.14 31.78 21.89
N ILE D 298 22.60 30.62 21.49
CA ILE D 298 23.32 29.70 20.61
C ILE D 298 22.84 29.76 19.17
N GLY D 299 21.70 30.40 18.89
CA GLY D 299 21.19 30.44 17.53
C GLY D 299 20.30 31.63 17.29
N VAL D 300 20.10 31.94 16.00
CA VAL D 300 19.20 33.00 15.57
C VAL D 300 18.51 32.58 14.28
N MET D 301 17.41 33.26 13.97
CA MET D 301 16.65 33.05 12.74
C MET D 301 16.34 34.38 12.08
N VAL D 302 16.45 34.40 10.74
CA VAL D 302 16.21 35.60 9.95
C VAL D 302 15.41 35.24 8.71
N GLU D 303 14.42 36.07 8.38
CA GLU D 303 13.70 35.98 7.11
C GLU D 303 14.40 36.88 6.09
N SER D 304 15.05 36.26 5.11
CA SER D 304 16.01 36.93 4.22
C SER D 304 15.88 36.43 2.78
N HIS D 305 15.79 37.35 1.82
CA HIS D 305 15.78 37.00 0.41
C HIS D 305 16.75 37.84 -0.40
N LEU D 306 16.72 37.68 -1.74
CA LEU D 306 17.52 38.53 -2.61
C LEU D 306 17.08 39.99 -2.54
N VAL D 307 15.79 40.23 -2.73
CA VAL D 307 15.23 41.57 -2.74
C VAL D 307 14.29 41.69 -1.55
N GLU D 308 14.37 42.81 -0.83
CA GLU D 308 13.61 43.02 0.39
C GLU D 308 12.11 43.12 0.11
N GLY D 309 11.32 43.01 1.18
CA GLY D 309 9.88 43.23 1.09
C GLY D 309 9.12 41.96 0.75
N ASN D 310 7.93 42.16 0.21
CA ASN D 310 7.14 41.04 -0.25
C ASN D 310 6.17 41.52 -1.31
N GLN D 311 5.47 40.56 -1.91
CA GLN D 311 4.55 40.87 -3.01
C GLN D 311 3.36 39.92 -2.96
N SER D 312 2.27 40.36 -3.56
CA SER D 312 1.04 39.58 -3.59
C SER D 312 0.97 38.72 -4.84
N LEU D 313 0.71 37.43 -4.66
CA LEU D 313 0.61 36.52 -5.78
C LEU D 313 -0.74 36.71 -6.48
N GLU D 314 -0.68 36.89 -7.79
CA GLU D 314 -1.85 36.83 -8.65
C GLU D 314 -1.61 35.72 -9.68
N SER D 315 -2.59 34.84 -9.83
CA SER D 315 -2.40 33.63 -10.64
C SER D 315 -2.34 33.99 -12.12
N GLY D 316 -1.42 33.33 -12.84
CA GLY D 316 -1.15 33.67 -14.21
C GLY D 316 -0.34 34.93 -14.40
N GLU D 317 -0.16 35.76 -13.32
CA GLU D 317 0.61 37.00 -13.40
C GLU D 317 2.08 36.75 -13.12
N PRO D 318 2.99 37.33 -13.91
CA PRO D 318 4.42 37.22 -13.59
C PRO D 318 4.74 37.91 -12.27
N LEU D 319 5.72 37.34 -11.57
CA LEU D 319 6.08 37.85 -10.25
C LEU D 319 7.39 38.61 -10.33
N ALA D 320 7.62 39.48 -9.37
CA ALA D 320 8.91 40.17 -9.27
C ALA D 320 9.98 39.16 -8.82
N TYR D 321 11.16 39.24 -9.38
CA TYR D 321 12.29 38.38 -8.96
CA TYR D 321 12.29 38.36 -8.96
C TYR D 321 12.86 38.58 -7.55
N GLY D 322 13.33 37.49 -6.94
CA GLY D 322 13.96 37.58 -5.61
C GLY D 322 13.07 38.04 -4.47
N LYS D 323 11.77 38.19 -4.69
CA LYS D 323 10.93 38.75 -3.61
C LYS D 323 9.92 37.73 -3.09
N SER D 324 9.93 37.52 -1.78
CA SER D 324 9.01 36.58 -1.15
C SER D 324 7.54 36.94 -1.44
N ILE D 325 6.73 35.90 -1.67
CA ILE D 325 5.29 36.08 -1.84
C ILE D 325 4.53 35.72 -0.57
N THR D 326 5.22 35.60 0.56
CA THR D 326 4.56 35.40 1.85
C THR D 326 4.99 36.51 2.82
N ASP D 327 5.73 36.18 3.88
CA ASP D 327 6.19 37.21 4.80
C ASP D 327 7.20 38.12 4.11
N ALA D 328 7.30 39.36 4.59
CA ALA D 328 8.33 40.28 4.13
C ALA D 328 9.70 39.88 4.68
N CYS D 329 10.73 39.98 3.84
CA CYS D 329 12.10 39.58 4.18
C CYS D 329 13.04 40.77 3.98
N ILE D 330 14.19 40.71 4.64
CA ILE D 330 15.25 41.67 4.36
C ILE D 330 15.98 41.25 3.08
N GLY D 331 16.56 42.23 2.37
CA GLY D 331 17.23 41.96 1.13
C GLY D 331 18.62 41.41 1.36
N TRP D 332 19.33 41.16 0.25
CA TRP D 332 20.67 40.59 0.39
C TRP D 332 21.62 41.58 1.05
N GLU D 333 21.48 42.87 0.76
CA GLU D 333 22.41 43.88 1.32
C GLU D 333 22.35 43.84 2.85
N ASP D 334 21.14 43.94 3.40
CA ASP D 334 20.96 43.85 4.87
C ASP D 334 21.44 42.47 5.37
N THR D 335 21.21 41.42 4.60
CA THR D 335 21.56 40.03 5.01
C THR D 335 23.08 39.90 5.19
N ASP D 336 23.86 40.44 4.25
CA ASP D 336 25.33 40.33 4.34
C ASP D 336 25.82 41.11 5.57
N ALA D 337 25.15 42.22 5.86
CA ALA D 337 25.53 43.04 7.02
C ALA D 337 25.14 42.33 8.32
N LEU D 338 23.93 41.78 8.38
CA LEU D 338 23.45 41.14 9.62
C LEU D 338 24.39 39.99 9.99
N LEU D 339 24.93 39.28 9.01
CA LEU D 339 25.78 38.10 9.31
C LEU D 339 27.15 38.57 9.77
N ARG D 340 27.62 39.68 9.22
CA ARG D 340 28.93 40.24 9.65
C ARG D 340 28.72 40.81 11.05
N GLN D 341 27.58 41.46 11.28
CA GLN D 341 27.29 41.93 12.66
C GLN D 341 27.34 40.75 13.62
N LEU D 342 26.74 39.61 13.25
CA LEU D 342 26.66 38.46 14.19
C LEU D 342 28.04 37.82 14.38
N ALA D 343 28.86 37.81 13.33
CA ALA D 343 30.19 37.24 13.48
C ALA D 343 31.07 38.12 14.36
N ASN D 344 31.01 39.41 14.15
CA ASN D 344 31.76 40.32 15.03
C ASN D 344 31.34 40.04 16.48
N ALA D 345 30.04 39.93 16.71
CA ALA D 345 29.55 39.77 18.10
C ALA D 345 30.14 38.51 18.73
N VAL D 346 30.30 37.45 17.94
CA VAL D 346 30.86 36.18 18.48
C VAL D 346 32.34 36.39 18.76
N LYS D 347 33.07 36.96 17.81
CA LYS D 347 34.53 37.14 17.99
C LYS D 347 34.71 38.03 19.21
N ALA D 348 33.70 38.84 19.53
CA ALA D 348 33.78 39.60 20.78
C ALA D 348 33.60 38.62 21.92
N ARG D 349 32.51 37.86 21.88
CA ARG D 349 32.20 36.94 23.01
C ARG D 349 33.51 36.39 23.56
N ARG D 350 34.44 36.09 22.67
CA ARG D 350 35.74 35.53 23.13
C ARG D 350 36.59 36.68 23.67
CL CL E . -22.68 -24.79 -6.00
CL CL F . 25.82 -10.24 -21.26
CL CL G . -15.43 3.18 31.07
CL CL H . 11.63 31.92 -4.01
#